data_7SBC
#
_entry.id   7SBC
#
_cell.length_a   81.000
_cell.length_b   83.180
_cell.length_c   104.350
_cell.angle_alpha   98.910
_cell.angle_beta   109.830
_cell.angle_gamma   106.840
#
_symmetry.space_group_name_H-M   'P 1'
#
loop_
_entity.id
_entity.type
_entity.pdbx_description
1 polymer 'GMP synthase [glutamine-hydrolyzing]'
2 non-polymer 'PHOSPHATE ION'
3 non-polymer 'CHLORIDE ION'
4 non-polymer 'MAGNESIUM ION'
5 water water
#
_entity_poly.entity_id   1
_entity_poly.type   'polypeptide(L)'
_entity_poly.pdbx_seq_one_letter_code
;MAHHHHHHMTTNTQITEDRILILDFGSQYSQLIARRVREAGVYSEMYAFDMSEEDIRAFKPNGIILSGGPESVHEEGSPR
APQVVFELGVPVLGICYGLQTMSEQLGGKVEPGTVHEFGYAEVDIVKRDQLIGNLQDRENQLHVWMSHGDKVSQIPEGFT
ITASTPSCPVAAVSDETRRFYGVQFHPEVTHTAKGEELLSNFVHKICGCGGLWTPEHIIDLRVEQLREQIGNEKVLLGLS
GGVDSSVVAALLHKAIGDQLTCVFVDNGLLRLNEGDQVMQMFAENMGIRVIRADAEARFLNALAGVTDPEAKRKIIGREF
IEVFAEEARKLDGVKFLAQGTIYPDVIESAASKQGKAHVIKSHHNVGGLPDDLAFELVEPLRDLFKDEVRKLGTTLGLPH
SMIYRHPFPGPGLGVRILGEVKKEYADILRLADDIFMQELRDSGWYDKTAQAFAVFQPVKSVGVVGDGRRYAWVIALRAV
ETVDFMTARFAHLPYELVDKISTRIMNEIKDVSRVVYDVSSKPPATIEWE
;
_entity_poly.pdbx_strand_id   A,B,C,D
#
# COMPACT_ATOMS: atom_id res chain seq x y z
N ASN A 12 24.88 -3.30 -45.93
CA ASN A 12 24.00 -3.52 -44.78
C ASN A 12 24.26 -4.87 -44.12
N THR A 13 24.57 -5.90 -44.92
CA THR A 13 24.84 -7.22 -44.37
C THR A 13 26.08 -7.24 -43.49
N GLN A 14 26.91 -6.21 -43.52
CA GLN A 14 28.06 -6.14 -42.63
C GLN A 14 27.66 -6.14 -41.15
N ILE A 15 26.41 -5.80 -40.82
CA ILE A 15 26.08 -5.64 -39.40
C ILE A 15 25.86 -6.95 -38.67
N THR A 16 25.85 -8.09 -39.36
CA THR A 16 25.80 -9.38 -38.69
C THR A 16 27.11 -10.15 -38.80
N GLU A 17 28.17 -9.52 -39.34
CA GLU A 17 29.43 -10.24 -39.49
C GLU A 17 30.07 -10.54 -38.14
N ASP A 18 30.08 -9.55 -37.25
CA ASP A 18 30.40 -9.80 -35.85
C ASP A 18 29.20 -10.47 -35.19
N ARG A 19 29.43 -11.62 -34.56
CA ARG A 19 28.30 -12.45 -34.12
C ARG A 19 28.76 -13.37 -33.01
N ILE A 20 27.84 -13.63 -32.08
CA ILE A 20 28.12 -14.48 -30.92
C ILE A 20 27.17 -15.67 -30.96
N LEU A 21 27.71 -16.85 -30.70
CA LEU A 21 26.94 -18.08 -30.63
C LEU A 21 26.67 -18.41 -29.17
N ILE A 22 25.40 -18.59 -28.82
CA ILE A 22 24.99 -19.02 -27.49
C ILE A 22 24.50 -20.46 -27.60
N LEU A 23 25.18 -21.38 -26.92
CA LEU A 23 24.74 -22.77 -26.86
C LEU A 23 23.90 -22.97 -25.61
N ASP A 24 22.69 -23.50 -25.79
CA ASP A 24 21.70 -23.59 -24.73
C ASP A 24 21.79 -24.95 -24.05
N PHE A 25 22.09 -24.95 -22.75
CA PHE A 25 22.13 -26.16 -21.97
C PHE A 25 20.89 -26.34 -21.10
N GLY A 26 19.86 -25.51 -21.29
CA GLY A 26 18.57 -25.70 -20.64
C GLY A 26 18.17 -24.63 -19.66
N SER A 27 19.03 -23.67 -19.34
CA SER A 27 18.68 -22.64 -18.36
C SER A 27 17.48 -21.82 -18.84
N GLN A 28 16.62 -21.44 -17.89
CA GLN A 28 15.56 -20.50 -18.20
C GLN A 28 16.08 -19.12 -18.55
N TYR A 29 17.35 -18.84 -18.32
CA TYR A 29 17.95 -17.54 -18.62
C TYR A 29 18.71 -17.52 -19.94
N SER A 30 18.66 -18.61 -20.71
CA SER A 30 19.53 -18.72 -21.88
C SER A 30 19.24 -17.61 -22.90
N GLN A 31 17.96 -17.36 -23.18
CA GLN A 31 17.61 -16.31 -24.12
C GLN A 31 18.03 -14.93 -23.62
N LEU A 32 18.10 -14.75 -22.30
CA LEU A 32 18.60 -13.49 -21.75
C LEU A 32 20.04 -13.26 -22.16
N ILE A 33 20.85 -14.32 -22.24
CA ILE A 33 22.21 -14.18 -22.73
C ILE A 33 22.20 -13.61 -24.14
N ALA A 34 21.40 -14.21 -25.03
CA ALA A 34 21.37 -13.77 -26.42
C ALA A 34 20.85 -12.34 -26.53
N ARG A 35 19.85 -11.99 -25.70
CA ARG A 35 19.32 -10.63 -25.71
C ARG A 35 20.36 -9.62 -25.23
N ARG A 36 21.12 -9.96 -24.19
CA ARG A 36 22.10 -8.99 -23.70
C ARG A 36 23.23 -8.77 -24.70
N VAL A 37 23.57 -9.79 -25.49
CA VAL A 37 24.55 -9.59 -26.56
C VAL A 37 24.05 -8.58 -27.58
N ARG A 38 22.77 -8.71 -27.97
CA ARG A 38 22.21 -7.78 -28.94
C ARG A 38 22.12 -6.36 -28.37
N GLU A 39 21.73 -6.23 -27.10
CA GLU A 39 21.69 -4.92 -26.47
CA GLU A 39 21.69 -4.90 -26.49
C GLU A 39 23.08 -4.27 -26.44
N ALA A 40 24.14 -5.09 -26.34
CA ALA A 40 25.48 -4.55 -26.45
C ALA A 40 25.88 -4.21 -27.88
N GLY A 41 24.98 -4.38 -28.85
CA GLY A 41 25.26 -4.01 -30.23
C GLY A 41 25.87 -5.08 -31.10
N VAL A 42 25.73 -6.36 -30.73
CA VAL A 42 26.34 -7.46 -31.48
C VAL A 42 25.27 -8.47 -31.82
N TYR A 43 25.21 -8.89 -33.09
CA TYR A 43 24.26 -9.91 -33.49
C TYR A 43 24.53 -11.22 -32.75
N SER A 44 23.46 -11.97 -32.51
CA SER A 44 23.61 -13.23 -31.78
C SER A 44 22.52 -14.20 -32.19
N GLU A 45 22.83 -15.49 -32.09
CA GLU A 45 21.85 -16.55 -32.27
C GLU A 45 22.07 -17.61 -31.19
N MET A 46 20.99 -18.31 -30.84
CA MET A 46 21.01 -19.33 -29.81
C MET A 46 20.55 -20.66 -30.37
N TYR A 47 21.28 -21.73 -30.04
CA TYR A 47 20.94 -23.08 -30.44
C TYR A 47 21.13 -24.02 -29.26
N ALA A 48 20.53 -25.20 -29.37
CA ALA A 48 20.74 -26.24 -28.36
C ALA A 48 22.20 -26.65 -28.32
N PHE A 49 22.64 -27.15 -27.16
CA PHE A 49 24.04 -27.49 -26.95
C PHE A 49 24.56 -28.47 -27.99
N ASP A 50 23.68 -29.31 -28.55
CA ASP A 50 24.16 -30.40 -29.41
C ASP A 50 24.26 -29.94 -30.87
N MET A 51 24.55 -28.66 -31.06
CA MET A 51 24.73 -28.12 -32.40
C MET A 51 25.85 -28.87 -33.12
N SER A 52 25.61 -29.22 -34.38
CA SER A 52 26.60 -29.97 -35.13
C SER A 52 27.83 -29.12 -35.41
N GLU A 53 28.98 -29.77 -35.45
CA GLU A 53 30.22 -29.05 -35.74
C GLU A 53 30.15 -28.33 -37.08
N GLU A 54 29.50 -28.95 -38.07
CA GLU A 54 29.32 -28.30 -39.37
C GLU A 54 28.60 -26.97 -39.21
N ASP A 55 27.48 -26.97 -38.48
CA ASP A 55 26.73 -25.73 -38.30
C ASP A 55 27.51 -24.71 -37.48
N ILE A 56 28.24 -25.16 -36.45
CA ILE A 56 29.02 -24.22 -35.65
C ILE A 56 30.11 -23.56 -36.49
N ARG A 57 30.82 -24.37 -37.29
CA ARG A 57 31.84 -23.81 -38.18
C ARG A 57 31.21 -22.88 -39.21
N ALA A 58 30.04 -23.24 -39.74
CA ALA A 58 29.39 -22.39 -40.73
C ALA A 58 28.93 -21.07 -40.12
N PHE A 59 28.57 -21.07 -38.83
CA PHE A 59 28.11 -19.85 -38.20
C PHE A 59 29.20 -18.80 -38.12
N LYS A 60 30.46 -19.22 -38.12
CA LYS A 60 31.61 -18.33 -38.01
C LYS A 60 31.49 -17.41 -36.79
N PRO A 61 31.45 -17.95 -35.58
CA PRO A 61 31.27 -17.10 -34.40
C PRO A 61 32.55 -16.40 -34.02
N ASN A 62 32.42 -15.12 -33.67
CA ASN A 62 33.53 -14.38 -33.06
C ASN A 62 33.73 -14.77 -31.61
N GLY A 63 32.74 -15.43 -31.01
CA GLY A 63 32.84 -15.91 -29.65
C GLY A 63 31.65 -16.80 -29.37
N ILE A 64 31.81 -17.66 -28.35
CA ILE A 64 30.79 -18.64 -28.00
C ILE A 64 30.51 -18.54 -26.51
N ILE A 65 29.23 -18.57 -26.14
CA ILE A 65 28.82 -18.58 -24.74
C ILE A 65 28.07 -19.88 -24.46
N LEU A 66 28.53 -20.62 -23.45
CA LEU A 66 27.87 -21.84 -23.00
C LEU A 66 26.96 -21.48 -21.82
N SER A 67 25.66 -21.70 -21.99
CA SER A 67 24.69 -21.23 -21.01
C SER A 67 24.70 -22.12 -19.76
N GLY A 68 23.87 -21.77 -18.80
CA GLY A 68 23.57 -22.66 -17.70
C GLY A 68 22.56 -23.73 -18.10
N GLY A 69 22.21 -24.57 -17.12
CA GLY A 69 21.30 -25.65 -17.36
C GLY A 69 21.02 -26.43 -16.09
N PRO A 70 19.95 -27.24 -16.10
CA PRO A 70 19.54 -27.94 -14.87
C PRO A 70 20.16 -29.33 -14.72
N GLU A 71 21.28 -29.59 -15.41
CA GLU A 71 21.90 -30.90 -15.39
C GLU A 71 23.15 -30.89 -14.52
N SER A 72 23.71 -32.08 -14.29
CA SER A 72 24.93 -32.26 -13.50
C SER A 72 25.94 -33.02 -14.34
N VAL A 73 27.17 -32.48 -14.40
CA VAL A 73 28.21 -33.04 -15.26
C VAL A 73 28.52 -34.49 -14.87
N HIS A 74 28.46 -34.81 -13.58
CA HIS A 74 28.81 -36.15 -13.14
C HIS A 74 27.74 -37.18 -13.47
N GLU A 75 26.54 -36.76 -13.88
CA GLU A 75 25.51 -37.71 -14.28
C GLU A 75 25.83 -38.30 -15.65
N GLU A 76 25.62 -39.60 -15.80
CA GLU A 76 25.87 -40.25 -17.08
C GLU A 76 24.90 -39.70 -18.12
N GLY A 77 25.42 -39.39 -19.30
CA GLY A 77 24.61 -38.84 -20.36
C GLY A 77 24.30 -37.38 -20.24
N SER A 78 24.91 -36.67 -19.29
CA SER A 78 24.67 -35.25 -19.15
C SER A 78 25.25 -34.50 -20.36
N PRO A 79 24.65 -33.36 -20.72
CA PRO A 79 25.10 -32.64 -21.92
C PRO A 79 26.54 -32.16 -21.80
N ARG A 80 27.22 -32.18 -22.95
CA ARG A 80 28.57 -31.68 -23.09
C ARG A 80 28.61 -30.72 -24.27
N ALA A 81 29.48 -29.72 -24.19
CA ALA A 81 29.74 -28.90 -25.36
C ALA A 81 30.49 -29.72 -26.40
N PRO A 82 30.10 -29.63 -27.67
CA PRO A 82 30.91 -30.25 -28.72
C PRO A 82 32.32 -29.67 -28.67
N GLN A 83 33.32 -30.55 -28.82
CA GLN A 83 34.70 -30.15 -28.57
C GLN A 83 35.18 -29.10 -29.58
N VAL A 84 34.52 -28.98 -30.73
CA VAL A 84 34.90 -27.94 -31.69
C VAL A 84 34.78 -26.56 -31.07
N VAL A 85 33.90 -26.41 -30.07
CA VAL A 85 33.77 -25.14 -29.36
C VAL A 85 35.11 -24.66 -28.83
N PHE A 86 35.93 -25.60 -28.34
CA PHE A 86 37.22 -25.28 -27.77
C PHE A 86 38.36 -25.38 -28.79
N GLU A 87 38.05 -25.49 -30.08
CA GLU A 87 39.06 -25.70 -31.11
C GLU A 87 39.05 -24.67 -32.22
N LEU A 88 38.09 -23.74 -32.23
CA LEU A 88 38.02 -22.76 -33.31
C LEU A 88 38.98 -21.59 -33.13
N GLY A 89 39.63 -21.48 -31.98
CA GLY A 89 40.48 -20.33 -31.76
C GLY A 89 39.74 -19.04 -31.53
N VAL A 90 38.50 -19.11 -31.07
CA VAL A 90 37.73 -17.92 -30.69
C VAL A 90 37.45 -18.02 -29.19
N PRO A 91 37.21 -16.89 -28.54
CA PRO A 91 36.94 -16.94 -27.10
C PRO A 91 35.65 -17.68 -26.78
N VAL A 92 35.61 -18.27 -25.58
CA VAL A 92 34.46 -19.01 -25.06
C VAL A 92 34.22 -18.57 -23.63
N LEU A 93 32.97 -18.28 -23.29
CA LEU A 93 32.54 -17.96 -21.93
C LEU A 93 31.55 -19.01 -21.46
N GLY A 94 31.83 -19.64 -20.32
CA GLY A 94 30.95 -20.61 -19.72
C GLY A 94 30.26 -20.02 -18.51
N ILE A 95 28.93 -20.15 -18.48
CA ILE A 95 28.12 -19.63 -17.39
C ILE A 95 27.54 -20.80 -16.61
N CYS A 96 27.96 -20.93 -15.35
CA CYS A 96 27.47 -21.97 -14.45
CA CYS A 96 27.45 -21.97 -14.45
C CYS A 96 27.69 -23.35 -15.05
N TYR A 97 26.63 -24.03 -15.50
CA TYR A 97 26.83 -25.36 -16.10
C TYR A 97 27.77 -25.28 -17.28
N GLY A 98 27.71 -24.19 -18.05
CA GLY A 98 28.64 -24.00 -19.15
C GLY A 98 30.10 -23.96 -18.68
N LEU A 99 30.35 -23.34 -17.52
CA LEU A 99 31.67 -23.38 -16.94
C LEU A 99 32.00 -24.78 -16.40
N GLN A 100 31.01 -25.45 -15.82
CA GLN A 100 31.27 -26.77 -15.27
C GLN A 100 31.63 -27.76 -16.37
N THR A 101 30.86 -27.80 -17.45
CA THR A 101 31.22 -28.71 -18.54
C THR A 101 32.49 -28.25 -19.25
N MET A 102 32.76 -26.94 -19.28
CA MET A 102 34.04 -26.46 -19.81
C MET A 102 35.20 -27.02 -19.01
N SER A 103 35.10 -26.99 -17.67
CA SER A 103 36.16 -27.52 -16.83
C SER A 103 36.34 -29.03 -17.04
N GLU A 104 35.23 -29.76 -17.06
CA GLU A 104 35.31 -31.22 -17.18
C GLU A 104 35.95 -31.63 -18.50
N GLN A 105 35.57 -30.97 -19.60
CA GLN A 105 36.08 -31.36 -20.91
C GLN A 105 37.51 -30.90 -21.16
N LEU A 106 38.06 -30.05 -20.29
CA LEU A 106 39.44 -29.60 -20.43
C LEU A 106 40.35 -30.15 -19.35
N GLY A 107 39.96 -31.25 -18.71
CA GLY A 107 40.80 -31.90 -17.73
C GLY A 107 40.66 -31.33 -16.32
N GLY A 108 39.43 -31.01 -15.94
CA GLY A 108 39.14 -30.52 -14.61
C GLY A 108 38.22 -31.46 -13.86
N LYS A 109 37.87 -31.06 -12.65
CA LYS A 109 37.00 -31.84 -11.77
C LYS A 109 35.84 -30.96 -11.29
N VAL A 110 34.65 -31.56 -11.23
CA VAL A 110 33.45 -30.89 -10.73
C VAL A 110 32.90 -31.70 -9.57
N GLU A 111 32.64 -31.01 -8.44
CA GLU A 111 32.14 -31.67 -7.24
C GLU A 111 30.63 -31.46 -7.12
N PRO A 112 29.84 -32.52 -6.98
CA PRO A 112 28.40 -32.35 -6.80
C PRO A 112 28.09 -31.63 -5.49
N GLY A 113 26.98 -30.90 -5.49
CA GLY A 113 26.54 -30.15 -4.32
C GLY A 113 25.28 -30.69 -3.68
N GLU A 117 20.19 -24.27 -5.56
CA GLU A 117 19.63 -23.00 -5.10
C GLU A 117 20.22 -21.81 -5.83
N PHE A 118 19.42 -20.74 -5.94
CA PHE A 118 19.87 -19.46 -6.45
C PHE A 118 19.79 -18.42 -5.33
N GLY A 119 20.70 -17.46 -5.37
CA GLY A 119 20.72 -16.42 -4.37
C GLY A 119 21.78 -15.38 -4.68
N TYR A 120 21.67 -14.25 -3.98
CA TYR A 120 22.67 -13.21 -4.10
C TYR A 120 23.97 -13.63 -3.41
N ALA A 121 25.09 -13.09 -3.91
CA ALA A 121 26.39 -13.36 -3.31
C ALA A 121 27.33 -12.22 -3.66
N GLU A 122 28.25 -11.95 -2.74
CA GLU A 122 29.31 -10.97 -2.97
C GLU A 122 30.59 -11.74 -3.25
N VAL A 123 31.05 -11.70 -4.50
CA VAL A 123 32.27 -12.41 -4.87
C VAL A 123 33.44 -11.46 -4.70
N ASP A 124 34.56 -12.01 -4.26
CA ASP A 124 35.79 -11.25 -4.15
C ASP A 124 36.58 -11.37 -5.44
N ILE A 125 36.99 -10.23 -6.00
CA ILE A 125 37.84 -10.22 -7.18
C ILE A 125 39.28 -10.48 -6.73
N VAL A 126 39.88 -11.54 -7.26
CA VAL A 126 41.26 -11.88 -6.94
C VAL A 126 42.21 -11.66 -8.11
N LYS A 127 41.72 -11.68 -9.35
CA LYS A 127 42.54 -11.34 -10.50
C LYS A 127 41.67 -10.67 -11.54
N ARG A 128 42.09 -9.49 -11.99
CA ARG A 128 41.32 -8.71 -12.96
C ARG A 128 41.79 -9.10 -14.37
N ASP A 129 41.06 -10.01 -14.99
CA ASP A 129 41.36 -10.41 -16.37
C ASP A 129 40.58 -9.51 -17.33
N GLN A 130 40.53 -9.91 -18.60
CA GLN A 130 39.80 -9.12 -19.60
C GLN A 130 38.30 -9.13 -19.34
N LEU A 131 37.77 -10.18 -18.72
CA LEU A 131 36.34 -10.24 -18.47
C LEU A 131 35.94 -9.31 -17.34
N ILE A 132 36.55 -9.47 -16.16
CA ILE A 132 36.24 -8.61 -15.03
C ILE A 132 36.74 -7.20 -15.28
N GLY A 133 37.92 -7.06 -15.86
CA GLY A 133 38.45 -5.74 -16.17
C GLY A 133 38.54 -4.86 -14.94
N ASN A 134 38.02 -3.64 -15.06
CA ASN A 134 38.02 -2.69 -13.97
C ASN A 134 36.72 -2.70 -13.17
N LEU A 135 35.81 -3.62 -13.48
CA LEU A 135 34.49 -3.63 -12.88
C LEU A 135 34.54 -3.96 -11.39
N GLN A 136 33.57 -3.42 -10.65
CA GLN A 136 33.40 -3.73 -9.23
C GLN A 136 32.12 -3.09 -8.75
N ASP A 137 31.62 -3.58 -7.61
CA ASP A 137 30.52 -2.93 -6.92
C ASP A 137 31.13 -2.27 -5.69
N ARG A 138 31.04 -2.87 -4.51
CA ARG A 138 31.98 -2.48 -3.47
C ARG A 138 33.40 -2.82 -3.92
N GLU A 139 34.38 -2.20 -3.28
CA GLU A 139 35.76 -2.28 -3.76
C GLU A 139 36.21 -3.73 -3.90
N ASN A 140 36.70 -4.06 -5.10
CA ASN A 140 37.22 -5.40 -5.42
C ASN A 140 36.19 -6.49 -5.14
N GLN A 141 34.90 -6.18 -5.31
CA GLN A 141 33.83 -7.15 -5.15
C GLN A 141 32.83 -6.99 -6.28
N LEU A 142 31.98 -8.01 -6.43
CA LEU A 142 30.87 -7.98 -7.37
C LEU A 142 29.64 -8.58 -6.71
N HIS A 143 28.53 -7.84 -6.78
CA HIS A 143 27.22 -8.28 -6.29
C HIS A 143 26.56 -9.11 -7.39
N VAL A 144 26.48 -10.43 -7.20
CA VAL A 144 26.10 -11.35 -8.27
C VAL A 144 24.91 -12.21 -7.85
N TRP A 145 24.25 -12.78 -8.85
CA TRP A 145 23.17 -13.75 -8.65
C TRP A 145 23.79 -15.13 -8.83
N MET A 146 24.03 -15.81 -7.73
CA MET A 146 24.89 -16.99 -7.69
C MET A 146 24.07 -18.26 -7.93
N SER A 147 24.74 -19.24 -8.55
CA SER A 147 24.19 -20.58 -8.73
C SER A 147 24.93 -21.52 -7.78
N HIS A 148 24.25 -21.94 -6.73
CA HIS A 148 24.83 -22.87 -5.77
C HIS A 148 24.79 -24.29 -6.36
N GLY A 149 25.05 -25.28 -5.53
CA GLY A 149 24.98 -26.67 -5.98
C GLY A 149 26.34 -27.18 -6.47
N ASP A 150 26.41 -27.53 -7.74
CA ASP A 150 27.63 -28.09 -8.30
C ASP A 150 28.72 -27.02 -8.39
N LYS A 151 29.96 -27.42 -8.12
CA LYS A 151 31.08 -26.50 -8.08
C LYS A 151 32.31 -27.14 -8.71
N VAL A 152 33.17 -26.29 -9.26
CA VAL A 152 34.45 -26.74 -9.81
C VAL A 152 35.43 -26.94 -8.66
N SER A 153 35.91 -28.17 -8.50
CA SER A 153 36.87 -28.47 -7.45
C SER A 153 38.32 -28.37 -7.92
N GLN A 154 38.59 -28.66 -9.19
CA GLN A 154 39.94 -28.54 -9.75
C GLN A 154 39.85 -27.87 -11.11
N ILE A 155 40.44 -26.68 -11.24
CA ILE A 155 40.38 -25.92 -12.49
C ILE A 155 41.36 -26.53 -13.48
N PRO A 156 41.08 -26.50 -14.78
CA PRO A 156 41.98 -27.12 -15.75
C PRO A 156 43.32 -26.40 -15.82
N GLU A 157 44.31 -27.11 -16.37
CA GLU A 157 45.64 -26.53 -16.55
C GLU A 157 45.55 -25.30 -17.45
N GLY A 158 46.34 -24.28 -17.12
CA GLY A 158 46.31 -23.02 -17.80
C GLY A 158 45.29 -22.02 -17.28
N PHE A 159 44.33 -22.48 -16.48
CA PHE A 159 43.31 -21.60 -15.92
C PHE A 159 43.81 -20.97 -14.61
N THR A 160 43.28 -19.78 -14.33
CA THR A 160 43.55 -19.05 -13.10
C THR A 160 42.22 -18.65 -12.46
N ILE A 161 42.11 -18.83 -11.15
CA ILE A 161 40.94 -18.37 -10.42
C ILE A 161 40.94 -16.84 -10.41
N THR A 162 39.83 -16.24 -10.87
CA THR A 162 39.74 -14.79 -10.92
C THR A 162 38.78 -14.21 -9.89
N ALA A 163 37.89 -15.03 -9.32
CA ALA A 163 36.98 -14.55 -8.29
C ALA A 163 36.57 -15.73 -7.42
N SER A 164 36.17 -15.42 -6.19
CA SER A 164 35.83 -16.47 -5.23
C SER A 164 34.81 -15.94 -4.23
N THR A 165 34.19 -16.89 -3.52
CA THR A 165 33.42 -16.65 -2.32
C THR A 165 33.89 -17.66 -1.28
N PRO A 166 33.57 -17.43 0.00
CA PRO A 166 33.89 -18.46 1.00
C PRO A 166 33.26 -19.81 0.69
N SER A 167 31.98 -19.83 0.31
CA SER A 167 31.32 -21.08 -0.04
C SER A 167 31.79 -21.60 -1.39
N CYS A 168 32.19 -20.71 -2.30
CA CYS A 168 32.50 -21.08 -3.68
C CYS A 168 33.89 -20.53 -4.01
N PRO A 169 34.95 -21.30 -3.72
CA PRO A 169 36.30 -20.79 -4.00
C PRO A 169 36.58 -20.59 -5.48
N VAL A 170 35.83 -21.24 -6.36
CA VAL A 170 35.98 -21.05 -7.79
C VAL A 170 34.72 -20.36 -8.32
N ALA A 171 34.66 -19.05 -8.16
CA ALA A 171 33.52 -18.28 -8.64
C ALA A 171 33.71 -17.76 -10.05
N ALA A 172 34.95 -17.60 -10.49
CA ALA A 172 35.24 -17.25 -11.87
C ALA A 172 36.67 -17.67 -12.17
N VAL A 173 36.94 -17.94 -13.44
CA VAL A 173 38.23 -18.42 -13.90
C VAL A 173 38.46 -17.91 -15.30
N SER A 174 39.71 -17.99 -15.76
CA SER A 174 40.02 -17.70 -17.15
C SER A 174 41.35 -18.33 -17.52
N ASP A 175 41.46 -18.70 -18.79
CA ASP A 175 42.70 -19.09 -19.44
C ASP A 175 42.84 -18.09 -20.58
N GLU A 176 43.55 -17.00 -20.32
CA GLU A 176 43.61 -15.91 -21.30
C GLU A 176 44.56 -16.18 -22.45
N THR A 177 45.29 -17.31 -22.41
CA THR A 177 46.02 -17.78 -23.58
C THR A 177 45.06 -18.39 -24.61
N ARG A 178 44.24 -19.35 -24.18
CA ARG A 178 43.20 -19.91 -25.03
C ARG A 178 41.93 -19.06 -25.06
N ARG A 179 41.85 -18.01 -24.22
CA ARG A 179 40.69 -17.12 -24.15
C ARG A 179 39.42 -17.88 -23.77
N PHE A 180 39.54 -18.75 -22.77
CA PHE A 180 38.41 -19.43 -22.16
C PHE A 180 38.10 -18.79 -20.81
N TYR A 181 36.86 -18.34 -20.64
CA TYR A 181 36.40 -17.65 -19.44
C TYR A 181 35.20 -18.38 -18.85
N GLY A 182 35.06 -18.28 -17.54
CA GLY A 182 33.97 -18.98 -16.85
C GLY A 182 33.55 -18.24 -15.61
N VAL A 183 32.26 -18.30 -15.31
CA VAL A 183 31.69 -17.70 -14.11
C VAL A 183 30.65 -18.65 -13.53
N GLN A 184 30.59 -18.71 -12.21
CA GLN A 184 29.62 -19.54 -11.48
C GLN A 184 28.34 -18.79 -11.13
N PHE A 185 28.19 -17.57 -11.62
CA PHE A 185 27.00 -16.75 -11.41
C PHE A 185 26.42 -16.36 -12.77
N HIS A 186 25.29 -15.69 -12.75
CA HIS A 186 24.57 -15.39 -13.99
C HIS A 186 24.71 -13.91 -14.36
N PRO A 187 25.62 -13.55 -15.29
CA PRO A 187 25.72 -12.15 -15.69
C PRO A 187 24.58 -11.70 -16.58
N GLU A 188 23.74 -12.63 -17.06
CA GLU A 188 22.68 -12.28 -18.01
C GLU A 188 21.42 -11.76 -17.32
N VAL A 189 21.30 -11.85 -15.99
CA VAL A 189 20.11 -11.41 -15.28
C VAL A 189 20.41 -10.08 -14.57
N THR A 190 19.35 -9.30 -14.34
CA THR A 190 19.53 -7.99 -13.69
C THR A 190 20.13 -8.13 -12.30
N HIS A 191 19.87 -9.26 -11.62
CA HIS A 191 20.30 -9.46 -10.24
C HIS A 191 21.81 -9.44 -10.09
N THR A 192 22.57 -9.64 -11.16
CA THR A 192 24.01 -9.43 -11.15
C THR A 192 24.27 -8.00 -11.57
N ALA A 193 24.66 -7.15 -10.60
CA ALA A 193 24.69 -5.71 -10.80
C ALA A 193 25.52 -5.29 -12.01
N LYS A 194 26.69 -5.90 -12.19
CA LYS A 194 27.57 -5.59 -13.30
C LYS A 194 27.47 -6.60 -14.43
N GLY A 195 26.31 -7.25 -14.58
CA GLY A 195 26.19 -8.33 -15.55
C GLY A 195 26.26 -7.87 -16.99
N GLU A 196 25.55 -6.79 -17.32
CA GLU A 196 25.67 -6.21 -18.66
C GLU A 196 27.12 -5.84 -18.97
N GLU A 197 27.82 -5.28 -17.99
CA GLU A 197 29.20 -4.85 -18.20
C GLU A 197 30.12 -6.04 -18.38
N LEU A 198 29.89 -7.12 -17.62
CA LEU A 198 30.71 -8.31 -17.82
C LEU A 198 30.54 -8.87 -19.22
N LEU A 199 29.28 -8.98 -19.68
CA LEU A 199 29.03 -9.49 -21.02
C LEU A 199 29.53 -8.54 -22.09
N SER A 200 29.49 -7.23 -21.82
CA SER A 200 30.06 -6.26 -22.75
C SER A 200 31.56 -6.46 -22.88
N ASN A 201 32.26 -6.68 -21.77
CA ASN A 201 33.69 -6.97 -21.85
C ASN A 201 33.95 -8.22 -22.67
N PHE A 202 33.05 -9.20 -22.62
CA PHE A 202 33.29 -10.44 -23.36
C PHE A 202 33.10 -10.22 -24.85
N VAL A 203 32.01 -9.59 -25.27
CA VAL A 203 31.75 -9.52 -26.70
C VAL A 203 32.61 -8.47 -27.39
N HIS A 204 32.92 -7.35 -26.71
CA HIS A 204 33.66 -6.26 -27.33
C HIS A 204 35.17 -6.39 -27.09
N LYS A 205 35.59 -6.37 -25.83
CA LYS A 205 37.02 -6.39 -25.52
C LYS A 205 37.64 -7.75 -25.84
N ILE A 206 37.01 -8.83 -25.40
CA ILE A 206 37.60 -10.15 -25.57
C ILE A 206 37.40 -10.67 -26.99
N CYS A 207 36.16 -10.56 -27.51
CA CYS A 207 35.84 -11.14 -28.81
C CYS A 207 36.00 -10.17 -29.97
N GLY A 208 36.33 -8.91 -29.71
CA GLY A 208 36.61 -7.96 -30.78
C GLY A 208 35.41 -7.49 -31.59
N CYS A 209 34.18 -7.72 -31.11
CA CYS A 209 33.01 -7.35 -31.88
C CYS A 209 32.73 -5.86 -31.76
N GLY A 210 32.25 -5.27 -32.87
CA GLY A 210 31.87 -3.87 -32.90
C GLY A 210 30.46 -3.65 -32.37
N GLY A 211 29.80 -2.61 -32.88
CA GLY A 211 28.48 -2.25 -32.38
C GLY A 211 27.46 -1.87 -33.43
N LEU A 212 27.42 -2.61 -34.54
CA LEU A 212 26.57 -2.25 -35.67
C LEU A 212 25.14 -2.77 -35.55
N TRP A 213 24.86 -3.69 -34.62
CA TRP A 213 23.50 -4.23 -34.50
C TRP A 213 22.67 -3.26 -33.66
N THR A 214 22.13 -2.25 -34.33
CA THR A 214 21.39 -1.16 -33.72
C THR A 214 20.12 -0.91 -34.52
N PRO A 215 19.11 -0.28 -33.91
CA PRO A 215 17.83 -0.14 -34.64
C PRO A 215 17.95 0.58 -35.96
N GLU A 216 18.78 1.63 -36.05
CA GLU A 216 18.91 2.34 -37.32
C GLU A 216 19.49 1.44 -38.41
N HIS A 217 20.46 0.58 -38.05
CA HIS A 217 21.08 -0.29 -39.04
C HIS A 217 20.20 -1.50 -39.35
N ILE A 218 19.48 -2.01 -38.34
CA ILE A 218 18.59 -3.15 -38.55
C ILE A 218 17.46 -2.78 -39.51
N ILE A 219 16.95 -1.55 -39.40
CA ILE A 219 15.94 -1.09 -40.34
C ILE A 219 16.46 -1.10 -41.76
N ASP A 220 17.68 -0.57 -41.97
CA ASP A 220 18.26 -0.55 -43.31
C ASP A 220 18.45 -1.97 -43.85
N LEU A 221 18.97 -2.87 -43.01
CA LEU A 221 19.18 -4.24 -43.48
C LEU A 221 17.86 -4.93 -43.81
N ARG A 222 16.86 -4.77 -42.95
CA ARG A 222 15.62 -5.52 -43.12
C ARG A 222 14.80 -4.98 -44.30
N VAL A 223 14.83 -3.67 -44.51
CA VAL A 223 14.19 -3.11 -45.70
C VAL A 223 14.84 -3.65 -46.97
N GLU A 224 16.18 -3.70 -46.98
CA GLU A 224 16.90 -4.28 -48.12
C GLU A 224 16.52 -5.74 -48.33
N GLN A 225 16.44 -6.52 -47.25
CA GLN A 225 16.15 -7.94 -47.38
C GLN A 225 14.71 -8.16 -47.82
N LEU A 226 13.78 -7.33 -47.33
CA LEU A 226 12.38 -7.46 -47.73
C LEU A 226 12.21 -7.17 -49.22
N ARG A 227 12.89 -6.15 -49.73
CA ARG A 227 12.77 -5.84 -51.15
C ARG A 227 13.37 -6.94 -52.01
N GLU A 228 14.43 -7.58 -51.53
CA GLU A 228 15.02 -8.69 -52.25
C GLU A 228 14.09 -9.89 -52.26
N GLN A 229 13.50 -10.23 -51.12
CA GLN A 229 12.58 -11.36 -51.08
C GLN A 229 11.33 -11.09 -51.91
N ILE A 230 10.76 -9.90 -51.79
CA ILE A 230 9.42 -9.66 -52.32
C ILE A 230 9.43 -9.13 -53.76
N GLY A 231 10.42 -8.33 -54.14
CA GLY A 231 10.42 -7.76 -55.48
C GLY A 231 9.26 -6.80 -55.65
N ASN A 232 8.58 -6.90 -56.79
CA ASN A 232 7.40 -6.07 -57.02
C ASN A 232 6.10 -6.82 -56.73
N GLU A 233 6.17 -7.92 -55.98
CA GLU A 233 4.99 -8.75 -55.75
C GLU A 233 4.16 -8.21 -54.58
N LYS A 234 2.91 -8.65 -54.52
CA LYS A 234 1.96 -8.20 -53.50
C LYS A 234 2.10 -9.04 -52.23
N VAL A 235 1.82 -8.40 -51.08
CA VAL A 235 1.93 -9.04 -49.79
C VAL A 235 0.65 -8.76 -49.01
N LEU A 236 0.08 -9.80 -48.40
CA LEU A 236 -1.06 -9.68 -47.52
C LEU A 236 -0.63 -9.80 -46.06
N LEU A 237 -1.21 -8.94 -45.20
CA LEU A 237 -0.88 -8.95 -43.77
C LEU A 237 -2.14 -8.90 -42.94
N GLY A 238 -2.30 -9.87 -42.04
CA GLY A 238 -3.34 -9.79 -41.02
C GLY A 238 -2.98 -8.75 -39.98
N LEU A 239 -3.78 -7.70 -39.87
CA LEU A 239 -3.49 -6.55 -39.03
C LEU A 239 -4.38 -6.60 -37.79
N SER A 240 -3.78 -6.72 -36.61
CA SER A 240 -4.54 -6.72 -35.36
C SER A 240 -4.43 -5.44 -34.57
N GLY A 241 -3.31 -4.73 -34.65
CA GLY A 241 -3.03 -3.61 -33.78
C GLY A 241 -2.05 -3.93 -32.69
N GLY A 242 -1.74 -5.21 -32.45
CA GLY A 242 -0.66 -5.55 -31.55
C GLY A 242 0.68 -5.02 -32.05
N VAL A 243 1.66 -5.00 -31.14
CA VAL A 243 2.97 -4.40 -31.45
C VAL A 243 3.62 -5.09 -32.64
N ASP A 244 3.55 -6.42 -32.69
CA ASP A 244 4.27 -7.12 -33.76
C ASP A 244 3.68 -6.80 -35.12
N SER A 245 2.36 -6.91 -35.25
CA SER A 245 1.74 -6.63 -36.55
C SER A 245 1.87 -5.16 -36.93
N SER A 246 1.90 -4.27 -35.95
CA SER A 246 2.07 -2.84 -36.24
C SER A 246 3.46 -2.56 -36.83
N VAL A 247 4.50 -3.14 -36.22
CA VAL A 247 5.86 -2.95 -36.72
C VAL A 247 6.04 -3.65 -38.07
N VAL A 248 5.48 -4.85 -38.24
CA VAL A 248 5.52 -5.49 -39.56
C VAL A 248 4.90 -4.59 -40.61
N ALA A 249 3.71 -4.06 -40.30
CA ALA A 249 3.03 -3.18 -41.25
C ALA A 249 3.89 -1.97 -41.61
N ALA A 250 4.51 -1.34 -40.60
CA ALA A 250 5.34 -0.17 -40.88
C ALA A 250 6.55 -0.55 -41.72
N LEU A 251 7.19 -1.68 -41.40
CA LEU A 251 8.36 -2.12 -42.16
C LEU A 251 7.97 -2.41 -43.61
N LEU A 252 6.90 -3.17 -43.80
CA LEU A 252 6.45 -3.50 -45.14
C LEU A 252 6.03 -2.25 -45.91
N HIS A 253 5.32 -1.33 -45.25
CA HIS A 253 4.93 -0.09 -45.92
C HIS A 253 6.15 0.66 -46.44
N LYS A 254 7.21 0.71 -45.62
CA LYS A 254 8.47 1.33 -46.03
C LYS A 254 9.13 0.57 -47.17
N ALA A 255 9.16 -0.76 -47.08
CA ALA A 255 9.88 -1.56 -48.07
C ALA A 255 9.15 -1.62 -49.40
N ILE A 256 7.84 -1.88 -49.39
CA ILE A 256 7.12 -2.21 -50.61
C ILE A 256 5.92 -1.32 -50.88
N GLY A 257 5.64 -0.32 -50.03
CA GLY A 257 4.57 0.62 -50.29
C GLY A 257 3.21 0.07 -50.66
N ASP A 258 2.70 0.46 -51.84
CA ASP A 258 1.37 0.05 -52.28
CA ASP A 258 1.37 0.06 -52.31
C ASP A 258 1.25 -1.43 -52.58
N GLN A 259 2.36 -2.17 -52.57
CA GLN A 259 2.28 -3.61 -52.76
C GLN A 259 1.66 -4.31 -51.55
N LEU A 260 1.57 -3.62 -50.42
CA LEU A 260 1.01 -4.20 -49.20
C LEU A 260 -0.50 -4.01 -49.15
N THR A 261 -1.19 -5.07 -48.77
CA THR A 261 -2.62 -5.01 -48.43
C THR A 261 -2.79 -5.63 -47.06
N CYS A 262 -3.49 -4.92 -46.18
CA CYS A 262 -3.81 -5.41 -44.83
C CYS A 262 -5.29 -5.75 -44.74
N VAL A 263 -5.59 -6.80 -43.99
CA VAL A 263 -6.95 -7.17 -43.65
C VAL A 263 -7.07 -7.11 -42.14
N PHE A 264 -7.99 -6.29 -41.65
CA PHE A 264 -8.31 -6.20 -40.24
C PHE A 264 -9.69 -6.76 -39.99
N VAL A 265 -9.82 -7.66 -39.01
CA VAL A 265 -11.08 -8.33 -38.71
C VAL A 265 -11.58 -7.81 -37.37
N ASP A 266 -12.74 -7.16 -37.38
CA ASP A 266 -13.45 -6.82 -36.15
C ASP A 266 -14.35 -8.01 -35.81
N ASN A 267 -13.94 -8.80 -34.82
CA ASN A 267 -14.64 -10.03 -34.47
C ASN A 267 -15.73 -9.81 -33.43
N GLY A 268 -16.07 -8.55 -33.12
CA GLY A 268 -17.02 -8.28 -32.06
C GLY A 268 -16.48 -8.47 -30.66
N LEU A 269 -15.22 -8.89 -30.52
CA LEU A 269 -14.61 -9.16 -29.23
C LEU A 269 -13.48 -8.20 -28.92
N LEU A 270 -13.50 -7.03 -29.54
CA LEU A 270 -12.46 -6.04 -29.32
C LEU A 270 -12.93 -5.00 -28.29
N ARG A 271 -11.99 -4.16 -27.88
CA ARG A 271 -12.32 -3.13 -26.91
CA ARG A 271 -12.29 -3.11 -26.92
C ARG A 271 -13.03 -1.96 -27.60
N LEU A 272 -13.50 -1.02 -26.78
CA LEU A 272 -14.29 0.12 -27.25
C LEU A 272 -13.59 0.88 -28.36
N ASN A 273 -14.25 1.00 -29.51
CA ASN A 273 -13.77 1.72 -30.68
C ASN A 273 -12.45 1.16 -31.24
N GLU A 274 -12.09 -0.07 -30.92
CA GLU A 274 -10.79 -0.57 -31.33
C GLU A 274 -10.66 -0.62 -32.85
N GLY A 275 -11.73 -1.03 -33.53
CA GLY A 275 -11.68 -1.08 -34.99
C GLY A 275 -11.49 0.27 -35.63
N ASP A 276 -12.21 1.29 -35.14
CA ASP A 276 -12.03 2.65 -35.65
C ASP A 276 -10.60 3.13 -35.45
N GLN A 277 -9.98 2.76 -34.34
CA GLN A 277 -8.64 3.23 -34.04
C GLN A 277 -7.61 2.55 -34.94
N VAL A 278 -7.79 1.26 -35.21
CA VAL A 278 -6.92 0.58 -36.18
C VAL A 278 -6.99 1.27 -37.54
N MET A 279 -8.21 1.53 -38.03
CA MET A 279 -8.36 2.21 -39.32
C MET A 279 -7.79 3.62 -39.27
N GLN A 280 -8.06 4.35 -38.17
CA GLN A 280 -7.54 5.70 -38.04
C GLN A 280 -6.02 5.73 -38.18
N MET A 281 -5.33 4.78 -37.54
CA MET A 281 -3.88 4.86 -37.52
C MET A 281 -3.25 4.29 -38.79
N PHE A 282 -3.70 3.11 -39.23
CA PHE A 282 -2.98 2.46 -40.32
C PHE A 282 -3.44 2.95 -41.68
N ALA A 283 -4.75 3.07 -41.88
CA ALA A 283 -5.26 3.54 -43.17
C ALA A 283 -5.14 5.06 -43.26
N GLU A 284 -5.73 5.78 -42.31
CA GLU A 284 -5.79 7.23 -42.43
C GLU A 284 -4.43 7.86 -42.17
N ASN A 285 -3.87 7.65 -40.98
CA ASN A 285 -2.60 8.29 -40.63
C ASN A 285 -1.46 7.80 -41.52
N MET A 286 -1.27 6.48 -41.61
CA MET A 286 -0.10 5.93 -42.27
C MET A 286 -0.30 5.63 -43.75
N GLY A 287 -1.52 5.77 -44.27
CA GLY A 287 -1.75 5.57 -45.69
C GLY A 287 -1.64 4.15 -46.19
N ILE A 288 -1.78 3.16 -45.31
CA ILE A 288 -1.71 1.76 -45.70
C ILE A 288 -3.09 1.30 -46.13
N ARG A 289 -3.16 0.50 -47.19
CA ARG A 289 -4.40 -0.13 -47.63
C ARG A 289 -4.85 -1.13 -46.58
N VAL A 290 -5.98 -0.87 -45.93
CA VAL A 290 -6.53 -1.76 -44.92
C VAL A 290 -7.97 -2.08 -45.29
N ILE A 291 -8.27 -3.36 -45.41
CA ILE A 291 -9.64 -3.84 -45.61
C ILE A 291 -10.21 -4.23 -44.25
N ARG A 292 -11.32 -3.62 -43.88
CA ARG A 292 -11.96 -3.89 -42.60
C ARG A 292 -13.09 -4.89 -42.80
N ALA A 293 -13.01 -6.04 -42.14
CA ALA A 293 -14.08 -7.03 -42.14
C ALA A 293 -14.83 -6.89 -40.83
N ASP A 294 -16.08 -6.40 -40.89
CA ASP A 294 -16.91 -6.25 -39.70
C ASP A 294 -17.68 -7.55 -39.51
N ALA A 295 -17.21 -8.38 -38.57
CA ALA A 295 -17.72 -9.74 -38.41
C ALA A 295 -18.33 -9.99 -37.02
N GLU A 296 -18.74 -8.92 -36.33
CA GLU A 296 -19.28 -9.08 -34.98
C GLU A 296 -20.42 -10.10 -34.93
N ALA A 297 -21.40 -9.94 -35.83
CA ALA A 297 -22.60 -10.79 -35.78
C ALA A 297 -22.24 -12.24 -36.02
N ARG A 298 -21.30 -12.49 -36.93
CA ARG A 298 -20.84 -13.83 -37.25
C ARG A 298 -20.23 -14.51 -36.03
N PHE A 299 -19.39 -13.79 -35.28
CA PHE A 299 -18.76 -14.37 -34.10
C PHE A 299 -19.77 -14.56 -32.97
N LEU A 300 -20.65 -13.58 -32.76
CA LEU A 300 -21.67 -13.69 -31.72
C LEU A 300 -22.65 -14.81 -32.02
N ASN A 301 -23.00 -15.00 -33.30
CA ASN A 301 -23.90 -16.10 -33.65
C ASN A 301 -23.24 -17.43 -33.37
N ALA A 302 -21.94 -17.55 -33.67
CA ALA A 302 -21.24 -18.81 -33.45
C ALA A 302 -21.02 -19.08 -31.96
N LEU A 303 -20.96 -18.02 -31.14
CA LEU A 303 -20.70 -18.16 -29.72
C LEU A 303 -21.97 -18.31 -28.88
N ALA A 304 -23.13 -17.94 -29.43
CA ALA A 304 -24.38 -17.99 -28.68
C ALA A 304 -24.58 -19.38 -28.09
N GLY A 305 -24.92 -19.42 -26.80
CA GLY A 305 -25.22 -20.67 -26.13
C GLY A 305 -24.04 -21.54 -25.82
N VAL A 306 -22.81 -21.06 -26.03
CA VAL A 306 -21.62 -21.87 -25.79
C VAL A 306 -20.98 -21.37 -24.51
N THR A 307 -20.92 -22.24 -23.48
CA THR A 307 -20.38 -21.84 -22.20
C THR A 307 -18.97 -22.36 -21.91
N ASP A 308 -18.54 -23.43 -22.57
CA ASP A 308 -17.23 -24.00 -22.25
C ASP A 308 -16.10 -23.13 -22.82
N PRO A 309 -15.15 -22.67 -21.98
CA PRO A 309 -14.11 -21.76 -22.49
C PRO A 309 -13.22 -22.37 -23.56
N GLU A 310 -12.96 -23.68 -23.48
CA GLU A 310 -12.15 -24.29 -24.54
C GLU A 310 -12.91 -24.33 -25.85
N ALA A 311 -14.21 -24.59 -25.78
CA ALA A 311 -15.04 -24.54 -26.98
C ALA A 311 -15.11 -23.12 -27.53
N LYS A 312 -15.20 -22.12 -26.65
CA LYS A 312 -15.22 -20.74 -27.12
C LYS A 312 -13.93 -20.39 -27.86
N ARG A 313 -12.77 -20.77 -27.29
CA ARG A 313 -11.50 -20.49 -27.94
C ARG A 313 -11.39 -21.18 -29.30
N LYS A 314 -11.86 -22.43 -29.39
CA LYS A 314 -11.81 -23.13 -30.66
C LYS A 314 -12.72 -22.46 -31.70
N ILE A 315 -13.91 -22.04 -31.28
CA ILE A 315 -14.86 -21.40 -32.19
C ILE A 315 -14.28 -20.10 -32.73
N ILE A 316 -13.71 -19.28 -31.84
CA ILE A 316 -13.19 -17.97 -32.22
C ILE A 316 -12.01 -18.12 -33.17
N GLY A 317 -11.10 -19.06 -32.86
CA GLY A 317 -9.96 -19.26 -33.74
C GLY A 317 -10.37 -19.77 -35.11
N ARG A 318 -11.36 -20.66 -35.15
CA ARG A 318 -11.84 -21.19 -36.41
C ARG A 318 -12.52 -20.12 -37.24
N GLU A 319 -13.44 -19.34 -36.63
CA GLU A 319 -14.16 -18.33 -37.40
C GLU A 319 -13.21 -17.22 -37.89
N PHE A 320 -12.17 -16.90 -37.11
CA PHE A 320 -11.22 -15.88 -37.54
C PHE A 320 -10.52 -16.31 -38.83
N ILE A 321 -10.00 -17.53 -38.84
CA ILE A 321 -9.33 -18.05 -40.04
C ILE A 321 -10.28 -18.05 -41.23
N GLU A 322 -11.53 -18.46 -41.01
CA GLU A 322 -12.51 -18.48 -42.10
C GLU A 322 -12.75 -17.07 -42.64
N VAL A 323 -12.97 -16.10 -41.75
CA VAL A 323 -13.16 -14.72 -42.20
C VAL A 323 -11.91 -14.23 -42.93
N PHE A 324 -10.74 -14.53 -42.39
CA PHE A 324 -9.50 -14.10 -43.04
C PHE A 324 -9.35 -14.75 -44.41
N ALA A 325 -9.62 -16.04 -44.51
CA ALA A 325 -9.54 -16.72 -45.80
C ALA A 325 -10.51 -16.11 -46.81
N GLU A 326 -11.73 -15.80 -46.38
CA GLU A 326 -12.72 -15.22 -47.30
C GLU A 326 -12.25 -13.88 -47.85
N GLU A 327 -11.68 -13.04 -46.98
CA GLU A 327 -11.14 -11.76 -47.42
C GLU A 327 -9.93 -11.94 -48.34
N ALA A 328 -9.05 -12.90 -48.01
CA ALA A 328 -7.86 -13.12 -48.83
C ALA A 328 -8.24 -13.56 -50.23
N ARG A 329 -9.29 -14.38 -50.36
CA ARG A 329 -9.70 -14.88 -51.67
C ARG A 329 -10.16 -13.76 -52.58
N LYS A 330 -10.59 -12.63 -52.03
CA LYS A 330 -11.06 -11.52 -52.85
C LYS A 330 -9.92 -10.75 -53.50
N LEU A 331 -8.69 -10.98 -53.07
CA LEU A 331 -7.54 -10.26 -53.60
C LEU A 331 -6.98 -11.00 -54.81
N ASP A 332 -6.36 -10.25 -55.72
CA ASP A 332 -5.92 -10.80 -56.99
C ASP A 332 -4.40 -10.76 -57.06
N GLY A 333 -3.80 -11.93 -57.22
CA GLY A 333 -2.38 -12.03 -57.51
C GLY A 333 -1.47 -11.75 -56.33
N VAL A 334 -1.83 -12.20 -55.13
CA VAL A 334 -1.03 -11.99 -53.93
C VAL A 334 -0.15 -13.21 -53.72
N LYS A 335 1.16 -13.01 -53.80
CA LYS A 335 2.11 -14.10 -53.64
C LYS A 335 2.48 -14.38 -52.19
N PHE A 336 2.48 -13.36 -51.32
CA PHE A 336 3.10 -13.47 -50.01
C PHE A 336 2.10 -13.24 -48.89
N LEU A 337 2.25 -13.99 -47.81
CA LEU A 337 1.55 -13.72 -46.56
C LEU A 337 2.58 -13.31 -45.52
N ALA A 338 2.40 -12.13 -44.94
CA ALA A 338 3.29 -11.65 -43.90
C ALA A 338 2.72 -12.00 -42.53
N GLN A 339 3.61 -12.35 -41.60
CA GLN A 339 3.25 -12.67 -40.23
C GLN A 339 4.22 -11.99 -39.28
N GLY A 340 3.81 -11.86 -38.03
CA GLY A 340 4.60 -11.16 -37.04
C GLY A 340 5.44 -12.04 -36.14
N THR A 341 5.84 -13.20 -36.68
CA THR A 341 6.74 -14.13 -35.99
C THR A 341 7.97 -13.40 -35.45
N ILE A 342 8.29 -13.65 -34.19
CA ILE A 342 9.49 -13.09 -33.57
C ILE A 342 10.46 -14.22 -33.22
N TYR A 343 11.70 -13.84 -32.92
CA TYR A 343 12.75 -14.84 -32.71
C TYR A 343 12.41 -15.84 -31.60
N PRO A 344 11.85 -15.45 -30.45
CA PRO A 344 11.38 -16.45 -29.48
C PRO A 344 10.39 -17.47 -30.06
N ASP A 345 9.62 -17.12 -31.09
CA ASP A 345 8.76 -18.13 -31.71
C ASP A 345 9.57 -19.16 -32.46
N VAL A 346 10.63 -18.73 -33.15
CA VAL A 346 11.49 -19.63 -33.92
C VAL A 346 12.32 -20.50 -32.97
N ILE A 347 12.80 -19.92 -31.87
CA ILE A 347 13.55 -20.68 -30.90
C ILE A 347 12.68 -21.78 -30.29
N GLU A 348 11.39 -21.49 -30.08
CA GLU A 348 10.48 -22.47 -29.50
C GLU A 348 10.16 -23.58 -30.50
N SER A 349 10.01 -23.23 -31.77
CA SER A 349 9.74 -24.24 -32.80
C SER A 349 10.87 -25.27 -32.87
N ALA A 350 12.12 -24.81 -32.71
CA ALA A 350 13.26 -25.71 -32.71
C ALA A 350 13.46 -26.32 -31.32
N HIS A 364 0.41 -29.00 -42.89
CA HIS A 364 0.41 -27.62 -42.42
C HIS A 364 0.59 -26.63 -43.57
N ASN A 365 -0.45 -25.82 -43.80
CA ASN A 365 -0.44 -24.80 -44.84
C ASN A 365 -0.05 -23.44 -44.24
N VAL A 366 0.49 -22.58 -45.09
CA VAL A 366 0.99 -21.28 -44.64
C VAL A 366 -0.18 -20.46 -44.08
N GLY A 367 -0.04 -20.05 -42.81
CA GLY A 367 -1.07 -19.29 -42.13
C GLY A 367 -2.22 -20.10 -41.57
N GLY A 368 -2.16 -21.42 -41.63
CA GLY A 368 -3.29 -22.24 -41.22
C GLY A 368 -4.50 -22.12 -42.12
N LEU A 369 -4.31 -21.67 -43.35
CA LEU A 369 -5.38 -21.31 -44.27
C LEU A 369 -5.82 -22.51 -45.09
N PRO A 370 -7.00 -22.44 -45.71
CA PRO A 370 -7.43 -23.52 -46.61
C PRO A 370 -6.46 -23.76 -47.75
N ASP A 371 -6.60 -24.93 -48.39
CA ASP A 371 -5.62 -25.37 -49.38
C ASP A 371 -5.58 -24.48 -50.61
N ASP A 372 -6.70 -23.83 -50.97
CA ASP A 372 -6.70 -23.02 -52.17
C ASP A 372 -5.84 -21.77 -52.02
N LEU A 373 -5.49 -21.39 -50.79
CA LEU A 373 -4.60 -20.28 -50.53
C LEU A 373 -3.20 -20.84 -50.31
N ALA A 374 -2.30 -20.57 -51.25
CA ALA A 374 -0.93 -21.05 -51.21
C ALA A 374 -0.03 -19.83 -51.25
N PHE A 375 0.26 -19.29 -50.07
CA PHE A 375 1.13 -18.13 -49.97
C PHE A 375 2.55 -18.56 -49.60
N GLU A 376 3.53 -17.76 -49.99
CA GLU A 376 4.86 -17.84 -49.41
C GLU A 376 4.93 -16.89 -48.22
N LEU A 377 5.70 -17.30 -47.20
CA LEU A 377 5.71 -16.62 -45.91
C LEU A 377 6.75 -15.50 -45.90
N VAL A 378 6.35 -14.34 -45.40
CA VAL A 378 7.23 -13.21 -45.13
C VAL A 378 7.19 -12.93 -43.63
N GLU A 379 8.35 -12.90 -42.99
CA GLU A 379 8.43 -12.78 -41.52
C GLU A 379 9.52 -11.78 -41.16
N PRO A 380 9.21 -10.49 -41.23
CA PRO A 380 10.27 -9.47 -41.06
C PRO A 380 10.83 -9.37 -39.65
N LEU A 381 10.22 -9.98 -38.63
CA LEU A 381 10.70 -9.86 -37.26
C LEU A 381 11.28 -11.16 -36.72
N ARG A 382 11.42 -12.19 -37.57
CA ARG A 382 11.68 -13.54 -37.06
C ARG A 382 13.05 -13.69 -36.43
N ASP A 383 13.97 -12.75 -36.63
CA ASP A 383 15.28 -12.78 -35.97
C ASP A 383 15.40 -11.76 -34.85
N LEU A 384 14.29 -11.21 -34.36
CA LEU A 384 14.31 -10.14 -33.38
C LEU A 384 13.61 -10.56 -32.10
N PHE A 385 14.15 -10.12 -30.97
CA PHE A 385 13.45 -10.27 -29.71
C PHE A 385 12.44 -9.14 -29.52
N LYS A 386 11.55 -9.32 -28.53
CA LYS A 386 10.43 -8.40 -28.33
C LYS A 386 10.90 -6.95 -28.18
N ASP A 387 11.94 -6.73 -27.37
CA ASP A 387 12.40 -5.36 -27.13
CA ASP A 387 12.39 -5.35 -27.14
C ASP A 387 13.03 -4.76 -28.39
N GLU A 388 13.63 -5.59 -29.24
CA GLU A 388 14.18 -5.08 -30.49
C GLU A 388 13.07 -4.65 -31.43
N VAL A 389 11.96 -5.39 -31.44
CA VAL A 389 10.80 -5.03 -32.25
C VAL A 389 10.29 -3.65 -31.83
N ARG A 390 10.20 -3.42 -30.52
CA ARG A 390 9.73 -2.13 -30.04
C ARG A 390 10.70 -1.01 -30.42
N LYS A 391 12.01 -1.24 -30.24
CA LYS A 391 12.99 -0.23 -30.63
C LYS A 391 12.90 0.08 -32.11
N LEU A 392 12.60 -0.94 -32.92
CA LEU A 392 12.44 -0.71 -34.35
C LEU A 392 11.23 0.19 -34.62
N GLY A 393 10.10 -0.12 -33.98
CA GLY A 393 8.91 0.69 -34.18
C GLY A 393 9.11 2.13 -33.74
N THR A 394 9.78 2.32 -32.60
CA THR A 394 10.08 3.67 -32.15
C THR A 394 10.95 4.40 -33.15
N THR A 395 11.97 3.71 -33.70
CA THR A 395 12.84 4.34 -34.68
C THR A 395 12.07 4.80 -35.91
N LEU A 396 11.06 4.04 -36.32
CA LEU A 396 10.22 4.40 -37.46
C LEU A 396 9.19 5.47 -37.12
N GLY A 397 9.14 5.94 -35.87
CA GLY A 397 8.21 6.97 -35.48
C GLY A 397 6.84 6.50 -35.05
N LEU A 398 6.66 5.20 -34.79
CA LEU A 398 5.39 4.74 -34.26
C LEU A 398 5.19 5.30 -32.86
N PRO A 399 3.97 5.70 -32.50
CA PRO A 399 3.76 6.37 -31.21
C PRO A 399 3.89 5.43 -30.01
N HIS A 400 4.21 6.04 -28.88
CA HIS A 400 4.40 5.31 -27.64
C HIS A 400 3.22 4.39 -27.33
N SER A 401 2.00 4.90 -27.48
CA SER A 401 0.81 4.12 -27.13
C SER A 401 0.69 2.85 -27.96
N MET A 402 1.19 2.86 -29.20
CA MET A 402 1.13 1.66 -30.04
C MET A 402 2.22 0.67 -29.66
N ILE A 403 3.43 1.18 -29.41
CA ILE A 403 4.61 0.33 -29.21
C ILE A 403 4.57 -0.32 -27.84
N TYR A 404 4.10 0.40 -26.82
CA TYR A 404 4.11 -0.12 -25.46
C TYR A 404 2.75 -0.65 -25.00
N ARG A 405 1.84 -0.91 -25.94
CA ARG A 405 0.55 -1.48 -25.59
C ARG A 405 0.72 -2.86 -24.97
N HIS A 406 -0.11 -3.16 -23.96
CA HIS A 406 -0.13 -4.49 -23.40
C HIS A 406 -0.59 -5.50 -24.46
N PRO A 407 -0.19 -6.76 -24.34
CA PRO A 407 -0.71 -7.77 -25.28
C PRO A 407 -2.20 -7.96 -25.11
N PHE A 408 -2.84 -8.38 -26.21
CA PHE A 408 -4.27 -8.66 -26.23
C PHE A 408 -4.44 -10.06 -26.79
N PRO A 409 -5.13 -10.95 -26.08
CA PRO A 409 -5.24 -12.34 -26.54
C PRO A 409 -5.99 -12.45 -27.88
N GLY A 410 -5.63 -13.49 -28.63
CA GLY A 410 -6.34 -13.83 -29.85
C GLY A 410 -7.85 -13.81 -29.71
N PRO A 411 -8.40 -14.56 -28.74
CA PRO A 411 -9.85 -14.56 -28.53
C PRO A 411 -10.43 -13.28 -27.94
N GLY A 412 -9.63 -12.26 -27.65
CA GLY A 412 -10.15 -10.97 -27.22
C GLY A 412 -11.02 -11.07 -25.99
N LEU A 413 -12.08 -10.25 -25.96
CA LEU A 413 -13.02 -10.29 -24.84
C LEU A 413 -13.72 -11.64 -24.69
N GLY A 414 -13.56 -12.53 -25.68
CA GLY A 414 -14.22 -13.82 -25.62
C GLY A 414 -13.78 -14.65 -24.42
N VAL A 415 -12.56 -14.42 -23.93
CA VAL A 415 -12.08 -15.09 -22.73
C VAL A 415 -12.09 -14.17 -21.52
N ARG A 416 -12.75 -13.02 -21.62
CA ARG A 416 -12.92 -12.11 -20.49
C ARG A 416 -14.39 -11.90 -20.14
N ILE A 417 -15.26 -12.71 -20.73
CA ILE A 417 -16.69 -12.76 -20.42
C ILE A 417 -16.98 -14.20 -20.02
N LEU A 418 -17.22 -14.43 -18.73
CA LEU A 418 -17.24 -15.79 -18.21
C LEU A 418 -18.47 -16.55 -18.68
N GLY A 419 -18.25 -17.72 -19.29
CA GLY A 419 -19.36 -18.48 -19.85
C GLY A 419 -19.84 -17.89 -21.16
N GLU A 420 -21.15 -17.81 -21.34
CA GLU A 420 -21.70 -17.42 -22.64
C GLU A 420 -21.36 -15.96 -22.95
N VAL A 421 -20.88 -15.72 -24.17
CA VAL A 421 -20.62 -14.37 -24.67
C VAL A 421 -21.90 -13.86 -25.33
N LYS A 422 -22.42 -12.75 -24.81
CA LYS A 422 -23.58 -12.06 -25.38
C LYS A 422 -23.19 -10.63 -25.69
N LYS A 423 -23.75 -10.06 -26.78
CA LYS A 423 -23.44 -8.68 -27.11
C LYS A 423 -23.70 -7.75 -25.92
N GLU A 424 -24.78 -8.02 -25.17
CA GLU A 424 -25.09 -7.20 -24.00
C GLU A 424 -23.92 -7.16 -23.03
N TYR A 425 -23.27 -8.30 -22.81
CA TYR A 425 -22.17 -8.36 -21.85
C TYR A 425 -20.91 -7.71 -22.42
N ALA A 426 -20.64 -7.94 -23.70
CA ALA A 426 -19.47 -7.33 -24.34
C ALA A 426 -19.57 -5.81 -24.31
N ASP A 427 -20.76 -5.27 -24.58
CA ASP A 427 -20.94 -3.82 -24.59
C ASP A 427 -20.68 -3.23 -23.21
N ILE A 428 -21.20 -3.88 -22.16
CA ILE A 428 -20.94 -3.41 -20.79
C ILE A 428 -19.45 -3.50 -20.47
N LEU A 429 -18.84 -4.64 -20.80
CA LEU A 429 -17.42 -4.82 -20.50
C LEU A 429 -16.58 -3.79 -21.23
N ARG A 430 -16.90 -3.48 -22.48
CA ARG A 430 -16.14 -2.47 -23.22
C ARG A 430 -16.15 -1.14 -22.48
N LEU A 431 -17.27 -0.77 -21.86
CA LEU A 431 -17.34 0.51 -21.16
C LEU A 431 -16.51 0.48 -19.88
N ALA A 432 -16.56 -0.63 -19.15
CA ALA A 432 -15.83 -0.74 -17.90
C ALA A 432 -14.33 -0.87 -18.16
N ASP A 433 -13.97 -1.62 -19.20
CA ASP A 433 -12.56 -1.74 -19.57
C ASP A 433 -12.00 -0.40 -20.00
N ASP A 434 -12.79 0.39 -20.73
CA ASP A 434 -12.32 1.69 -21.18
C ASP A 434 -12.08 2.64 -20.01
N ILE A 435 -12.97 2.61 -19.02
CA ILE A 435 -12.75 3.40 -17.81
C ILE A 435 -11.45 2.98 -17.15
N PHE A 436 -11.24 1.66 -17.02
CA PHE A 436 -10.01 1.14 -16.41
C PHE A 436 -8.78 1.67 -17.15
N MET A 437 -8.78 1.57 -18.49
CA MET A 437 -7.62 2.02 -19.27
C MET A 437 -7.41 3.52 -19.16
N GLN A 438 -8.48 4.30 -19.20
CA GLN A 438 -8.35 5.75 -19.06
C GLN A 438 -7.66 6.11 -17.76
N GLU A 439 -8.07 5.49 -16.67
CA GLU A 439 -7.51 5.86 -15.37
C GLU A 439 -6.06 5.40 -15.27
N LEU A 440 -5.74 4.22 -15.82
CA LEU A 440 -4.36 3.75 -15.80
C LEU A 440 -3.45 4.65 -16.63
N ARG A 441 -3.90 5.07 -17.81
CA ARG A 441 -3.07 5.94 -18.64
C ARG A 441 -2.94 7.32 -18.01
N ASP A 442 -4.06 7.87 -17.52
CA ASP A 442 -4.04 9.20 -16.93
CA ASP A 442 -4.06 9.19 -16.93
C ASP A 442 -3.14 9.27 -15.72
N SER A 443 -3.15 8.24 -14.88
CA SER A 443 -2.35 8.21 -13.66
C SER A 443 -0.90 7.79 -13.89
N GLY A 444 -0.55 7.37 -15.10
CA GLY A 444 0.79 6.86 -15.33
C GLY A 444 1.01 5.43 -14.94
N TRP A 445 -0.03 4.70 -14.52
CA TRP A 445 0.14 3.33 -14.09
C TRP A 445 -0.06 2.30 -15.19
N TYR A 446 -0.54 2.70 -16.37
CA TYR A 446 -0.63 1.75 -17.49
C TYR A 446 0.73 1.13 -17.79
N ASP A 447 1.74 1.98 -18.02
CA ASP A 447 3.10 1.54 -18.28
C ASP A 447 3.77 0.89 -17.06
N LYS A 448 3.18 1.00 -15.88
CA LYS A 448 3.70 0.37 -14.67
C LYS A 448 3.09 -1.00 -14.39
N THR A 449 2.33 -1.53 -15.35
CA THR A 449 1.86 -2.91 -15.31
C THR A 449 2.19 -3.56 -16.65
N ALA A 450 2.27 -4.89 -16.64
CA ALA A 450 2.54 -5.62 -17.86
C ALA A 450 1.28 -6.01 -18.60
N GLN A 451 0.14 -6.00 -17.92
CA GLN A 451 -1.13 -6.44 -18.46
C GLN A 451 -2.26 -5.95 -17.56
N ALA A 452 -3.30 -5.34 -18.12
CA ALA A 452 -4.43 -4.90 -17.33
C ALA A 452 -5.69 -4.93 -18.19
N PHE A 453 -6.80 -5.36 -17.58
CA PHE A 453 -8.07 -5.47 -18.30
C PHE A 453 -9.19 -5.77 -17.33
N ALA A 454 -10.42 -5.48 -17.77
CA ALA A 454 -11.60 -5.80 -17.01
C ALA A 454 -12.19 -7.14 -17.47
N VAL A 455 -12.88 -7.82 -16.56
CA VAL A 455 -13.53 -9.10 -16.80
C VAL A 455 -15.01 -8.97 -16.43
N PHE A 456 -15.88 -9.51 -17.26
CA PHE A 456 -17.32 -9.53 -16.98
C PHE A 456 -17.68 -10.85 -16.31
N GLN A 457 -18.16 -10.77 -15.07
CA GLN A 457 -18.68 -11.93 -14.35
C GLN A 457 -20.19 -11.89 -14.41
N PRO A 458 -20.87 -12.92 -14.93
CA PRO A 458 -22.33 -12.90 -15.00
C PRO A 458 -22.98 -13.24 -13.66
N VAL A 459 -22.60 -12.49 -12.61
CA VAL A 459 -23.26 -12.56 -11.32
C VAL A 459 -23.61 -11.14 -10.90
N LYS A 460 -24.54 -11.03 -9.97
CA LYS A 460 -25.05 -9.74 -9.56
C LYS A 460 -24.90 -9.54 -8.06
N SER A 461 -24.87 -8.28 -7.65
CA SER A 461 -24.91 -7.92 -6.23
C SER A 461 -25.75 -6.66 -6.08
N VAL A 462 -26.09 -6.35 -4.84
CA VAL A 462 -26.95 -5.20 -4.57
C VAL A 462 -26.11 -3.94 -4.49
N GLY A 463 -26.74 -2.81 -4.85
CA GLY A 463 -26.17 -1.50 -4.65
C GLY A 463 -27.30 -0.50 -4.44
N VAL A 464 -26.93 0.71 -4.05
CA VAL A 464 -27.94 1.74 -3.80
C VAL A 464 -28.00 2.75 -4.94
N ARG A 469 -32.23 1.13 -4.56
CA ARG A 469 -31.69 -0.22 -4.63
C ARG A 469 -31.38 -0.62 -6.08
N ARG A 470 -30.16 -1.15 -6.29
CA ARG A 470 -29.70 -1.63 -7.58
C ARG A 470 -29.26 -3.07 -7.44
N TYR A 471 -29.60 -3.90 -8.43
CA TYR A 471 -29.15 -5.27 -8.51
C TYR A 471 -28.56 -5.47 -9.90
N ALA A 472 -27.24 -5.61 -9.99
CA ALA A 472 -26.55 -5.50 -11.28
C ALA A 472 -25.23 -6.24 -11.23
N TRP A 473 -24.52 -6.25 -12.37
CA TRP A 473 -23.40 -7.15 -12.58
C TRP A 473 -22.17 -6.73 -11.76
N VAL A 474 -21.31 -7.72 -11.50
CA VAL A 474 -20.06 -7.53 -10.77
C VAL A 474 -18.89 -7.63 -11.74
N ILE A 475 -18.17 -6.52 -11.90
CA ILE A 475 -17.00 -6.44 -12.79
C ILE A 475 -15.75 -6.78 -12.00
N ALA A 476 -14.83 -7.53 -12.61
CA ALA A 476 -13.52 -7.79 -12.03
C ALA A 476 -12.42 -7.07 -12.82
N LEU A 477 -11.46 -6.53 -12.09
CA LEU A 477 -10.27 -5.91 -12.65
C LEU A 477 -9.10 -6.87 -12.51
N ARG A 478 -8.35 -7.04 -13.61
CA ARG A 478 -7.14 -7.85 -13.63
C ARG A 478 -5.95 -6.96 -14.01
N ALA A 479 -4.90 -7.00 -13.19
CA ALA A 479 -3.67 -6.28 -13.50
C ALA A 479 -2.50 -7.07 -12.92
N VAL A 480 -1.44 -7.26 -13.70
CA VAL A 480 -0.31 -8.05 -13.22
C VAL A 480 1.00 -7.36 -13.54
N GLU A 481 2.01 -7.74 -12.76
CA GLU A 481 3.40 -7.37 -12.96
C GLU A 481 4.16 -8.64 -13.30
N THR A 482 4.90 -8.60 -14.41
CA THR A 482 5.69 -9.74 -14.84
C THR A 482 6.64 -9.24 -15.90
N VAL A 483 7.76 -9.95 -16.05
CA VAL A 483 8.69 -9.67 -17.12
C VAL A 483 8.64 -10.74 -18.22
N ASP A 484 8.22 -11.96 -17.91
CA ASP A 484 8.21 -13.05 -18.88
C ASP A 484 6.83 -13.66 -19.11
N PHE A 485 5.83 -13.28 -18.32
CA PHE A 485 4.48 -13.85 -18.33
C PHE A 485 4.45 -15.33 -17.94
N MET A 486 5.58 -15.89 -17.52
CA MET A 486 5.60 -17.24 -16.97
C MET A 486 5.13 -17.24 -15.51
N THR A 487 5.69 -16.36 -14.70
CA THR A 487 5.17 -16.08 -13.37
C THR A 487 4.77 -14.61 -13.31
N ALA A 488 3.69 -14.32 -12.60
CA ALA A 488 3.17 -12.96 -12.52
C ALA A 488 2.56 -12.75 -11.15
N ARG A 489 2.71 -11.54 -10.62
CA ARG A 489 2.08 -11.16 -9.37
C ARG A 489 0.98 -10.14 -9.67
N PHE A 490 -0.07 -10.13 -8.85
CA PHE A 490 -1.10 -9.12 -9.06
C PHE A 490 -0.50 -7.75 -8.73
N ALA A 491 -0.92 -6.73 -9.47
CA ALA A 491 -0.18 -5.47 -9.50
C ALA A 491 -0.37 -4.66 -8.21
N HIS A 492 0.69 -3.95 -7.84
CA HIS A 492 0.70 -3.07 -6.66
C HIS A 492 0.08 -1.70 -6.98
N LEU A 493 -1.13 -1.73 -7.48
CA LEU A 493 -1.82 -0.48 -7.80
C LEU A 493 -2.13 0.28 -6.52
N PRO A 494 -1.94 1.61 -6.50
CA PRO A 494 -2.26 2.39 -5.30
C PRO A 494 -3.73 2.24 -4.91
N TYR A 495 -3.97 2.18 -3.60
CA TYR A 495 -5.32 2.06 -3.08
C TYR A 495 -6.26 3.11 -3.69
N GLU A 496 -5.83 4.37 -3.69
CA GLU A 496 -6.78 5.42 -4.11
C GLU A 496 -7.05 5.38 -5.60
N LEU A 497 -6.09 4.91 -6.40
CA LEU A 497 -6.34 4.75 -7.82
C LEU A 497 -7.39 3.67 -8.06
N VAL A 498 -7.25 2.52 -7.40
CA VAL A 498 -8.25 1.47 -7.51
C VAL A 498 -9.61 1.97 -7.02
N ASP A 499 -9.64 2.74 -5.93
CA ASP A 499 -10.91 3.27 -5.46
C ASP A 499 -11.52 4.23 -6.47
N LYS A 500 -10.69 5.07 -7.09
CA LYS A 500 -11.16 5.96 -8.14
C LYS A 500 -11.77 5.19 -9.30
N ILE A 501 -11.12 4.09 -9.69
CA ILE A 501 -11.58 3.29 -10.83
C ILE A 501 -12.91 2.61 -10.52
N SER A 502 -13.01 1.96 -9.35
CA SER A 502 -14.24 1.27 -9.01
C SER A 502 -15.39 2.26 -8.87
N THR A 503 -15.15 3.40 -8.23
CA THR A 503 -16.19 4.41 -8.09
C THR A 503 -16.66 4.91 -9.46
N ARG A 504 -15.72 5.20 -10.36
CA ARG A 504 -16.12 5.62 -11.71
C ARG A 504 -16.97 4.55 -12.40
N ILE A 505 -16.52 3.29 -12.36
CA ILE A 505 -17.25 2.23 -13.04
C ILE A 505 -18.66 2.13 -12.47
N MET A 506 -18.79 2.08 -11.15
CA MET A 506 -20.12 1.94 -10.54
C MET A 506 -20.98 3.17 -10.81
N ASN A 507 -20.39 4.37 -10.82
CA ASN A 507 -21.20 5.56 -11.03
C ASN A 507 -21.58 5.78 -12.49
N GLU A 508 -20.76 5.35 -13.43
CA GLU A 508 -21.01 5.68 -14.82
C GLU A 508 -21.70 4.58 -15.61
N ILE A 509 -21.77 3.36 -15.08
CA ILE A 509 -22.39 2.24 -15.77
C ILE A 509 -23.51 1.71 -14.88
N LYS A 510 -24.76 2.01 -15.25
CA LYS A 510 -25.92 1.57 -14.49
C LYS A 510 -25.95 0.07 -14.30
N ASP A 511 -25.48 -0.68 -15.27
CA ASP A 511 -25.54 -2.14 -15.22
C ASP A 511 -24.45 -2.76 -14.36
N VAL A 512 -23.65 -1.97 -13.64
CA VAL A 512 -22.59 -2.51 -12.80
C VAL A 512 -22.84 -2.09 -11.36
N SER A 513 -22.94 -3.08 -10.47
CA SER A 513 -23.20 -2.81 -9.05
C SER A 513 -21.93 -2.72 -8.21
N ARG A 514 -20.85 -3.33 -8.64
CA ARG A 514 -19.71 -3.59 -7.77
C ARG A 514 -18.50 -3.94 -8.62
N VAL A 515 -17.32 -3.62 -8.11
CA VAL A 515 -16.06 -3.93 -8.78
C VAL A 515 -15.18 -4.69 -7.79
N VAL A 516 -14.57 -5.77 -8.27
CA VAL A 516 -13.61 -6.53 -7.50
C VAL A 516 -12.27 -6.50 -8.23
N TYR A 517 -11.22 -6.87 -7.50
CA TYR A 517 -9.86 -6.84 -8.02
C TYR A 517 -9.25 -8.22 -7.86
N ASP A 518 -8.70 -8.75 -8.95
CA ASP A 518 -8.05 -10.06 -8.92
C ASP A 518 -6.80 -9.99 -8.07
N VAL A 519 -6.78 -10.74 -6.97
CA VAL A 519 -5.63 -10.73 -6.07
C VAL A 519 -4.95 -12.09 -6.09
N SER A 520 -4.94 -12.73 -7.27
CA SER A 520 -4.36 -14.05 -7.43
C SER A 520 -3.16 -13.98 -8.37
N SER A 521 -2.04 -14.52 -7.93
CA SER A 521 -0.80 -14.49 -8.69
CA SER A 521 -0.84 -14.46 -8.74
C SER A 521 -0.70 -15.73 -9.59
N LYS A 522 0.18 -15.64 -10.58
CA LYS A 522 0.51 -16.78 -11.44
C LYS A 522 1.87 -17.31 -11.06
N PRO A 523 2.01 -18.58 -10.68
CA PRO A 523 0.92 -19.54 -10.48
C PRO A 523 0.28 -19.31 -9.11
N PRO A 524 -0.85 -19.97 -8.80
CA PRO A 524 -1.59 -20.99 -9.54
C PRO A 524 -2.79 -20.48 -10.34
N ALA A 525 -2.94 -19.16 -10.44
CA ALA A 525 -3.94 -18.59 -11.34
C ALA A 525 -3.27 -18.25 -12.66
N THR A 526 -4.05 -18.35 -13.74
CA THR A 526 -3.55 -17.82 -15.01
C THR A 526 -3.81 -16.32 -15.08
N ILE A 527 -3.18 -15.65 -16.05
CA ILE A 527 -3.39 -14.22 -16.21
C ILE A 527 -4.81 -13.96 -16.72
N GLU A 528 -5.16 -14.56 -17.85
CA GLU A 528 -6.53 -14.50 -18.30
C GLU A 528 -7.37 -15.50 -17.51
N TRP A 529 -8.66 -15.20 -17.41
CA TRP A 529 -9.57 -16.03 -16.61
C TRP A 529 -10.06 -17.27 -17.36
N GLU A 530 -9.98 -17.27 -18.69
CA GLU A 530 -10.40 -18.40 -19.50
C GLU A 530 -9.38 -18.69 -20.60
N ASN B 12 -13.26 -12.38 49.09
CA ASN B 12 -12.96 -12.31 47.67
C ASN B 12 -11.74 -13.16 47.30
N THR B 13 -11.02 -13.65 48.31
CA THR B 13 -9.82 -14.44 48.05
C THR B 13 -10.13 -15.77 47.39
N GLN B 14 -11.40 -16.16 47.29
CA GLN B 14 -11.76 -17.43 46.66
C GLN B 14 -11.36 -17.44 45.18
N ILE B 15 -11.21 -16.25 44.58
CA ILE B 15 -11.10 -16.17 43.12
C ILE B 15 -9.71 -16.59 42.67
N THR B 16 -8.82 -16.92 43.62
CA THR B 16 -7.51 -17.45 43.30
C THR B 16 -7.31 -18.88 43.81
N GLU B 17 -8.36 -19.52 44.34
CA GLU B 17 -8.19 -20.88 44.86
C GLU B 17 -7.91 -21.86 43.73
N ASP B 18 -8.64 -21.75 42.63
CA ASP B 18 -8.30 -22.47 41.42
C ASP B 18 -7.15 -21.74 40.73
N ARG B 19 -6.04 -22.43 40.52
CA ARG B 19 -4.85 -21.79 39.98
C ARG B 19 -4.06 -22.79 39.15
N ILE B 20 -3.38 -22.29 38.14
CA ILE B 20 -2.53 -23.10 37.26
C ILE B 20 -1.10 -22.63 37.41
N LEU B 21 -0.18 -23.58 37.54
CA LEU B 21 1.24 -23.29 37.63
C LEU B 21 1.87 -23.53 36.26
N ILE B 22 2.62 -22.55 35.77
CA ILE B 22 3.36 -22.67 34.53
C ILE B 22 4.85 -22.65 34.85
N LEU B 23 5.53 -23.75 34.55
CA LEU B 23 6.98 -23.81 34.71
C LEU B 23 7.64 -23.39 33.40
N ASP B 24 8.52 -22.40 33.48
CA ASP B 24 9.16 -21.83 32.30
C ASP B 24 10.45 -22.58 31.99
N PHE B 25 10.53 -23.12 30.77
CA PHE B 25 11.76 -23.76 30.29
C PHE B 25 12.53 -22.88 29.31
N GLY B 26 12.16 -21.61 29.18
CA GLY B 26 12.91 -20.67 28.37
C GLY B 26 12.25 -20.21 27.09
N SER B 27 11.08 -20.75 26.75
CA SER B 27 10.41 -20.33 25.52
C SER B 27 10.02 -18.85 25.61
N GLN B 28 10.16 -18.15 24.47
CA GLN B 28 9.69 -16.78 24.38
C GLN B 28 8.18 -16.66 24.50
N TYR B 29 7.46 -17.79 24.45
CA TYR B 29 6.01 -17.80 24.54
C TYR B 29 5.52 -18.20 25.94
N SER B 30 6.42 -18.43 26.89
CA SER B 30 6.02 -18.96 28.19
C SER B 30 5.02 -18.04 28.87
N GLN B 31 5.24 -16.72 28.80
CA GLN B 31 4.31 -15.80 29.43
C GLN B 31 2.95 -15.80 28.74
N LEU B 32 2.91 -16.12 27.44
CA LEU B 32 1.64 -16.23 26.75
C LEU B 32 0.81 -17.37 27.31
N ILE B 33 1.44 -18.43 27.79
CA ILE B 33 0.70 -19.51 28.44
C ILE B 33 -0.02 -18.98 29.67
N ALA B 34 0.73 -18.31 30.56
CA ALA B 34 0.12 -17.77 31.77
C ALA B 34 -0.99 -16.77 31.45
N ARG B 35 -0.79 -15.97 30.41
CA ARG B 35 -1.80 -14.98 30.03
C ARG B 35 -3.06 -15.66 29.49
N ARG B 36 -2.88 -16.68 28.64
CA ARG B 36 -4.04 -17.40 28.11
C ARG B 36 -4.84 -18.08 29.21
N VAL B 37 -4.16 -18.59 30.25
CA VAL B 37 -4.88 -19.19 31.37
C VAL B 37 -5.75 -18.14 32.05
N ARG B 38 -5.21 -16.95 32.29
CA ARG B 38 -5.98 -15.89 32.94
C ARG B 38 -7.15 -15.43 32.08
N GLU B 39 -6.94 -15.36 30.76
CA GLU B 39 -8.03 -15.01 29.85
CA GLU B 39 -8.04 -15.02 29.86
C GLU B 39 -9.14 -16.06 29.89
N ALA B 40 -8.79 -17.33 30.13
CA ALA B 40 -9.80 -18.35 30.35
C ALA B 40 -10.47 -18.26 31.72
N GLY B 41 -10.07 -17.29 32.54
CA GLY B 41 -10.74 -17.06 33.81
C GLY B 41 -10.14 -17.76 35.00
N VAL B 42 -8.89 -18.20 34.91
CA VAL B 42 -8.23 -18.93 35.99
C VAL B 42 -6.96 -18.20 36.38
N TYR B 43 -6.75 -18.00 37.69
CA TYR B 43 -5.52 -17.40 38.17
C TYR B 43 -4.32 -18.26 37.79
N SER B 44 -3.19 -17.62 37.52
CA SER B 44 -2.00 -18.36 37.17
C SER B 44 -0.76 -17.58 37.59
N GLU B 45 0.34 -18.31 37.80
CA GLU B 45 1.65 -17.74 38.03
C GLU B 45 2.69 -18.54 37.25
N MET B 46 3.81 -17.89 36.94
CA MET B 46 4.88 -18.51 36.17
C MET B 46 6.18 -18.44 36.94
N TYR B 47 6.90 -19.56 36.95
CA TYR B 47 8.21 -19.67 37.59
C TYR B 47 9.15 -20.45 36.70
N ALA B 48 10.44 -20.38 37.01
CA ALA B 48 11.44 -21.13 36.27
C ALA B 48 11.21 -22.63 36.46
N PHE B 49 11.79 -23.42 35.54
CA PHE B 49 11.61 -24.87 35.60
C PHE B 49 12.18 -25.46 36.88
N ASP B 50 13.22 -24.85 37.46
CA ASP B 50 13.85 -25.37 38.67
C ASP B 50 13.18 -24.87 39.95
N MET B 51 11.86 -24.66 39.91
CA MET B 51 11.13 -24.28 41.11
C MET B 51 11.22 -25.39 42.15
N SER B 52 11.51 -25.00 43.39
CA SER B 52 11.70 -25.99 44.45
C SER B 52 10.40 -26.73 44.73
N GLU B 53 10.54 -27.96 45.22
CA GLU B 53 9.37 -28.80 45.49
C GLU B 53 8.52 -28.21 46.61
N GLU B 54 9.15 -27.64 47.64
CA GLU B 54 8.38 -27.04 48.73
C GLU B 54 7.48 -25.92 48.20
N ASP B 55 7.99 -25.13 47.26
CA ASP B 55 7.20 -24.05 46.69
C ASP B 55 6.03 -24.59 45.88
N ILE B 56 6.27 -25.59 45.05
CA ILE B 56 5.22 -26.14 44.19
C ILE B 56 4.07 -26.67 45.03
N ARG B 57 4.40 -27.40 46.11
CA ARG B 57 3.36 -27.91 47.00
C ARG B 57 2.62 -26.76 47.70
N ALA B 58 3.36 -25.74 48.13
CA ALA B 58 2.72 -24.59 48.77
C ALA B 58 1.82 -23.84 47.78
N PHE B 59 2.17 -23.86 46.50
CA PHE B 59 1.34 -23.21 45.49
C PHE B 59 -0.02 -23.90 45.35
N LYS B 60 -0.09 -25.19 45.63
CA LYS B 60 -1.32 -25.97 45.48
C LYS B 60 -1.93 -25.82 44.09
N PRO B 61 -1.21 -26.16 43.03
CA PRO B 61 -1.75 -25.97 41.68
C PRO B 61 -2.87 -26.97 41.39
N ASN B 62 -3.90 -26.49 40.70
CA ASN B 62 -4.90 -27.39 40.13
C ASN B 62 -4.42 -28.04 38.85
N GLY B 63 -3.30 -27.58 38.31
CA GLY B 63 -2.73 -28.14 37.11
C GLY B 63 -1.41 -27.47 36.82
N ILE B 64 -0.57 -28.17 36.07
CA ILE B 64 0.77 -27.70 35.75
C ILE B 64 0.97 -27.75 34.25
N ILE B 65 1.56 -26.69 33.69
CA ILE B 65 1.89 -26.63 32.27
C ILE B 65 3.39 -26.49 32.14
N LEU B 66 4.01 -27.42 31.43
CA LEU B 66 5.44 -27.36 31.14
C LEU B 66 5.62 -26.68 29.79
N SER B 67 6.29 -25.54 29.78
CA SER B 67 6.40 -24.74 28.57
C SER B 67 7.42 -25.36 27.62
N GLY B 68 7.58 -24.74 26.45
CA GLY B 68 8.65 -25.08 25.55
C GLY B 68 9.97 -24.47 25.99
N GLY B 69 11.03 -24.82 25.26
CA GLY B 69 12.36 -24.33 25.57
C GLY B 69 13.34 -24.48 24.42
N PRO B 70 14.45 -23.76 24.49
CA PRO B 70 15.43 -23.79 23.40
C PRO B 70 16.51 -24.84 23.57
N GLU B 71 16.27 -25.87 24.39
CA GLU B 71 17.26 -26.88 24.66
C GLU B 71 16.80 -28.23 24.12
N SER B 72 17.72 -29.19 24.12
CA SER B 72 17.46 -30.55 23.67
C SER B 72 17.69 -31.52 24.82
N VAL B 73 16.74 -32.43 25.03
CA VAL B 73 16.85 -33.38 26.14
C VAL B 73 17.98 -34.37 25.90
N HIS B 74 18.33 -34.64 24.64
CA HIS B 74 19.37 -35.63 24.36
C HIS B 74 20.74 -35.14 24.80
N GLU B 75 21.00 -33.84 24.70
CA GLU B 75 22.26 -33.28 25.14
C GLU B 75 22.29 -33.21 26.66
N GLU B 76 23.36 -33.72 27.27
CA GLU B 76 23.49 -33.70 28.71
C GLU B 76 23.67 -32.27 29.22
N GLY B 77 23.26 -32.05 30.47
CA GLY B 77 23.21 -30.72 31.03
C GLY B 77 21.94 -29.95 30.73
N SER B 78 20.95 -30.59 30.12
CA SER B 78 19.72 -29.94 29.70
C SER B 78 18.70 -29.94 30.83
N PRO B 79 17.79 -28.97 30.85
CA PRO B 79 16.83 -28.87 31.96
C PRO B 79 15.86 -30.04 32.00
N ARG B 80 15.30 -30.25 33.19
CA ARG B 80 14.31 -31.30 33.45
C ARG B 80 13.26 -30.78 34.40
N ALA B 81 12.11 -31.45 34.41
CA ALA B 81 11.10 -31.00 35.37
C ALA B 81 11.24 -31.77 36.69
N PRO B 82 11.01 -31.11 37.82
CA PRO B 82 10.99 -31.82 39.11
C PRO B 82 9.94 -32.90 39.12
N GLN B 83 10.33 -34.10 39.55
CA GLN B 83 9.44 -35.26 39.49
C GLN B 83 8.17 -35.06 40.30
N VAL B 84 8.18 -34.15 41.28
CA VAL B 84 6.97 -33.86 42.04
C VAL B 84 5.84 -33.41 41.12
N VAL B 85 6.18 -32.80 39.98
CA VAL B 85 5.16 -32.39 39.01
C VAL B 85 4.29 -33.56 38.59
N PHE B 86 4.92 -34.71 38.37
CA PHE B 86 4.21 -35.90 37.92
C PHE B 86 3.71 -36.76 39.07
N GLU B 87 3.82 -36.27 40.31
CA GLU B 87 3.47 -37.07 41.48
C GLU B 87 2.44 -36.41 42.39
N LEU B 88 1.98 -35.20 42.06
CA LEU B 88 0.99 -34.52 42.89
C LEU B 88 -0.43 -34.99 42.63
N GLY B 89 -0.66 -35.81 41.62
CA GLY B 89 -2.00 -36.19 41.27
C GLY B 89 -2.83 -35.08 40.68
N VAL B 90 -2.19 -34.09 40.07
CA VAL B 90 -2.91 -33.03 39.34
C VAL B 90 -2.54 -33.16 37.86
N PRO B 91 -3.40 -32.73 36.94
CA PRO B 91 -3.06 -32.84 35.52
C PRO B 91 -1.85 -32.00 35.14
N VAL B 92 -1.11 -32.46 34.14
CA VAL B 92 0.07 -31.78 33.63
C VAL B 92 -0.01 -31.73 32.11
N LEU B 93 0.26 -30.55 31.55
CA LEU B 93 0.31 -30.34 30.10
C LEU B 93 1.73 -29.97 29.72
N GLY B 94 2.33 -30.74 28.82
CA GLY B 94 3.65 -30.44 28.30
C GLY B 94 3.54 -29.86 26.89
N ILE B 95 4.17 -28.71 26.69
CA ILE B 95 4.18 -28.04 25.39
C ILE B 95 5.59 -28.13 24.82
N CYS B 96 5.71 -28.82 23.67
CA CYS B 96 6.97 -28.96 22.96
C CYS B 96 8.05 -29.57 23.85
N TYR B 97 9.01 -28.75 24.29
CA TYR B 97 10.02 -29.27 25.20
C TYR B 97 9.39 -29.84 26.46
N GLY B 98 8.29 -29.23 26.93
CA GLY B 98 7.58 -29.79 28.06
C GLY B 98 7.03 -31.18 27.78
N LEU B 99 6.65 -31.44 26.52
CA LEU B 99 6.25 -32.78 26.12
C LEU B 99 7.45 -33.72 26.06
N GLN B 100 8.60 -33.20 25.60
CA GLN B 100 9.78 -34.05 25.43
C GLN B 100 10.35 -34.48 26.77
N THR B 101 10.53 -33.54 27.70
CA THR B 101 11.06 -33.92 29.02
C THR B 101 10.05 -34.74 29.81
N MET B 102 8.75 -34.48 29.63
CA MET B 102 7.74 -35.34 30.24
C MET B 102 7.88 -36.78 29.74
N SER B 103 8.14 -36.93 28.43
CA SER B 103 8.29 -38.27 27.86
C SER B 103 9.53 -38.97 28.41
N GLU B 104 10.67 -38.26 28.43
CA GLU B 104 11.90 -38.84 28.93
C GLU B 104 11.74 -39.30 30.38
N GLN B 105 11.25 -38.42 31.25
CA GLN B 105 11.17 -38.70 32.68
C GLN B 105 10.07 -39.68 33.05
N LEU B 106 9.23 -40.08 32.10
CA LEU B 106 8.15 -41.02 32.38
C LEU B 106 8.31 -42.34 31.64
N GLY B 107 9.47 -42.59 31.04
CA GLY B 107 9.72 -43.83 30.35
C GLY B 107 9.65 -43.79 28.86
N GLY B 108 9.97 -42.66 28.23
CA GLY B 108 9.99 -42.54 26.80
C GLY B 108 11.36 -42.14 26.28
N LYS B 109 11.42 -41.91 24.97
CA LYS B 109 12.66 -41.57 24.29
C LYS B 109 12.39 -40.44 23.31
N VAL B 110 13.35 -39.53 23.21
CA VAL B 110 13.26 -38.36 22.34
C VAL B 110 14.47 -38.36 21.41
N GLU B 111 14.23 -38.42 20.10
CA GLU B 111 15.30 -38.41 19.12
C GLU B 111 15.62 -37.00 18.68
N PRO B 112 16.88 -36.75 18.32
CA PRO B 112 17.23 -35.45 17.74
C PRO B 112 16.60 -35.26 16.37
N GLY B 113 16.33 -34.00 16.04
CA GLY B 113 15.88 -33.64 14.70
C GLY B 113 16.81 -32.61 14.10
N GLU B 117 13.04 -25.99 13.30
CA GLU B 117 12.52 -24.64 13.12
C GLU B 117 10.99 -24.61 13.22
N PHE B 118 10.42 -23.41 13.25
CA PHE B 118 9.00 -23.20 13.44
C PHE B 118 8.27 -23.18 12.10
N GLY B 119 7.01 -23.63 12.12
CA GLY B 119 6.20 -23.62 10.91
C GLY B 119 4.77 -24.04 11.18
N TYR B 120 3.92 -23.74 10.20
CA TYR B 120 2.52 -24.17 10.24
C TYR B 120 2.40 -25.63 9.84
N ALA B 121 1.34 -26.28 10.34
CA ALA B 121 1.08 -27.68 9.99
C ALA B 121 -0.37 -28.01 10.29
N GLU B 122 -0.92 -28.92 9.50
CA GLU B 122 -2.25 -29.46 9.74
C GLU B 122 -2.09 -30.84 10.35
N VAL B 123 -2.36 -30.96 11.65
CA VAL B 123 -2.23 -32.25 12.33
C VAL B 123 -3.53 -33.01 12.20
N ASP B 124 -3.42 -34.33 12.09
CA ASP B 124 -4.58 -35.21 12.06
C ASP B 124 -4.91 -35.65 13.47
N ILE B 125 -6.17 -35.48 13.86
CA ILE B 125 -6.64 -36.00 15.14
C ILE B 125 -6.87 -37.51 14.98
N VAL B 126 -6.19 -38.30 15.80
CA VAL B 126 -6.35 -39.75 15.76
C VAL B 126 -7.09 -40.29 16.99
N LYS B 127 -7.15 -39.53 18.08
CA LYS B 127 -7.94 -39.91 19.24
C LYS B 127 -8.38 -38.65 19.96
N ARG B 128 -9.67 -38.55 20.27
CA ARG B 128 -10.25 -37.36 20.87
C ARG B 128 -10.30 -37.54 22.38
N ASP B 129 -9.24 -37.09 23.05
CA ASP B 129 -9.17 -37.14 24.49
C ASP B 129 -9.87 -35.91 25.07
N GLN B 130 -9.67 -35.65 26.37
CA GLN B 130 -10.27 -34.48 27.00
C GLN B 130 -9.63 -33.17 26.56
N LEU B 131 -8.38 -33.22 26.11
CA LEU B 131 -7.72 -32.00 25.65
C LEU B 131 -8.22 -31.57 24.28
N ILE B 132 -8.19 -32.48 23.31
CA ILE B 132 -8.68 -32.17 21.98
C ILE B 132 -10.20 -32.01 22.00
N GLY B 133 -10.90 -32.91 22.70
CA GLY B 133 -12.34 -32.81 22.80
C GLY B 133 -13.01 -32.91 21.43
N ASN B 134 -14.02 -32.08 21.23
CA ASN B 134 -14.73 -32.02 19.96
C ASN B 134 -14.14 -30.97 19.01
N LEU B 135 -12.95 -30.45 19.33
CA LEU B 135 -12.35 -29.37 18.54
C LEU B 135 -11.85 -29.88 17.19
N GLN B 136 -11.91 -28.99 16.20
CA GLN B 136 -11.32 -29.25 14.90
C GLN B 136 -11.32 -27.94 14.12
N ASP B 137 -10.48 -27.89 13.10
CA ASP B 137 -10.55 -26.85 12.07
C ASP B 137 -11.21 -27.47 10.86
N ARG B 138 -10.44 -27.92 9.87
CA ARG B 138 -11.04 -28.86 8.93
C ARG B 138 -11.34 -30.16 9.66
N GLU B 139 -12.16 -31.00 9.04
CA GLU B 139 -12.70 -32.17 9.73
C GLU B 139 -11.58 -33.05 10.27
N ASN B 140 -11.62 -33.29 11.59
CA ASN B 140 -10.66 -34.16 12.28
C ASN B 140 -9.23 -33.68 12.09
N GLN B 141 -9.05 -32.36 11.97
CA GLN B 141 -7.74 -31.77 11.80
C GLN B 141 -7.61 -30.54 12.69
N LEU B 142 -6.36 -30.14 12.92
CA LEU B 142 -6.07 -28.91 13.67
C LEU B 142 -4.96 -28.16 12.96
N HIS B 143 -5.20 -26.87 12.71
CA HIS B 143 -4.22 -25.95 12.13
C HIS B 143 -3.36 -25.41 13.27
N VAL B 144 -2.09 -25.84 13.31
CA VAL B 144 -1.24 -25.54 14.45
C VAL B 144 0.08 -24.94 13.99
N TRP B 145 0.77 -24.33 14.94
CA TRP B 145 2.10 -23.74 14.78
C TRP B 145 3.09 -24.67 15.47
N MET B 146 3.88 -25.37 14.67
CA MET B 146 4.68 -26.50 15.15
C MET B 146 6.09 -26.05 15.49
N SER B 147 6.68 -26.73 16.48
CA SER B 147 8.12 -26.71 16.70
C SER B 147 8.64 -28.06 16.24
N HIS B 148 9.43 -28.06 15.17
CA HIS B 148 9.95 -29.30 14.62
C HIS B 148 11.16 -29.77 15.42
N GLY B 149 12.25 -30.10 14.74
CA GLY B 149 13.44 -30.48 15.46
C GLY B 149 13.24 -31.80 16.19
N ASP B 150 13.39 -31.77 17.52
CA ASP B 150 13.31 -32.98 18.31
C ASP B 150 11.90 -33.53 18.37
N LYS B 151 11.78 -34.84 18.19
CA LYS B 151 10.51 -35.54 18.23
C LYS B 151 10.57 -36.66 19.27
N VAL B 152 9.40 -37.12 19.69
CA VAL B 152 9.29 -38.25 20.60
C VAL B 152 9.22 -39.52 19.78
N SER B 153 10.21 -40.40 19.96
CA SER B 153 10.25 -41.68 19.25
C SER B 153 9.47 -42.77 19.96
N GLN B 154 9.60 -42.84 21.29
CA GLN B 154 8.86 -43.80 22.10
C GLN B 154 8.05 -43.02 23.12
N ILE B 155 6.72 -43.15 23.03
CA ILE B 155 5.83 -42.53 24.01
C ILE B 155 5.98 -43.31 25.32
N PRO B 156 5.80 -42.68 26.48
CA PRO B 156 5.86 -43.43 27.73
C PRO B 156 4.71 -44.43 27.83
N GLU B 157 4.87 -45.38 28.75
CA GLU B 157 3.83 -46.37 28.97
C GLU B 157 2.58 -45.70 29.52
N GLY B 158 1.43 -46.27 29.19
CA GLY B 158 0.14 -45.70 29.56
C GLY B 158 -0.32 -44.57 28.68
N PHE B 159 0.49 -44.12 27.73
CA PHE B 159 0.15 -43.03 26.84
C PHE B 159 -0.41 -43.56 25.53
N THR B 160 -1.39 -42.84 24.99
CA THR B 160 -1.90 -43.08 23.65
C THR B 160 -1.62 -41.84 22.80
N ILE B 161 -1.16 -42.05 21.57
CA ILE B 161 -0.99 -40.94 20.64
C ILE B 161 -2.37 -40.43 20.23
N THR B 162 -2.57 -39.12 20.34
CA THR B 162 -3.87 -38.52 20.04
C THR B 162 -3.91 -37.71 18.75
N ALA B 163 -2.75 -37.34 18.21
CA ALA B 163 -2.70 -36.55 16.98
C ALA B 163 -1.35 -36.77 16.32
N SER B 164 -1.31 -36.56 15.01
CA SER B 164 -0.13 -36.91 14.23
C SER B 164 -0.09 -36.12 12.93
N THR B 165 1.12 -36.00 12.40
CA THR B 165 1.36 -35.59 11.01
C THR B 165 2.19 -36.66 10.34
N PRO B 166 2.18 -36.71 9.01
CA PRO B 166 3.15 -37.57 8.30
C PRO B 166 4.59 -37.34 8.75
N SER B 167 4.99 -36.06 8.91
CA SER B 167 6.35 -35.74 9.29
C SER B 167 6.60 -35.91 10.79
N CYS B 168 5.57 -35.79 11.62
CA CYS B 168 5.71 -35.89 13.07
C CYS B 168 4.63 -36.84 13.57
N PRO B 169 4.93 -38.15 13.65
CA PRO B 169 3.90 -39.11 14.08
C PRO B 169 3.41 -38.89 15.50
N VAL B 170 4.17 -38.20 16.35
CA VAL B 170 3.76 -37.93 17.71
C VAL B 170 3.53 -36.44 17.89
N ALA B 171 2.35 -35.96 17.50
CA ALA B 171 2.02 -34.55 17.63
C ALA B 171 1.25 -34.23 18.92
N ALA B 172 0.53 -35.20 19.48
CA ALA B 172 -0.17 -34.99 20.73
C ALA B 172 -0.40 -36.33 21.41
N VAL B 173 -0.29 -36.36 22.74
CA VAL B 173 -0.42 -37.58 23.52
C VAL B 173 -1.27 -37.30 24.76
N SER B 174 -1.73 -38.38 25.38
CA SER B 174 -2.44 -38.26 26.65
C SER B 174 -2.41 -39.60 27.37
N ASP B 175 -2.32 -39.53 28.70
CA ASP B 175 -2.50 -40.65 29.61
C ASP B 175 -3.65 -40.21 30.52
N GLU B 176 -4.87 -40.55 30.14
CA GLU B 176 -6.04 -39.99 30.81
C GLU B 176 -6.32 -40.64 32.16
N THR B 177 -5.58 -41.69 32.54
CA THR B 177 -5.68 -42.18 33.92
C THR B 177 -4.82 -41.37 34.87
N ARG B 178 -3.59 -41.03 34.45
CA ARG B 178 -2.73 -40.12 35.20
C ARG B 178 -2.95 -38.66 34.83
N ARG B 179 -3.67 -38.39 33.75
CA ARG B 179 -4.01 -37.03 33.31
C ARG B 179 -2.76 -36.23 32.95
N PHE B 180 -1.87 -36.86 32.18
CA PHE B 180 -0.70 -36.19 31.61
C PHE B 180 -0.94 -35.98 30.12
N TYR B 181 -0.81 -34.74 29.67
CA TYR B 181 -1.09 -34.39 28.28
C TYR B 181 0.11 -33.68 27.68
N GLY B 182 0.28 -33.86 26.37
CA GLY B 182 1.39 -33.22 25.67
C GLY B 182 1.12 -32.90 24.22
N VAL B 183 1.64 -31.76 23.75
CA VAL B 183 1.50 -31.36 22.36
C VAL B 183 2.85 -30.94 21.83
N GLN B 184 3.10 -31.23 20.55
CA GLN B 184 4.33 -30.83 19.86
C GLN B 184 4.20 -29.47 19.20
N PHE B 185 3.05 -28.82 19.34
CA PHE B 185 2.83 -27.48 18.81
C PHE B 185 2.54 -26.53 19.97
N HIS B 186 2.42 -25.23 19.65
CA HIS B 186 2.25 -24.21 20.66
C HIS B 186 0.81 -23.73 20.70
N PRO B 187 -0.02 -24.20 21.64
CA PRO B 187 -1.41 -23.69 21.72
C PRO B 187 -1.50 -22.27 22.25
N GLU B 188 -0.42 -21.71 22.80
CA GLU B 188 -0.50 -20.40 23.41
C GLU B 188 -0.37 -19.25 22.40
N VAL B 189 -0.01 -19.52 21.15
CA VAL B 189 0.22 -18.45 20.17
C VAL B 189 -0.99 -18.33 19.26
N THR B 190 -1.17 -17.15 18.66
CA THR B 190 -2.29 -16.94 17.75
C THR B 190 -2.19 -17.86 16.54
N HIS B 191 -0.97 -18.26 16.15
CA HIS B 191 -0.79 -19.07 14.96
C HIS B 191 -1.51 -20.41 15.03
N THR B 192 -1.80 -20.91 16.24
CA THR B 192 -2.59 -22.12 16.41
C THR B 192 -4.06 -21.73 16.51
N ALA B 193 -4.86 -22.14 15.53
CA ALA B 193 -6.22 -21.61 15.39
C ALA B 193 -7.10 -21.97 16.57
N LYS B 194 -6.93 -23.18 17.12
CA LYS B 194 -7.72 -23.62 18.26
C LYS B 194 -6.94 -23.58 19.56
N GLY B 195 -5.90 -22.74 19.65
CA GLY B 195 -5.05 -22.73 20.82
C GLY B 195 -5.76 -22.31 22.08
N GLU B 196 -6.59 -21.26 22.01
CA GLU B 196 -7.37 -20.85 23.16
C GLU B 196 -8.26 -21.97 23.65
N GLU B 197 -8.94 -22.64 22.72
CA GLU B 197 -9.90 -23.67 23.09
C GLU B 197 -9.22 -24.90 23.68
N LEU B 198 -8.03 -25.25 23.20
CA LEU B 198 -7.29 -26.37 23.79
C LEU B 198 -6.92 -26.05 25.23
N LEU B 199 -6.35 -24.86 25.47
CA LEU B 199 -5.99 -24.48 26.83
C LEU B 199 -7.22 -24.36 27.71
N SER B 200 -8.36 -23.98 27.15
CA SER B 200 -9.59 -23.94 27.93
C SER B 200 -10.02 -25.33 28.35
N ASN B 201 -9.94 -26.31 27.43
CA ASN B 201 -10.23 -27.69 27.80
C ASN B 201 -9.28 -28.18 28.90
N PHE B 202 -8.03 -27.70 28.92
CA PHE B 202 -7.10 -28.18 29.93
C PHE B 202 -7.43 -27.60 31.31
N VAL B 203 -7.61 -26.28 31.39
CA VAL B 203 -7.78 -25.68 32.71
C VAL B 203 -9.16 -25.94 33.29
N HIS B 204 -10.20 -26.02 32.45
CA HIS B 204 -11.57 -26.19 32.93
C HIS B 204 -11.99 -27.65 32.98
N LYS B 205 -12.00 -28.32 31.82
CA LYS B 205 -12.49 -29.68 31.75
C LYS B 205 -11.53 -30.65 32.45
N ILE B 206 -10.24 -30.53 32.17
CA ILE B 206 -9.28 -31.49 32.70
C ILE B 206 -8.91 -31.16 34.14
N CYS B 207 -8.65 -29.88 34.44
CA CYS B 207 -8.20 -29.47 35.77
C CYS B 207 -9.33 -29.04 36.69
N GLY B 208 -10.55 -28.92 36.18
CA GLY B 208 -11.69 -28.59 37.01
C GLY B 208 -11.78 -27.16 37.48
N CYS B 209 -10.97 -26.26 36.94
CA CYS B 209 -10.96 -24.89 37.44
C CYS B 209 -12.21 -24.15 36.97
N GLY B 210 -12.69 -23.26 37.82
CA GLY B 210 -13.81 -22.39 37.50
C GLY B 210 -13.36 -21.19 36.68
N GLY B 211 -14.14 -20.12 36.77
CA GLY B 211 -13.85 -18.94 35.99
C GLY B 211 -14.03 -17.65 36.77
N LEU B 212 -13.51 -17.61 38.00
CA LEU B 212 -13.70 -16.45 38.85
C LEU B 212 -12.67 -15.33 38.62
N TRP B 213 -11.60 -15.59 37.87
CA TRP B 213 -10.57 -14.56 37.67
C TRP B 213 -11.01 -13.67 36.51
N THR B 214 -11.85 -12.69 36.83
CA THR B 214 -12.46 -11.79 35.87
C THR B 214 -12.32 -10.35 36.36
N PRO B 215 -12.37 -9.36 35.45
CA PRO B 215 -12.19 -7.97 35.89
C PRO B 215 -13.11 -7.55 37.03
N GLU B 216 -14.37 -7.97 37.05
CA GLU B 216 -15.27 -7.52 38.10
C GLU B 216 -14.85 -8.06 39.47
N HIS B 217 -14.42 -9.33 39.53
CA HIS B 217 -14.01 -9.90 40.81
C HIS B 217 -12.63 -9.42 41.22
N ILE B 218 -11.73 -9.22 40.25
CA ILE B 218 -10.38 -8.74 40.55
C ILE B 218 -10.43 -7.36 41.20
N ILE B 219 -11.35 -6.51 40.74
CA ILE B 219 -11.52 -5.19 41.34
C ILE B 219 -11.92 -5.33 42.80
N ASP B 220 -12.89 -6.21 43.08
CA ASP B 220 -13.34 -6.37 44.47
C ASP B 220 -12.25 -6.95 45.34
N LEU B 221 -11.50 -7.94 44.84
CA LEU B 221 -10.39 -8.49 45.62
C LEU B 221 -9.33 -7.44 45.89
N ARG B 222 -8.94 -6.69 44.86
CA ARG B 222 -7.82 -5.77 45.00
C ARG B 222 -8.18 -4.57 45.87
N VAL B 223 -9.42 -4.08 45.77
CA VAL B 223 -9.88 -3.01 46.65
C VAL B 223 -9.84 -3.46 48.11
N GLU B 224 -10.31 -4.68 48.36
CA GLU B 224 -10.27 -5.23 49.71
C GLU B 224 -8.84 -5.36 50.22
N GLN B 225 -7.93 -5.87 49.39
CA GLN B 225 -6.53 -6.05 49.80
C GLN B 225 -5.85 -4.71 50.05
N LEU B 226 -6.13 -3.71 49.19
CA LEU B 226 -5.55 -2.38 49.39
C LEU B 226 -6.03 -1.77 50.71
N ARG B 227 -7.31 -1.95 51.04
CA ARG B 227 -7.80 -1.42 52.30
C ARG B 227 -7.16 -2.12 53.49
N GLU B 228 -6.89 -3.41 53.34
CA GLU B 228 -6.21 -4.14 54.41
C GLU B 228 -4.78 -3.66 54.59
N GLN B 229 -4.06 -3.40 53.48
CA GLN B 229 -2.67 -2.98 53.61
C GLN B 229 -2.56 -1.54 54.10
N ILE B 230 -3.41 -0.66 53.58
CA ILE B 230 -3.22 0.76 53.81
C ILE B 230 -3.96 1.27 55.06
N GLY B 231 -5.11 0.69 55.38
CA GLY B 231 -5.87 1.20 56.51
C GLY B 231 -6.33 2.61 56.25
N ASN B 232 -6.17 3.50 57.24
CA ASN B 232 -6.52 4.89 57.06
C ASN B 232 -5.29 5.76 56.77
N GLU B 233 -4.18 5.14 56.37
CA GLU B 233 -2.92 5.85 56.12
C GLU B 233 -2.94 6.54 54.77
N LYS B 234 -2.02 7.50 54.60
CA LYS B 234 -1.90 8.27 53.36
C LYS B 234 -0.99 7.55 52.37
N VAL B 235 -1.29 7.75 51.09
CA VAL B 235 -0.55 7.12 50.00
C VAL B 235 -0.21 8.18 48.96
N LEU B 236 1.04 8.19 48.51
CA LEU B 236 1.52 9.10 47.48
C LEU B 236 1.71 8.33 46.17
N LEU B 237 1.23 8.88 45.07
CA LEU B 237 1.38 8.24 43.76
C LEU B 237 1.99 9.22 42.77
N GLY B 238 3.05 8.80 42.09
CA GLY B 238 3.55 9.55 40.96
C GLY B 238 2.68 9.29 39.75
N LEU B 239 2.05 10.34 39.23
CA LEU B 239 1.05 10.23 38.18
C LEU B 239 1.67 10.74 36.87
N SER B 240 1.79 9.84 35.88
CA SER B 240 2.36 10.23 34.59
C SER B 240 1.31 10.39 33.50
N GLY B 241 0.13 9.79 33.65
CA GLY B 241 -0.81 9.71 32.56
C GLY B 241 -0.75 8.43 31.75
N GLY B 242 0.30 7.61 31.93
CA GLY B 242 0.32 6.31 31.29
C GLY B 242 -0.75 5.39 31.86
N VAL B 243 -1.03 4.31 31.12
CA VAL B 243 -2.12 3.42 31.49
C VAL B 243 -1.95 2.90 32.92
N ASP B 244 -0.74 2.42 33.24
CA ASP B 244 -0.53 1.77 34.52
C ASP B 244 -0.77 2.72 35.69
N SER B 245 -0.20 3.93 35.61
CA SER B 245 -0.42 4.88 36.71
C SER B 245 -1.88 5.34 36.76
N SER B 246 -2.54 5.44 35.61
CA SER B 246 -3.95 5.82 35.59
C SER B 246 -4.81 4.78 36.30
N VAL B 247 -4.56 3.50 36.04
CA VAL B 247 -5.35 2.46 36.67
C VAL B 247 -5.00 2.35 38.16
N VAL B 248 -3.73 2.54 38.51
CA VAL B 248 -3.38 2.59 39.93
C VAL B 248 -4.13 3.73 40.62
N ALA B 249 -4.19 4.90 39.98
CA ALA B 249 -4.86 6.04 40.59
C ALA B 249 -6.34 5.75 40.80
N ALA B 250 -6.99 5.14 39.81
CA ALA B 250 -8.41 4.84 39.93
C ALA B 250 -8.65 3.80 41.03
N LEU B 251 -7.80 2.77 41.10
CA LEU B 251 -8.00 1.75 42.12
C LEU B 251 -7.81 2.33 43.51
N LEU B 252 -6.76 3.14 43.70
CA LEU B 252 -6.52 3.73 45.00
C LEU B 252 -7.65 4.70 45.37
N HIS B 253 -8.10 5.51 44.41
CA HIS B 253 -9.20 6.43 44.69
C HIS B 253 -10.42 5.68 45.20
N LYS B 254 -10.76 4.57 44.53
CA LYS B 254 -11.86 3.73 44.98
C LYS B 254 -11.59 3.15 46.37
N ALA B 255 -10.36 2.67 46.60
CA ALA B 255 -10.08 1.97 47.85
C ALA B 255 -9.92 2.94 49.02
N ILE B 256 -9.18 4.04 48.85
CA ILE B 256 -8.80 4.88 49.98
C ILE B 256 -9.21 6.34 49.83
N GLY B 257 -9.90 6.71 48.75
CA GLY B 257 -10.43 8.06 48.59
C GLY B 257 -9.47 9.21 48.87
N ASP B 258 -9.85 10.07 49.83
CA ASP B 258 -9.08 11.27 50.16
CA ASP B 258 -9.07 11.26 50.14
C ASP B 258 -7.71 10.94 50.73
N GLN B 259 -7.43 9.68 51.07
CA GLN B 259 -6.11 9.34 51.58
C GLN B 259 -5.04 9.35 50.50
N LEU B 260 -5.44 9.41 49.23
CA LEU B 260 -4.51 9.42 48.11
C LEU B 260 -4.10 10.85 47.76
N THR B 261 -2.80 11.05 47.55
CA THR B 261 -2.27 12.27 46.96
C THR B 261 -1.42 11.90 45.76
N CYS B 262 -1.66 12.55 44.63
CA CYS B 262 -0.85 12.36 43.43
C CYS B 262 0.03 13.57 43.19
N VAL B 263 1.23 13.31 42.66
CA VAL B 263 2.15 14.34 42.21
C VAL B 263 2.39 14.09 40.73
N PHE B 264 2.12 15.10 39.92
CA PHE B 264 2.39 15.07 38.50
C PHE B 264 3.48 16.09 38.20
N VAL B 265 4.50 15.66 37.44
CA VAL B 265 5.66 16.50 37.11
C VAL B 265 5.63 16.79 35.63
N ASP B 266 5.49 18.07 35.27
CA ASP B 266 5.69 18.50 33.90
C ASP B 266 7.17 18.80 33.74
N ASN B 267 7.89 17.91 33.07
CA ASN B 267 9.33 18.02 32.90
C ASN B 267 9.71 18.82 31.67
N GLY B 268 8.75 19.49 31.03
CA GLY B 268 9.01 20.18 29.79
C GLY B 268 9.26 19.27 28.59
N LEU B 269 9.17 17.95 28.77
CA LEU B 269 9.42 16.99 27.70
C LEU B 269 8.17 16.17 27.38
N LEU B 270 7.00 16.74 27.66
CA LEU B 270 5.74 16.06 27.41
C LEU B 270 5.13 16.57 26.11
N ARG B 271 4.10 15.88 25.67
CA ARG B 271 3.43 16.30 24.45
CA ARG B 271 3.35 16.25 24.47
C ARG B 271 2.55 17.53 24.72
N LEU B 272 2.06 18.11 23.62
CA LEU B 272 1.29 19.34 23.66
C LEU B 272 0.11 19.22 24.62
N ASN B 273 0.02 20.16 25.57
CA ASN B 273 -1.07 20.23 26.55
C ASN B 273 -1.17 19.00 27.45
N GLU B 274 -0.11 18.19 27.55
CA GLU B 274 -0.24 16.93 28.28
C GLU B 274 -0.50 17.18 29.76
N GLY B 275 0.16 18.19 30.34
CA GLY B 275 -0.06 18.48 31.75
C GLY B 275 -1.48 18.92 32.04
N ASP B 276 -2.02 19.82 31.19
CA ASP B 276 -3.41 20.24 31.36
C ASP B 276 -4.36 19.06 31.28
N GLN B 277 -4.06 18.07 30.43
CA GLN B 277 -4.96 16.94 30.26
C GLN B 277 -4.91 16.01 31.47
N VAL B 278 -3.72 15.83 32.05
CA VAL B 278 -3.61 15.06 33.29
C VAL B 278 -4.45 15.71 34.40
N MET B 279 -4.32 17.02 34.57
CA MET B 279 -5.10 17.72 35.60
C MET B 279 -6.60 17.65 35.30
N GLN B 280 -6.97 17.84 34.04
CA GLN B 280 -8.39 17.81 33.67
C GLN B 280 -9.02 16.46 34.02
N MET B 281 -8.34 15.37 33.69
CA MET B 281 -8.94 14.06 33.89
CA MET B 281 -8.94 14.06 33.89
C MET B 281 -8.87 13.61 35.34
N PHE B 282 -7.72 13.79 35.99
CA PHE B 282 -7.56 13.20 37.32
C PHE B 282 -8.03 14.12 38.44
N ALA B 283 -7.66 15.41 38.39
CA ALA B 283 -8.10 16.32 39.43
C ALA B 283 -9.53 16.80 39.19
N GLU B 284 -9.82 17.27 37.99
CA GLU B 284 -11.14 17.84 37.71
C GLU B 284 -12.20 16.76 37.57
N ASN B 285 -12.00 15.83 36.62
CA ASN B 285 -13.04 14.85 36.33
C ASN B 285 -13.18 13.82 37.45
N MET B 286 -12.06 13.25 37.89
CA MET B 286 -12.10 12.15 38.85
C MET B 286 -12.00 12.59 40.30
N GLY B 287 -11.76 13.88 40.55
CA GLY B 287 -11.76 14.39 41.91
C GLY B 287 -10.61 13.94 42.78
N ILE B 288 -9.50 13.55 42.19
CA ILE B 288 -8.33 13.10 42.92
C ILE B 288 -7.45 14.31 43.23
N ARG B 289 -6.80 14.30 44.39
CA ARG B 289 -5.83 15.33 44.73
C ARG B 289 -4.58 15.15 43.89
N VAL B 290 -4.28 16.13 43.03
CA VAL B 290 -3.10 16.08 42.18
C VAL B 290 -2.30 17.36 42.37
N ILE B 291 -1.05 17.22 42.75
CA ILE B 291 -0.14 18.33 42.88
CA ILE B 291 -0.13 18.33 42.88
C ILE B 291 0.68 18.42 41.59
N ARG B 292 0.59 19.55 40.90
CA ARG B 292 1.27 19.76 39.63
C ARG B 292 2.58 20.51 39.86
N ALA B 293 3.70 19.87 39.52
CA ALA B 293 5.00 20.51 39.57
C ALA B 293 5.38 20.92 38.15
N ASP B 294 5.40 22.23 37.91
CA ASP B 294 5.79 22.76 36.59
C ASP B 294 7.31 22.95 36.59
N ALA B 295 8.01 22.03 35.95
CA ALA B 295 9.46 21.97 36.05
C ALA B 295 10.16 22.09 34.70
N GLU B 296 9.49 22.68 33.70
CA GLU B 296 10.08 22.78 32.35
C GLU B 296 11.45 23.46 32.41
N ALA B 297 11.52 24.63 33.04
CA ALA B 297 12.76 25.42 33.02
C ALA B 297 13.91 24.63 33.65
N ARG B 298 13.63 23.94 34.75
CA ARG B 298 14.64 23.17 35.45
C ARG B 298 15.24 22.09 34.56
N PHE B 299 14.39 21.36 33.83
CA PHE B 299 14.88 20.29 32.96
C PHE B 299 15.60 20.86 31.75
N LEU B 300 15.08 21.93 31.15
CA LEU B 300 15.75 22.54 30.01
C LEU B 300 17.10 23.15 30.40
N ASN B 301 17.19 23.75 31.59
CA ASN B 301 18.47 24.32 32.04
C ASN B 301 19.49 23.23 32.25
N ALA B 302 19.07 22.08 32.78
CA ALA B 302 19.98 20.97 33.00
C ALA B 302 20.38 20.28 31.69
N LEU B 303 19.55 20.37 30.65
CA LEU B 303 19.82 19.72 29.37
C LEU B 303 20.56 20.60 28.37
N ALA B 304 20.54 21.91 28.55
CA ALA B 304 21.20 22.83 27.62
C ALA B 304 22.64 22.40 27.39
N GLY B 305 23.04 22.37 26.12
CA GLY B 305 24.41 22.06 25.76
C GLY B 305 24.82 20.60 25.90
N VAL B 306 23.91 19.71 26.22
CA VAL B 306 24.23 18.29 26.43
C VAL B 306 23.79 17.54 25.19
N THR B 307 24.75 16.98 24.44
CA THR B 307 24.41 16.30 23.20
C THR B 307 24.38 14.78 23.31
N ASP B 308 25.09 14.21 24.28
CA ASP B 308 25.18 12.74 24.38
C ASP B 308 23.85 12.16 24.84
N PRO B 309 23.27 11.19 24.12
CA PRO B 309 21.95 10.66 24.51
C PRO B 309 21.93 9.92 25.83
N GLU B 310 22.99 9.17 26.16
CA GLU B 310 23.04 8.53 27.47
C GLU B 310 23.10 9.58 28.58
N ALA B 311 23.85 10.65 28.34
CA ALA B 311 23.95 11.72 29.33
C ALA B 311 22.61 12.43 29.50
N LYS B 312 21.88 12.63 28.40
CA LYS B 312 20.54 13.21 28.49
C LYS B 312 19.61 12.35 29.33
N ARG B 313 19.57 11.05 29.06
CA ARG B 313 18.72 10.14 29.84
C ARG B 313 19.07 10.18 31.32
N LYS B 314 20.36 10.20 31.63
CA LYS B 314 20.79 10.23 33.03
C LYS B 314 20.37 11.53 33.71
N ILE B 315 20.52 12.65 33.01
CA ILE B 315 20.12 13.95 33.54
C ILE B 315 18.61 13.99 33.80
N ILE B 316 17.83 13.53 32.83
CA ILE B 316 16.37 13.58 32.96
C ILE B 316 15.90 12.72 34.12
N GLY B 317 16.45 11.51 34.24
CA GLY B 317 16.05 10.63 35.33
C GLY B 317 16.43 11.19 36.69
N ARG B 318 17.60 11.82 36.77
CA ARG B 318 18.04 12.39 38.04
C ARG B 318 17.18 13.58 38.45
N GLU B 319 16.93 14.51 37.51
CA GLU B 319 16.16 15.68 37.86
C GLU B 319 14.72 15.30 38.22
N PHE B 320 14.16 14.31 37.53
CA PHE B 320 12.80 13.88 37.84
C PHE B 320 12.70 13.41 39.29
N ILE B 321 13.64 12.57 39.72
CA ILE B 321 13.64 12.06 41.10
C ILE B 321 13.81 13.21 42.08
N GLU B 322 14.63 14.18 41.74
CA GLU B 322 14.84 15.34 42.61
C GLU B 322 13.56 16.15 42.74
N VAL B 323 12.89 16.43 41.61
CA VAL B 323 11.63 17.18 41.68
C VAL B 323 10.59 16.40 42.48
N PHE B 324 10.50 15.10 42.22
CA PHE B 324 9.52 14.29 42.94
C PHE B 324 9.80 14.29 44.44
N ALA B 325 11.08 14.18 44.82
CA ALA B 325 11.43 14.17 46.24
C ALA B 325 11.10 15.51 46.90
N GLU B 326 11.37 16.62 46.22
CA GLU B 326 11.04 17.93 46.79
C GLU B 326 9.54 18.07 47.00
N GLU B 327 8.73 17.52 46.10
CA GLU B 327 7.28 17.56 46.27
C GLU B 327 6.84 16.61 47.38
N ALA B 328 7.47 15.43 47.45
CA ALA B 328 7.12 14.48 48.51
C ALA B 328 7.40 15.05 49.89
N ARG B 329 8.46 15.83 50.02
CA ARG B 329 8.80 16.40 51.32
C ARG B 329 7.76 17.42 51.80
N LYS B 330 6.98 18.01 50.90
CA LYS B 330 5.99 18.99 51.33
C LYS B 330 4.77 18.34 51.97
N LEU B 331 4.59 17.04 51.81
CA LEU B 331 3.40 16.37 52.33
C LEU B 331 3.63 15.95 53.78
N ASP B 332 2.54 15.87 54.53
CA ASP B 332 2.60 15.58 55.96
C ASP B 332 2.14 14.15 56.22
N GLY B 333 3.01 13.34 56.81
CA GLY B 333 2.64 12.04 57.33
C GLY B 333 2.16 11.05 56.31
N VAL B 334 2.93 10.85 55.25
CA VAL B 334 2.60 9.90 54.18
C VAL B 334 3.40 8.63 54.42
N LYS B 335 2.70 7.51 54.61
CA LYS B 335 3.36 6.24 54.91
C LYS B 335 3.69 5.44 53.66
N PHE B 336 2.89 5.53 52.60
CA PHE B 336 3.02 4.63 51.45
C PHE B 336 3.36 5.38 50.18
N LEU B 337 4.20 4.76 49.36
CA LEU B 337 4.40 5.17 47.97
C LEU B 337 3.85 4.08 47.06
N ALA B 338 2.92 4.44 46.19
CA ALA B 338 2.35 3.48 45.24
C ALA B 338 3.07 3.59 43.91
N GLN B 339 3.19 2.45 43.22
CA GLN B 339 3.85 2.38 41.93
C GLN B 339 3.06 1.46 41.00
N GLY B 340 3.31 1.61 39.69
CA GLY B 340 2.55 0.91 38.68
C GLY B 340 3.16 -0.39 38.21
N THR B 341 3.95 -1.03 39.07
CA THR B 341 4.56 -2.33 38.75
C THR B 341 3.50 -3.33 38.31
N ILE B 342 3.78 -4.03 37.21
CA ILE B 342 2.89 -5.07 36.68
C ILE B 342 3.64 -6.40 36.71
N TYR B 343 2.90 -7.47 36.47
CA TYR B 343 3.47 -8.81 36.61
C TYR B 343 4.66 -9.05 35.69
N PRO B 344 4.67 -8.62 34.42
CA PRO B 344 5.91 -8.72 33.62
C PRO B 344 7.14 -8.11 34.28
N ASP B 345 6.98 -7.01 35.02
CA ASP B 345 8.12 -6.41 35.72
C ASP B 345 8.71 -7.35 36.75
N VAL B 346 7.88 -8.21 37.35
CA VAL B 346 8.31 -9.06 38.47
C VAL B 346 8.51 -10.50 38.04
N ILE B 347 7.88 -10.95 36.95
CA ILE B 347 7.69 -12.38 36.69
C ILE B 347 9.03 -13.11 36.61
N GLU B 348 9.04 -14.35 37.08
CA GLU B 348 10.26 -15.14 37.13
C GLU B 348 10.38 -15.96 35.85
N SER B 349 11.46 -15.71 35.11
CA SER B 349 11.75 -16.41 33.86
C SER B 349 12.86 -17.43 34.10
N ALA B 350 12.99 -18.37 33.18
CA ALA B 350 14.17 -19.24 33.19
C ALA B 350 15.44 -18.42 32.98
N ALA B 351 15.33 -17.31 32.26
CA ALA B 351 16.47 -16.43 31.99
C ALA B 351 16.64 -15.35 33.04
N SER B 352 15.54 -14.81 33.59
CA SER B 352 15.66 -13.80 34.65
C SER B 352 16.20 -14.40 35.94
N LYS B 353 15.93 -15.69 36.18
CA LYS B 353 16.51 -16.37 37.33
C LYS B 353 18.01 -16.60 37.17
N GLN B 354 18.50 -16.63 35.94
CA GLN B 354 19.93 -16.81 35.69
C GLN B 354 20.76 -15.63 36.18
N GLY B 355 20.12 -14.49 36.45
CA GLY B 355 20.82 -13.32 36.95
C GLY B 355 20.48 -13.02 38.39
N ASN B 365 16.56 2.44 48.21
CA ASN B 365 15.46 3.14 48.88
C ASN B 365 14.23 3.16 47.99
N VAL B 366 13.05 3.00 48.61
CA VAL B 366 11.80 2.88 47.88
C VAL B 366 11.61 4.09 46.97
N GLY B 367 11.30 3.82 45.70
CA GLY B 367 11.17 4.86 44.70
C GLY B 367 12.46 5.49 44.25
N GLY B 368 13.61 4.97 44.69
CA GLY B 368 14.87 5.59 44.38
C GLY B 368 15.08 6.94 45.04
N LEU B 369 14.33 7.25 46.08
CA LEU B 369 14.29 8.58 46.69
C LEU B 369 15.47 8.78 47.65
N PRO B 370 15.73 10.03 48.03
CA PRO B 370 16.72 10.31 49.08
C PRO B 370 16.36 9.63 50.40
N ASP B 371 17.37 9.52 51.28
CA ASP B 371 17.23 8.72 52.49
C ASP B 371 16.19 9.27 53.45
N ASP B 372 15.96 10.58 53.45
CA ASP B 372 14.98 11.16 54.38
C ASP B 372 13.56 10.75 54.04
N LEU B 373 13.31 10.24 52.84
CA LEU B 373 12.00 9.78 52.41
C LEU B 373 11.98 8.27 52.50
N ALA B 374 11.24 7.73 53.45
CA ALA B 374 11.16 6.29 53.71
C ALA B 374 9.69 5.88 53.63
N PHE B 375 9.28 5.39 52.47
CA PHE B 375 7.92 4.93 52.26
C PHE B 375 7.87 3.42 52.18
N GLU B 376 6.72 2.85 52.51
CA GLU B 376 6.40 1.46 52.21
C GLU B 376 5.73 1.40 50.83
N LEU B 377 6.05 0.36 50.08
CA LEU B 377 5.63 0.24 48.69
C LEU B 377 4.24 -0.37 48.58
N VAL B 378 3.38 0.26 47.77
CA VAL B 378 2.09 -0.27 47.38
C VAL B 378 2.12 -0.51 45.88
N GLU B 379 1.81 -1.72 45.44
CA GLU B 379 1.87 -2.09 44.02
C GLU B 379 0.59 -2.84 43.63
N PRO B 380 -0.50 -2.12 43.37
CA PRO B 380 -1.79 -2.80 43.15
C PRO B 380 -1.92 -3.58 41.84
N LEU B 381 -0.97 -3.47 40.92
CA LEU B 381 -1.04 -4.19 39.64
C LEU B 381 0.01 -5.28 39.52
N ARG B 382 0.73 -5.57 40.61
CA ARG B 382 1.95 -6.36 40.48
C ARG B 382 1.69 -7.81 40.07
N ASP B 383 0.46 -8.30 40.22
CA ASP B 383 0.13 -9.65 39.80
C ASP B 383 -0.68 -9.68 38.50
N LEU B 384 -0.71 -8.58 37.75
CA LEU B 384 -1.56 -8.46 36.57
C LEU B 384 -0.72 -8.26 35.31
N PHE B 385 -1.15 -8.90 34.23
CA PHE B 385 -0.57 -8.63 32.93
C PHE B 385 -1.16 -7.35 32.34
N LYS B 386 -0.50 -6.84 31.29
CA LYS B 386 -0.87 -5.56 30.70
C LYS B 386 -2.33 -5.53 30.27
N ASP B 387 -2.78 -6.59 29.58
CA ASP B 387 -4.17 -6.59 29.12
CA ASP B 387 -4.17 -6.61 29.12
C ASP B 387 -5.14 -6.65 30.29
N GLU B 388 -4.78 -7.33 31.38
CA GLU B 388 -5.65 -7.34 32.55
C GLU B 388 -5.75 -5.96 33.19
N VAL B 389 -4.65 -5.19 33.16
CA VAL B 389 -4.67 -3.83 33.67
C VAL B 389 -5.66 -2.99 32.87
N ARG B 390 -5.60 -3.10 31.54
CA ARG B 390 -6.52 -2.36 30.70
C ARG B 390 -7.97 -2.77 30.96
N LYS B 391 -8.25 -4.07 31.11
CA LYS B 391 -9.61 -4.50 31.38
C LYS B 391 -10.09 -3.97 32.73
N LEU B 392 -9.20 -3.92 33.71
CA LEU B 392 -9.57 -3.34 35.00
C LEU B 392 -9.97 -1.88 34.84
N GLY B 393 -9.15 -1.12 34.10
CA GLY B 393 -9.45 0.28 33.90
C GLY B 393 -10.77 0.48 33.17
N THR B 394 -11.02 -0.32 32.14
CA THR B 394 -12.28 -0.21 31.43
C THR B 394 -13.44 -0.52 32.37
N THR B 395 -13.32 -1.57 33.19
CA THR B 395 -14.39 -1.91 34.13
C THR B 395 -14.68 -0.76 35.08
N LEU B 396 -13.65 -0.05 35.53
CA LEU B 396 -13.83 1.09 36.43
C LEU B 396 -14.36 2.34 35.72
N GLY B 397 -14.53 2.30 34.39
CA GLY B 397 -15.08 3.43 33.66
C GLY B 397 -14.07 4.38 33.05
N LEU B 398 -12.78 4.08 33.10
CA LEU B 398 -11.81 4.95 32.45
C LEU B 398 -12.03 4.95 30.94
N PRO B 399 -11.87 6.09 30.27
CA PRO B 399 -12.21 6.16 28.86
C PRO B 399 -11.20 5.43 27.97
N HIS B 400 -11.68 5.06 26.79
CA HIS B 400 -10.85 4.34 25.81
C HIS B 400 -9.53 5.07 25.54
N SER B 401 -9.59 6.40 25.38
CA SER B 401 -8.39 7.13 25.02
C SER B 401 -7.31 7.03 26.10
N MET B 402 -7.71 6.86 27.35
CA MET B 402 -6.74 6.72 28.43
C MET B 402 -6.19 5.30 28.51
N ILE B 403 -7.07 4.30 28.37
CA ILE B 403 -6.69 2.91 28.56
C ILE B 403 -5.88 2.38 27.38
N TYR B 404 -6.16 2.85 26.17
CA TYR B 404 -5.48 2.34 24.99
C TYR B 404 -4.37 3.27 24.50
N ARG B 405 -3.86 4.14 25.35
CA ARG B 405 -2.78 5.04 24.94
C ARG B 405 -1.49 4.25 24.72
N HIS B 406 -0.76 4.61 23.67
CA HIS B 406 0.54 4.00 23.44
C HIS B 406 1.49 4.33 24.59
N PRO B 407 2.50 3.50 24.84
CA PRO B 407 3.48 3.85 25.86
C PRO B 407 4.23 5.11 25.51
N PHE B 408 4.72 5.77 26.54
CA PHE B 408 5.49 7.00 26.41
C PHE B 408 6.73 6.82 27.27
N PRO B 409 7.92 7.01 26.71
CA PRO B 409 9.14 6.74 27.47
C PRO B 409 9.32 7.70 28.64
N GLY B 410 9.99 7.21 29.68
CA GLY B 410 10.33 8.02 30.83
C GLY B 410 10.94 9.37 30.47
N PRO B 411 11.99 9.35 29.64
CA PRO B 411 12.62 10.62 29.22
C PRO B 411 11.79 11.47 28.26
N GLY B 412 10.60 11.02 27.86
CA GLY B 412 9.69 11.79 27.03
C GLY B 412 10.31 12.24 25.72
N LEU B 413 9.97 13.46 25.31
CA LEU B 413 10.57 14.03 24.09
C LEU B 413 12.08 14.16 24.19
N GLY B 414 12.64 14.02 25.40
CA GLY B 414 14.09 14.04 25.57
C GLY B 414 14.82 13.07 24.66
N VAL B 415 14.22 11.92 24.36
CA VAL B 415 14.85 10.94 23.46
C VAL B 415 14.22 10.98 22.06
N ARG B 416 13.42 11.99 21.77
CA ARG B 416 12.83 12.19 20.45
C ARG B 416 13.29 13.49 19.81
N ILE B 417 14.25 14.16 20.43
CA ILE B 417 14.93 15.34 19.89
C ILE B 417 16.39 14.96 19.80
N LEU B 418 16.91 14.77 18.58
CA LEU B 418 18.24 14.19 18.44
C LEU B 418 19.30 15.22 18.86
N GLY B 419 20.20 14.80 19.73
CA GLY B 419 21.22 15.72 20.21
C GLY B 419 20.66 16.69 21.24
N GLU B 420 21.12 17.93 21.21
CA GLU B 420 20.76 18.88 22.26
C GLU B 420 19.26 19.20 22.26
N VAL B 421 18.65 19.17 23.45
CA VAL B 421 17.25 19.51 23.62
C VAL B 421 17.16 21.00 23.90
N LYS B 422 16.45 21.73 23.05
CA LYS B 422 16.17 23.15 23.22
C LYS B 422 14.66 23.35 23.28
N LYS B 423 14.22 24.33 24.07
CA LYS B 423 12.80 24.66 24.12
C LYS B 423 12.25 24.89 22.71
N GLU B 424 13.01 25.59 21.86
CA GLU B 424 12.58 25.85 20.49
C GLU B 424 12.27 24.55 19.76
N TYR B 425 13.11 23.54 19.93
CA TYR B 425 12.90 22.27 19.25
C TYR B 425 11.72 21.51 19.84
N ALA B 426 11.61 21.51 21.18
CA ALA B 426 10.53 20.80 21.84
C ALA B 426 9.18 21.39 21.45
N ASP B 427 9.09 22.71 21.35
CA ASP B 427 7.83 23.34 20.96
C ASP B 427 7.44 22.94 19.55
N ILE B 428 8.40 22.98 18.62
CA ILE B 428 8.12 22.56 17.24
C ILE B 428 7.68 21.12 17.21
N LEU B 429 8.45 20.25 17.88
CA LEU B 429 8.11 18.84 17.90
C LEU B 429 6.72 18.61 18.46
N ARG B 430 6.34 19.32 19.54
CA ARG B 430 5.00 19.15 20.09
C ARG B 430 3.94 19.47 19.05
N LEU B 431 4.17 20.49 18.22
CA LEU B 431 3.18 20.85 17.20
C LEU B 431 3.06 19.75 16.15
N ALA B 432 4.20 19.22 15.70
CA ALA B 432 4.17 18.22 14.65
C ALA B 432 3.62 16.90 15.17
N ASP B 433 4.03 16.51 16.38
CA ASP B 433 3.52 15.28 16.98
C ASP B 433 2.01 15.36 17.17
N ASP B 434 1.52 16.53 17.57
CA ASP B 434 0.08 16.68 17.79
C ASP B 434 -0.69 16.52 16.49
N ILE B 435 -0.18 17.09 15.39
CA ILE B 435 -0.80 16.87 14.10
C ILE B 435 -0.83 15.39 13.76
N PHE B 436 0.29 14.69 13.97
CA PHE B 436 0.35 13.26 13.72
C PHE B 436 -0.72 12.52 14.53
N MET B 437 -0.81 12.81 15.83
CA MET B 437 -1.79 12.13 16.68
C MET B 437 -3.21 12.45 16.23
N GLN B 438 -3.48 13.70 15.89
CA GLN B 438 -4.82 14.09 15.46
C GLN B 438 -5.27 13.24 14.27
N GLU B 439 -4.40 13.11 13.27
CA GLU B 439 -4.78 12.37 12.07
C GLU B 439 -4.89 10.88 12.35
N LEU B 440 -4.03 10.35 13.21
CA LEU B 440 -4.15 8.94 13.57
C LEU B 440 -5.45 8.66 14.31
N ARG B 441 -5.80 9.51 15.28
CA ARG B 441 -7.04 9.27 16.02
C ARG B 441 -8.25 9.53 15.14
N ASP B 442 -8.22 10.58 14.32
CA ASP B 442 -9.34 10.90 13.45
C ASP B 442 -9.62 9.76 12.47
N SER B 443 -8.58 9.24 11.82
CA SER B 443 -8.69 8.24 10.78
C SER B 443 -8.89 6.82 11.32
N GLY B 444 -8.77 6.61 12.62
CA GLY B 444 -8.87 5.28 13.17
C GLY B 444 -7.58 4.48 13.21
N TRP B 445 -6.47 5.04 12.75
CA TRP B 445 -5.23 4.28 12.71
C TRP B 445 -4.41 4.34 14.00
N TYR B 446 -4.74 5.24 14.93
CA TYR B 446 -4.04 5.25 16.22
C TYR B 446 -4.10 3.87 16.88
N ASP B 447 -5.31 3.31 16.99
CA ASP B 447 -5.46 1.98 17.59
C ASP B 447 -4.95 0.86 16.68
N LYS B 448 -4.64 1.14 15.41
CA LYS B 448 -4.06 0.16 14.50
C LYS B 448 -2.53 0.18 14.49
N THR B 449 -1.91 0.95 15.37
CA THR B 449 -0.48 0.89 15.62
C THR B 449 -0.24 0.62 17.10
N ALA B 450 0.95 0.09 17.41
CA ALA B 450 1.32 -0.11 18.80
C ALA B 450 2.05 1.09 19.39
N GLN B 451 2.59 1.94 18.53
CA GLN B 451 3.38 3.07 18.96
C GLN B 451 3.53 4.02 17.78
N ALA B 452 3.36 5.31 18.03
CA ALA B 452 3.52 6.31 16.97
C ALA B 452 3.93 7.63 17.59
N PHE B 453 4.89 8.30 16.96
CA PHE B 453 5.37 9.57 17.49
C PHE B 453 6.20 10.27 16.44
N ALA B 454 6.36 11.58 16.63
CA ALA B 454 7.22 12.37 15.77
C ALA B 454 8.59 12.54 16.43
N VAL B 455 9.61 12.74 15.61
CA VAL B 455 10.99 12.91 16.04
C VAL B 455 11.52 14.19 15.44
N PHE B 456 12.24 14.97 16.25
CA PHE B 456 12.87 16.20 15.76
C PHE B 456 14.31 15.89 15.35
N GLN B 457 14.61 16.08 14.05
CA GLN B 457 15.96 15.98 13.54
C GLN B 457 16.51 17.38 13.34
N PRO B 458 17.63 17.73 13.96
CA PRO B 458 18.19 19.08 13.78
C PRO B 458 18.96 19.22 12.47
N VAL B 459 18.30 18.88 11.36
CA VAL B 459 18.81 19.13 10.01
C VAL B 459 17.74 19.86 9.23
N LYS B 460 18.16 20.57 8.20
CA LYS B 460 17.28 21.42 7.41
C LYS B 460 17.27 20.98 5.95
N SER B 461 16.17 21.30 5.27
CA SER B 461 16.06 21.09 3.83
C SER B 461 15.27 22.23 3.24
N VAL B 462 15.36 22.36 1.93
CA VAL B 462 14.68 23.43 1.21
C VAL B 462 13.20 23.08 1.02
N GLY B 463 12.36 24.10 1.00
CA GLY B 463 10.97 23.98 0.59
C GLY B 463 10.54 25.20 -0.20
N VAL B 464 9.26 25.32 -0.52
CA VAL B 464 8.77 26.48 -1.25
C VAL B 464 7.75 27.28 -0.43
N GLY B 468 8.41 31.77 -2.68
CA GLY B 468 9.54 31.99 -1.79
C GLY B 468 10.15 30.69 -1.25
N ARG B 469 11.46 30.71 -1.07
CA ARG B 469 12.18 29.54 -0.58
C ARG B 469 12.06 29.42 0.94
N ARG B 470 11.86 28.20 1.41
CA ARG B 470 11.93 27.88 2.83
C ARG B 470 13.15 27.01 3.08
N TYR B 471 13.83 27.24 4.19
CA TYR B 471 14.94 26.40 4.63
C TYR B 471 14.69 26.11 6.12
N ALA B 472 14.24 24.90 6.44
CA ALA B 472 13.72 24.63 7.78
C ALA B 472 13.90 23.16 8.13
N TRP B 473 13.44 22.78 9.32
CA TRP B 473 13.76 21.50 9.92
C TRP B 473 13.03 20.34 9.24
N VAL B 474 13.61 19.15 9.36
CA VAL B 474 13.02 17.92 8.82
C VAL B 474 12.51 17.08 9.99
N ILE B 475 11.20 16.85 10.02
CA ILE B 475 10.56 16.02 11.04
C ILE B 475 10.51 14.58 10.55
N ALA B 476 10.74 13.63 11.46
CA ALA B 476 10.56 12.21 11.17
C ALA B 476 9.35 11.68 11.94
N LEU B 477 8.60 10.80 11.28
CA LEU B 477 7.46 10.11 11.88
C LEU B 477 7.84 8.65 12.14
N ARG B 478 7.49 8.16 13.32
CA ARG B 478 7.78 6.79 13.71
C ARG B 478 6.46 6.11 14.09
N ALA B 479 6.21 4.94 13.52
CA ALA B 479 5.02 4.17 13.85
C ALA B 479 5.35 2.71 13.60
N VAL B 480 5.02 1.84 14.55
CA VAL B 480 5.36 0.44 14.48
C VAL B 480 4.14 -0.41 14.79
N GLU B 481 4.15 -1.64 14.29
CA GLU B 481 3.20 -2.69 14.62
C GLU B 481 3.97 -3.78 15.37
N THR B 482 3.42 -4.23 16.49
CA THR B 482 4.06 -5.25 17.32
C THR B 482 3.08 -5.70 18.39
N VAL B 483 3.28 -6.91 18.90
CA VAL B 483 2.50 -7.42 20.02
C VAL B 483 3.32 -7.34 21.31
N ASP B 484 4.63 -7.53 21.19
CA ASP B 484 5.49 -7.68 22.36
C ASP B 484 6.57 -6.61 22.50
N PHE B 485 6.81 -5.80 21.46
CA PHE B 485 7.89 -4.81 21.37
C PHE B 485 9.28 -5.45 21.29
N MET B 486 9.36 -6.78 21.26
CA MET B 486 10.65 -7.43 21.03
C MET B 486 10.99 -7.51 19.55
N THR B 487 9.98 -7.66 18.69
CA THR B 487 10.12 -7.49 17.25
C THR B 487 9.00 -6.58 16.77
N ALA B 488 9.35 -5.59 15.95
CA ALA B 488 8.37 -4.61 15.50
C ALA B 488 8.67 -4.22 14.07
N ARG B 489 7.61 -4.13 13.25
CA ARG B 489 7.73 -3.70 11.87
C ARG B 489 7.19 -2.28 11.75
N PHE B 490 7.77 -1.51 10.83
CA PHE B 490 7.24 -0.17 10.62
C PHE B 490 5.82 -0.28 10.06
N ALA B 491 4.96 0.64 10.46
CA ALA B 491 3.52 0.42 10.30
C ALA B 491 3.09 0.56 8.83
N HIS B 492 2.06 -0.21 8.48
CA HIS B 492 1.43 -0.19 7.16
C HIS B 492 0.40 0.94 7.06
N LEU B 493 0.78 2.16 7.40
CA LEU B 493 -0.13 3.29 7.27
C LEU B 493 -0.51 3.51 5.80
N PRO B 494 -1.78 3.83 5.51
CA PRO B 494 -2.16 4.09 4.11
C PRO B 494 -1.35 5.24 3.54
N TYR B 495 -1.02 5.12 2.25
CA TYR B 495 -0.29 6.18 1.56
C TYR B 495 -0.94 7.54 1.74
N GLU B 496 -2.27 7.61 1.53
CA GLU B 496 -2.88 8.93 1.50
C GLU B 496 -2.98 9.54 2.89
N LEU B 497 -3.02 8.70 3.92
CA LEU B 497 -3.00 9.21 5.29
C LEU B 497 -1.64 9.84 5.59
N VAL B 498 -0.55 9.13 5.28
CA VAL B 498 0.79 9.69 5.49
C VAL B 498 0.95 10.98 4.70
N ASP B 499 0.49 11.00 3.45
CA ASP B 499 0.55 12.22 2.65
C ASP B 499 -0.25 13.35 3.30
N LYS B 500 -1.42 13.02 3.85
CA LYS B 500 -2.22 14.05 4.53
C LYS B 500 -1.49 14.58 5.76
N ILE B 501 -0.82 13.71 6.51
CA ILE B 501 -0.10 14.14 7.71
C ILE B 501 1.10 15.01 7.35
N SER B 502 1.89 14.57 6.35
CA SER B 502 3.07 15.34 5.97
C SER B 502 2.68 16.69 5.41
N THR B 503 1.65 16.73 4.57
CA THR B 503 1.18 17.99 4.02
C THR B 503 0.70 18.94 5.12
N ARG B 504 -0.05 18.43 6.10
CA ARG B 504 -0.49 19.27 7.22
C ARG B 504 0.69 19.81 8.01
N ILE B 505 1.66 18.95 8.33
CA ILE B 505 2.80 19.40 9.12
C ILE B 505 3.55 20.50 8.38
N MET B 506 3.85 20.28 7.10
CA MET B 506 4.57 21.29 6.32
C MET B 506 3.74 22.55 6.14
N ASN B 507 2.43 22.42 5.94
CA ASN B 507 1.64 23.61 5.67
C ASN B 507 1.33 24.41 6.94
N GLU B 508 1.30 23.76 8.10
CA GLU B 508 0.86 24.45 9.31
C GLU B 508 1.99 24.86 10.26
N ILE B 509 3.21 24.35 10.06
CA ILE B 509 4.34 24.69 10.90
C ILE B 509 5.40 25.35 10.03
N LYS B 510 5.57 26.66 10.20
CA LYS B 510 6.50 27.42 9.36
C LYS B 510 7.92 26.90 9.48
N ASP B 511 8.29 26.35 10.62
CA ASP B 511 9.66 25.93 10.86
C ASP B 511 9.95 24.50 10.44
N VAL B 512 9.06 23.87 9.69
CA VAL B 512 9.28 22.50 9.20
C VAL B 512 9.24 22.55 7.67
N SER B 513 10.30 22.04 7.04
CA SER B 513 10.38 22.03 5.59
C SER B 513 9.87 20.74 4.97
N ARG B 514 9.93 19.65 5.73
CA ARG B 514 9.85 18.33 5.12
C ARG B 514 9.60 17.29 6.19
N VAL B 515 8.95 16.19 5.80
CA VAL B 515 8.58 15.10 6.68
C VAL B 515 9.10 13.80 6.06
N VAL B 516 9.74 12.98 6.89
CA VAL B 516 10.18 11.64 6.49
C VAL B 516 9.50 10.62 7.40
N TYR B 517 9.51 9.38 6.95
CA TYR B 517 8.87 8.27 7.67
C TYR B 517 9.92 7.21 7.97
N ASP B 518 10.02 6.82 9.25
CA ASP B 518 10.94 5.75 9.64
C ASP B 518 10.48 4.44 9.00
N VAL B 519 11.30 3.87 8.13
CA VAL B 519 10.93 2.64 7.45
C VAL B 519 11.89 1.54 7.88
N SER B 520 12.30 1.59 9.15
CA SER B 520 13.24 0.62 9.70
C SER B 520 12.54 -0.24 10.75
N SER B 521 12.62 -1.55 10.58
CA SER B 521 11.95 -2.46 11.49
C SER B 521 12.89 -2.88 12.61
N LYS B 522 12.31 -3.51 13.63
CA LYS B 522 13.06 -4.06 14.76
C LYS B 522 12.97 -5.58 14.73
N PRO B 523 14.10 -6.31 14.58
CA PRO B 523 15.45 -5.80 14.37
C PRO B 523 15.65 -5.37 12.92
N PRO B 524 16.75 -4.67 12.59
CA PRO B 524 17.90 -4.30 13.42
C PRO B 524 17.80 -2.91 14.05
N ALA B 525 16.70 -2.21 13.82
CA ALA B 525 16.51 -0.88 14.39
C ALA B 525 15.78 -0.96 15.73
N THR B 526 15.97 0.07 16.55
CA THR B 526 15.19 0.24 17.77
C THR B 526 13.93 1.04 17.47
N ILE B 527 12.99 1.00 18.41
CA ILE B 527 11.76 1.75 18.23
C ILE B 527 12.01 3.23 18.44
N GLU B 528 12.52 3.59 19.63
CA GLU B 528 12.93 4.97 19.87
C GLU B 528 14.30 5.21 19.25
N TRP B 529 14.55 6.47 18.86
CA TRP B 529 15.79 6.81 18.18
C TRP B 529 16.95 7.04 19.14
N GLU B 530 16.67 7.29 20.42
CA GLU B 530 17.70 7.44 21.41
C GLU B 530 17.33 6.66 22.66
N HIS C 8 -42.17 -3.82 49.06
CA HIS C 8 -41.14 -4.73 48.53
C HIS C 8 -39.86 -3.96 48.20
N MET C 9 -38.71 -4.60 48.43
CA MET C 9 -37.43 -3.98 48.11
C MET C 9 -37.22 -3.98 46.61
N THR C 10 -36.87 -2.83 46.06
CA THR C 10 -36.68 -2.68 44.63
C THR C 10 -35.25 -2.27 44.32
N THR C 11 -34.84 -2.46 43.06
CA THR C 11 -33.47 -2.22 42.66
C THR C 11 -33.07 -0.76 42.91
N ASN C 12 -31.88 -0.58 43.47
CA ASN C 12 -31.33 0.76 43.66
C ASN C 12 -30.81 1.28 42.32
N THR C 13 -31.41 2.36 41.82
CA THR C 13 -31.10 2.94 40.51
C THR C 13 -30.35 4.26 40.63
N GLN C 14 -29.50 4.40 41.64
CA GLN C 14 -28.80 5.66 41.86
C GLN C 14 -27.92 6.05 40.66
N ILE C 15 -27.37 5.08 39.93
CA ILE C 15 -26.42 5.43 38.88
C ILE C 15 -27.08 6.05 37.65
N THR C 16 -28.41 6.14 37.61
CA THR C 16 -29.08 6.87 36.53
C THR C 16 -29.70 8.17 37.00
N GLU C 17 -29.50 8.55 38.27
CA GLU C 17 -30.07 9.79 38.78
C GLU C 17 -29.51 10.99 38.01
N ASP C 18 -28.18 11.06 37.90
CA ASP C 18 -27.55 12.05 37.02
C ASP C 18 -27.75 11.62 35.58
N ARG C 19 -28.34 12.50 34.77
CA ARG C 19 -28.76 12.12 33.42
C ARG C 19 -28.74 13.34 32.51
N ILE C 20 -28.45 13.10 31.23
CA ILE C 20 -28.46 14.12 30.20
C ILE C 20 -29.52 13.74 29.16
N LEU C 21 -30.35 14.71 28.78
CA LEU C 21 -31.33 14.54 27.71
C LEU C 21 -30.78 15.08 26.40
N ILE C 22 -30.78 14.25 25.36
CA ILE C 22 -30.37 14.66 24.02
C ILE C 22 -31.61 14.75 23.15
N LEU C 23 -31.88 15.94 22.63
CA LEU C 23 -33.00 16.16 21.73
C LEU C 23 -32.48 16.11 20.29
N ASP C 24 -33.02 15.18 19.51
CA ASP C 24 -32.50 14.88 18.18
C ASP C 24 -33.25 15.70 17.14
N PHE C 25 -32.53 16.58 16.45
CA PHE C 25 -33.10 17.38 15.38
C PHE C 25 -32.85 16.79 14.00
N GLY C 26 -32.26 15.60 13.92
CA GLY C 26 -32.12 14.89 12.66
C GLY C 26 -30.69 14.62 12.22
N SER C 27 -29.68 15.08 12.95
CA SER C 27 -28.30 14.85 12.55
C SER C 27 -27.97 13.36 12.55
N GLN C 28 -27.15 12.93 11.59
CA GLN C 28 -26.66 11.56 11.61
C GLN C 28 -25.71 11.29 12.77
N TYR C 29 -25.26 12.33 13.48
CA TYR C 29 -24.35 12.17 14.60
C TYR C 29 -25.04 12.25 15.96
N SER C 30 -26.38 12.36 15.99
CA SER C 30 -27.07 12.61 17.24
C SER C 30 -26.79 11.51 18.27
N GLN C 31 -26.77 10.25 17.82
CA GLN C 31 -26.50 9.15 18.76
C GLN C 31 -25.09 9.23 19.31
N LEU C 32 -24.14 9.77 18.53
CA LEU C 32 -22.78 9.95 19.02
C LEU C 32 -22.74 10.89 20.21
N ILE C 33 -23.59 11.92 20.22
CA ILE C 33 -23.71 12.76 21.41
C ILE C 33 -24.06 11.91 22.63
N ALA C 34 -25.13 11.11 22.52
CA ALA C 34 -25.57 10.31 23.65
C ALA C 34 -24.50 9.32 24.09
N ARG C 35 -23.72 8.80 23.14
CA ARG C 35 -22.69 7.81 23.46
C ARG C 35 -21.50 8.44 24.16
N ARG C 36 -21.12 9.65 23.75
CA ARG C 36 -20.01 10.31 24.44
C ARG C 36 -20.39 10.71 25.86
N VAL C 37 -21.66 11.03 26.11
CA VAL C 37 -22.08 11.31 27.48
C VAL C 37 -21.90 10.07 28.35
N ARG C 38 -22.31 8.90 27.84
CA ARG C 38 -22.13 7.66 28.57
C ARG C 38 -20.65 7.33 28.78
N GLU C 39 -19.82 7.58 27.76
CA GLU C 39 -18.39 7.35 27.92
CA GLU C 39 -18.39 7.33 27.92
C GLU C 39 -17.80 8.23 29.00
N ALA C 40 -18.35 9.43 29.17
CA ALA C 40 -17.97 10.33 30.25
C ALA C 40 -18.49 9.87 31.61
N GLY C 41 -19.28 8.78 31.66
CA GLY C 41 -19.78 8.26 32.92
C GLY C 41 -21.14 8.77 33.34
N VAL C 42 -21.95 9.29 32.42
CA VAL C 42 -23.24 9.87 32.75
C VAL C 42 -24.31 9.18 31.92
N TYR C 43 -25.39 8.76 32.57
CA TYR C 43 -26.51 8.16 31.85
C TYR C 43 -27.15 9.19 30.92
N SER C 44 -27.64 8.71 29.78
CA SER C 44 -28.23 9.62 28.81
C SER C 44 -29.32 8.89 28.05
N GLU C 45 -30.29 9.65 27.57
CA GLU C 45 -31.29 9.16 26.64
C GLU C 45 -31.49 10.18 25.53
N MET C 46 -31.94 9.70 24.37
CA MET C 46 -32.15 10.53 23.20
C MET C 46 -33.59 10.40 22.73
N TYR C 47 -34.22 11.54 22.41
CA TYR C 47 -35.56 11.57 21.86
C TYR C 47 -35.64 12.63 20.77
N ALA C 48 -36.65 12.50 19.92
CA ALA C 48 -36.87 13.48 18.87
C ALA C 48 -37.11 14.86 19.47
N PHE C 49 -36.85 15.89 18.66
CA PHE C 49 -36.90 17.26 19.14
C PHE C 49 -38.26 17.63 19.70
N ASP C 50 -39.34 17.03 19.17
CA ASP C 50 -40.69 17.42 19.57
C ASP C 50 -41.15 16.61 20.77
N MET C 51 -40.22 16.31 21.67
CA MET C 51 -40.57 15.65 22.92
C MET C 51 -41.49 16.56 23.73
N SER C 52 -42.54 15.96 24.31
CA SER C 52 -43.54 16.75 25.01
C SER C 52 -42.95 17.34 26.29
N GLU C 53 -43.51 18.48 26.70
CA GLU C 53 -43.10 19.11 27.95
C GLU C 53 -43.29 18.16 29.14
N GLU C 54 -44.40 17.41 29.12
CA GLU C 54 -44.66 16.45 30.20
C GLU C 54 -43.54 15.43 30.31
N ASP C 55 -43.10 14.87 29.18
CA ASP C 55 -42.05 13.87 29.21
C ASP C 55 -40.70 14.49 29.55
N ILE C 56 -40.42 15.71 29.09
CA ILE C 56 -39.15 16.34 29.40
C ILE C 56 -39.03 16.57 30.89
N ARG C 57 -40.09 17.07 31.52
CA ARG C 57 -40.09 17.29 32.97
C ARG C 57 -39.98 15.97 33.72
N ALA C 58 -40.76 14.96 33.31
CA ALA C 58 -40.68 13.65 33.96
C ALA C 58 -39.29 13.05 33.84
N PHE C 59 -38.58 13.34 32.76
CA PHE C 59 -37.23 12.82 32.60
C PHE C 59 -36.28 13.37 33.66
N LYS C 60 -36.52 14.59 34.13
CA LYS C 60 -35.68 15.28 35.11
C LYS C 60 -34.25 15.41 34.64
N PRO C 61 -33.98 16.05 33.50
CA PRO C 61 -32.61 16.11 33.00
C PRO C 61 -31.76 17.06 33.83
N ASN C 62 -30.53 16.64 34.10
CA ASN C 62 -29.53 17.53 34.67
C ASN C 62 -28.95 18.48 33.63
N GLY C 63 -29.24 18.22 32.37
CA GLY C 63 -28.77 19.04 31.27
C GLY C 63 -29.41 18.55 29.99
N ILE C 64 -29.49 19.45 29.02
CA ILE C 64 -30.13 19.15 27.74
C ILE C 64 -29.17 19.55 26.63
N ILE C 65 -28.99 18.66 25.66
CA ILE C 65 -28.16 18.93 24.49
C ILE C 65 -29.08 18.91 23.28
N LEU C 66 -29.05 20.00 22.51
CA LEU C 66 -29.81 20.10 21.28
C LEU C 66 -28.89 19.72 20.12
N SER C 67 -29.24 18.64 19.43
CA SER C 67 -28.38 18.09 18.39
C SER C 67 -28.37 18.97 17.14
N GLY C 68 -27.50 18.60 16.21
CA GLY C 68 -27.53 19.17 14.88
C GLY C 68 -28.72 18.65 14.09
N GLY C 69 -28.87 19.19 12.88
CA GLY C 69 -29.95 18.80 12.00
C GLY C 69 -29.72 19.30 10.59
N PRO C 70 -30.27 18.57 9.60
CA PRO C 70 -30.08 18.99 8.21
C PRO C 70 -30.92 20.20 7.81
N GLU C 71 -31.80 20.66 8.69
CA GLU C 71 -32.75 21.72 8.34
C GLU C 71 -32.11 23.09 8.51
N SER C 72 -32.89 24.12 8.17
CA SER C 72 -32.48 25.52 8.29
C SER C 72 -33.59 26.27 9.01
N VAL C 73 -33.21 27.05 10.03
CA VAL C 73 -34.17 27.72 10.90
C VAL C 73 -35.19 28.54 10.11
N HIS C 74 -34.80 29.03 8.94
CA HIS C 74 -35.66 29.92 8.17
C HIS C 74 -36.44 29.23 7.06
N GLU C 75 -36.35 27.90 6.95
CA GLU C 75 -37.28 27.17 6.11
C GLU C 75 -38.63 27.03 6.81
N GLU C 76 -39.67 26.78 6.03
CA GLU C 76 -41.00 26.59 6.59
C GLU C 76 -41.12 25.20 7.18
N GLY C 77 -41.74 25.12 8.36
CA GLY C 77 -41.80 23.87 9.08
C GLY C 77 -40.51 23.43 9.71
N SER C 78 -39.54 24.32 9.83
CA SER C 78 -38.27 23.97 10.46
C SER C 78 -38.51 23.67 11.94
N PRO C 79 -37.78 22.71 12.52
CA PRO C 79 -38.02 22.34 13.92
C PRO C 79 -37.53 23.40 14.89
N ARG C 80 -38.25 23.51 16.01
CA ARG C 80 -37.86 24.32 17.14
C ARG C 80 -37.77 23.45 18.39
N ALA C 81 -36.92 23.85 19.32
CA ALA C 81 -36.88 23.13 20.58
C ALA C 81 -38.09 23.51 21.43
N PRO C 82 -38.66 22.58 22.18
CA PRO C 82 -39.74 22.94 23.10
C PRO C 82 -39.25 24.03 24.05
N GLN C 83 -40.04 25.10 24.16
CA GLN C 83 -39.59 26.29 24.87
C GLN C 83 -39.21 25.97 26.30
N VAL C 84 -39.83 24.94 26.90
CA VAL C 84 -39.51 24.53 28.26
C VAL C 84 -38.03 24.19 28.41
N VAL C 85 -37.35 23.82 27.31
CA VAL C 85 -35.93 23.54 27.37
C VAL C 85 -35.15 24.70 27.98
N PHE C 86 -35.54 25.91 27.62
CA PHE C 86 -34.87 27.11 28.12
C PHE C 86 -35.50 27.64 29.40
N GLU C 87 -36.44 26.90 29.99
CA GLU C 87 -37.18 27.37 31.15
C GLU C 87 -37.07 26.45 32.36
N LEU C 88 -36.31 25.37 32.28
CA LEU C 88 -36.19 24.41 33.37
C LEU C 88 -35.11 24.77 34.40
N GLY C 89 -34.25 25.74 34.11
CA GLY C 89 -33.17 26.05 35.01
C GLY C 89 -32.03 25.06 35.00
N VAL C 90 -31.92 24.25 33.95
CA VAL C 90 -30.78 23.35 33.80
C VAL C 90 -29.97 23.81 32.60
N PRO C 91 -28.67 23.50 32.53
CA PRO C 91 -27.87 23.95 31.39
C PRO C 91 -28.32 23.34 30.08
N VAL C 92 -28.08 24.07 28.99
CA VAL C 92 -28.43 23.64 27.65
C VAL C 92 -27.24 23.89 26.74
N LEU C 93 -26.92 22.90 25.91
CA LEU C 93 -25.87 23.02 24.91
C LEU C 93 -26.48 22.79 23.54
N GLY C 94 -26.26 23.72 22.62
CA GLY C 94 -26.74 23.60 21.26
C GLY C 94 -25.59 23.34 20.32
N ILE C 95 -25.73 22.29 19.50
CA ILE C 95 -24.71 21.89 18.55
C ILE C 95 -25.23 22.19 17.15
N CYS C 96 -24.59 23.15 16.49
CA CYS C 96 -24.91 23.55 15.12
CA CYS C 96 -24.92 23.54 15.12
C CYS C 96 -26.37 23.99 15.01
N TYR C 97 -27.23 23.19 14.40
CA TYR C 97 -28.65 23.57 14.34
C TYR C 97 -29.19 23.84 15.73
N GLY C 98 -28.74 23.07 16.72
CA GLY C 98 -29.18 23.31 18.09
C GLY C 98 -28.81 24.69 18.57
N LEU C 99 -27.60 25.16 18.21
CA LEU C 99 -27.21 26.53 18.50
C LEU C 99 -28.07 27.52 17.73
N GLN C 100 -28.37 27.20 16.47
CA GLN C 100 -29.09 28.15 15.63
C GLN C 100 -30.54 28.31 16.08
N THR C 101 -31.22 27.21 16.43
CA THR C 101 -32.58 27.35 16.94
C THR C 101 -32.59 27.95 18.34
N MET C 102 -31.57 27.64 19.15
CA MET C 102 -31.44 28.30 20.45
C MET C 102 -31.34 29.82 20.28
N SER C 103 -30.55 30.27 19.31
CA SER C 103 -30.44 31.71 19.07
C SER C 103 -31.75 32.29 18.59
N GLU C 104 -32.43 31.60 17.67
CA GLU C 104 -33.68 32.12 17.13
C GLU C 104 -34.73 32.29 18.21
N GLN C 105 -34.84 31.31 19.11
CA GLN C 105 -35.90 31.32 20.11
C GLN C 105 -35.58 32.20 21.32
N LEU C 106 -34.38 32.77 21.39
CA LEU C 106 -33.99 33.62 22.52
C LEU C 106 -33.69 35.05 22.09
N GLY C 107 -34.16 35.46 20.91
CA GLY C 107 -34.05 36.83 20.47
C GLY C 107 -32.94 37.11 19.48
N GLY C 108 -32.12 36.11 19.15
CA GLY C 108 -31.05 36.28 18.21
C GLY C 108 -31.51 36.15 16.77
N LYS C 109 -30.55 36.29 15.86
CA LYS C 109 -30.80 36.24 14.43
C LYS C 109 -29.93 35.17 13.79
N VAL C 110 -30.49 34.48 12.79
CA VAL C 110 -29.78 33.45 12.04
C VAL C 110 -29.81 33.83 10.56
N GLU C 111 -28.64 33.82 9.93
CA GLU C 111 -28.52 34.13 8.51
C GLU C 111 -28.19 32.87 7.72
N PRO C 112 -28.92 32.56 6.64
CA PRO C 112 -28.72 31.34 5.87
C PRO C 112 -27.36 31.27 5.18
N PHE C 118 -19.17 20.77 5.22
CA PHE C 118 -18.44 20.10 6.30
C PHE C 118 -16.94 20.10 6.05
N GLY C 119 -16.18 20.61 7.01
CA GLY C 119 -14.73 20.64 6.89
C GLY C 119 -14.09 21.02 8.21
N TYR C 120 -12.76 20.85 8.25
CA TYR C 120 -12.01 21.20 9.44
C TYR C 120 -11.78 22.70 9.50
N ALA C 121 -11.63 23.21 10.73
CA ALA C 121 -11.30 24.61 10.94
C ALA C 121 -10.56 24.74 12.25
N GLU C 122 -9.71 25.76 12.33
CA GLU C 122 -9.00 26.10 13.57
C GLU C 122 -9.69 27.32 14.17
N VAL C 123 -10.63 27.07 15.08
CA VAL C 123 -11.36 28.19 15.68
C VAL C 123 -10.46 28.86 16.71
N ASP C 124 -10.56 30.19 16.77
CA ASP C 124 -9.84 30.97 17.77
C ASP C 124 -10.67 31.08 19.03
N ILE C 125 -10.09 30.72 20.17
CA ILE C 125 -10.74 30.89 21.46
C ILE C 125 -10.61 32.36 21.86
N VAL C 126 -11.75 33.04 22.03
CA VAL C 126 -11.74 34.44 22.41
C VAL C 126 -12.20 34.67 23.85
N LYS C 127 -12.90 33.73 24.47
CA LYS C 127 -13.31 33.87 25.86
C LYS C 127 -13.51 32.48 26.45
N ARG C 128 -12.74 32.16 27.48
CA ARG C 128 -12.77 30.82 28.08
C ARG C 128 -13.91 30.77 29.09
N ASP C 129 -15.01 30.14 28.71
CA ASP C 129 -16.10 29.89 29.63
C ASP C 129 -15.90 28.52 30.28
N GLN C 130 -16.93 28.02 30.95
CA GLN C 130 -16.79 26.71 31.59
CA GLN C 130 -16.87 26.70 31.59
C GLN C 130 -16.91 25.55 30.60
N LEU C 131 -17.39 25.80 29.37
CA LEU C 131 -17.42 24.74 28.37
C LEU C 131 -16.04 24.55 27.76
N ILE C 132 -15.44 25.63 27.26
CA ILE C 132 -14.09 25.55 26.72
C ILE C 132 -13.08 25.32 27.83
N GLY C 133 -13.27 25.98 28.98
CA GLY C 133 -12.35 25.77 30.08
C GLY C 133 -10.92 26.10 29.67
N ASN C 134 -9.98 25.26 30.10
CA ASN C 134 -8.57 25.42 29.75
C ASN C 134 -8.20 24.68 28.46
N LEU C 135 -9.17 24.14 27.74
CA LEU C 135 -8.91 23.30 26.58
C LEU C 135 -8.34 24.10 25.42
N GLN C 136 -7.46 23.45 24.65
CA GLN C 136 -6.94 24.02 23.41
C GLN C 136 -6.21 22.91 22.67
N ASP C 137 -6.02 23.10 21.37
CA ASP C 137 -5.09 22.25 20.64
C ASP C 137 -3.81 23.04 20.47
N ARG C 138 -3.62 23.72 19.34
CA ARG C 138 -2.65 24.81 19.35
C ARG C 138 -3.12 25.89 20.31
N GLU C 139 -2.18 26.68 20.79
CA GLU C 139 -2.48 27.58 21.90
C GLU C 139 -3.60 28.54 21.53
N ASN C 140 -4.64 28.56 22.37
CA ASN C 140 -5.81 29.42 22.21
C ASN C 140 -6.62 29.09 20.95
N GLN C 141 -6.49 27.85 20.46
CA GLN C 141 -7.23 27.39 19.29
C GLN C 141 -7.83 26.04 19.57
N LEU C 142 -8.79 25.65 18.72
CA LEU C 142 -9.39 24.33 18.73
C LEU C 142 -9.50 23.82 17.30
N HIS C 143 -9.05 22.59 17.08
CA HIS C 143 -9.15 21.92 15.78
C HIS C 143 -10.49 21.20 15.74
N VAL C 144 -11.43 21.70 14.93
CA VAL C 144 -12.82 21.24 15.01
C VAL C 144 -13.34 20.85 13.63
N TRP C 145 -14.44 20.10 13.67
CA TRP C 145 -15.18 19.67 12.49
C TRP C 145 -16.39 20.59 12.37
N MET C 146 -16.34 21.49 11.40
CA MET C 146 -17.25 22.61 11.29
C MET C 146 -18.41 22.29 10.37
N SER C 147 -19.53 22.95 10.59
CA SER C 147 -20.71 22.84 9.75
C SER C 147 -20.89 24.20 9.06
N HIS C 148 -20.31 24.32 7.86
CA HIS C 148 -20.46 25.54 7.08
C HIS C 148 -21.85 25.58 6.46
N GLY C 149 -22.53 26.71 6.58
CA GLY C 149 -23.88 26.85 6.09
C GLY C 149 -24.65 27.97 6.78
N ASP C 150 -25.57 27.62 7.66
CA ASP C 150 -26.32 28.61 8.42
C ASP C 150 -25.49 29.11 9.59
N LYS C 151 -25.37 30.42 9.71
CA LYS C 151 -24.58 31.06 10.74
C LYS C 151 -25.45 31.91 11.65
N VAL C 152 -25.06 32.01 12.91
CA VAL C 152 -25.72 32.92 13.86
C VAL C 152 -25.20 34.32 13.58
N SER C 153 -26.05 35.17 13.03
CA SER C 153 -25.63 36.54 12.71
C SER C 153 -25.74 37.48 13.89
N GLN C 154 -26.58 37.14 14.88
CA GLN C 154 -26.77 37.99 16.05
C GLN C 154 -27.07 37.08 17.23
N ILE C 155 -26.18 37.07 18.23
CA ILE C 155 -26.36 36.23 19.40
C ILE C 155 -27.41 36.85 20.30
N PRO C 156 -28.18 36.05 21.06
CA PRO C 156 -29.15 36.65 21.97
C PRO C 156 -28.45 37.44 23.05
N GLU C 157 -29.16 38.43 23.61
CA GLU C 157 -28.54 39.24 24.66
C GLU C 157 -28.24 38.38 25.88
N GLY C 158 -27.17 38.75 26.58
CA GLY C 158 -26.65 37.94 27.66
C GLY C 158 -25.63 36.92 27.25
N PHE C 159 -25.47 36.67 25.95
CA PHE C 159 -24.47 35.74 25.44
C PHE C 159 -23.16 36.47 25.13
N THR C 160 -22.06 35.73 25.23
CA THR C 160 -20.76 36.19 24.80
C THR C 160 -20.23 35.24 23.75
N ILE C 161 -19.68 35.77 22.67
CA ILE C 161 -18.96 34.95 21.71
C ILE C 161 -17.70 34.43 22.38
N THR C 162 -17.54 33.10 22.41
CA THR C 162 -16.39 32.49 23.07
C THR C 162 -15.36 31.97 22.09
N ALA C 163 -15.73 31.76 20.83
CA ALA C 163 -14.79 31.26 19.83
C ALA C 163 -15.23 31.74 18.46
N SER C 164 -14.28 31.87 17.55
CA SER C 164 -14.57 32.40 16.22
C SER C 164 -13.51 31.95 15.23
N THR C 165 -13.86 32.05 13.94
CA THR C 165 -12.92 31.97 12.84
C THR C 165 -13.07 33.22 11.99
N PRO C 166 -12.14 33.51 11.08
CA PRO C 166 -12.35 34.65 10.17
C PRO C 166 -13.64 34.54 9.37
N SER C 167 -13.99 33.35 8.92
CA SER C 167 -15.17 33.13 8.09
C SER C 167 -16.43 32.85 8.90
N CYS C 168 -16.30 32.49 10.17
CA CYS C 168 -17.45 32.18 11.02
C CYS C 168 -17.29 32.95 12.32
N PRO C 169 -17.69 34.23 12.34
CA PRO C 169 -17.46 35.06 13.52
C PRO C 169 -18.11 34.53 14.78
N VAL C 170 -19.15 33.70 14.66
CA VAL C 170 -19.82 33.14 15.83
C VAL C 170 -19.66 31.63 15.80
N ALA C 171 -18.52 31.13 16.29
CA ALA C 171 -18.26 29.70 16.29
C ALA C 171 -18.66 29.02 17.58
N ALA C 172 -18.73 29.76 18.68
CA ALA C 172 -19.16 29.22 19.97
C ALA C 172 -19.60 30.38 20.85
N VAL C 173 -20.64 30.18 21.65
CA VAL C 173 -21.18 31.21 22.52
C VAL C 173 -21.58 30.59 23.85
N SER C 174 -21.84 31.46 24.82
CA SER C 174 -22.46 31.03 26.07
C SER C 174 -23.08 32.22 26.76
N ASP C 175 -24.21 31.98 27.41
CA ASP C 175 -24.77 32.84 28.43
C ASP C 175 -24.60 32.07 29.73
N GLU C 176 -23.60 32.43 30.51
CA GLU C 176 -23.28 31.66 31.71
C GLU C 176 -24.16 32.03 32.90
N THR C 177 -25.01 33.05 32.76
CA THR C 177 -26.02 33.29 33.78
C THR C 177 -27.17 32.30 33.66
N ARG C 178 -27.72 32.14 32.46
CA ARG C 178 -28.73 31.12 32.18
C ARG C 178 -28.12 29.77 31.89
N ARG C 179 -26.80 29.70 31.75
CA ARG C 179 -26.08 28.45 31.47
C ARG C 179 -26.56 27.82 30.17
N PHE C 180 -26.66 28.65 29.13
CA PHE C 180 -26.93 28.21 27.77
C PHE C 180 -25.62 28.26 26.98
N TYR C 181 -25.29 27.16 26.31
CA TYR C 181 -24.03 27.04 25.59
C TYR C 181 -24.29 26.62 24.15
N GLY C 182 -23.39 26.99 23.26
CA GLY C 182 -23.57 26.67 21.86
C GLY C 182 -22.29 26.61 21.07
N VAL C 183 -22.21 25.67 20.13
CA VAL C 183 -21.06 25.55 19.24
C VAL C 183 -21.57 25.36 17.81
N GLN C 184 -20.85 25.94 16.86
CA GLN C 184 -21.12 25.77 15.43
C GLN C 184 -20.41 24.56 14.85
N PHE C 185 -19.68 23.83 15.67
CA PHE C 185 -18.96 22.62 15.26
C PHE C 185 -19.51 21.42 16.02
N HIS C 186 -19.01 20.24 15.67
CA HIS C 186 -19.53 18.99 16.20
C HIS C 186 -18.57 18.36 17.20
N PRO C 187 -18.77 18.54 18.51
CA PRO C 187 -17.87 17.91 19.48
C PRO C 187 -18.06 16.40 19.61
N GLU C 188 -19.16 15.85 19.06
CA GLU C 188 -19.41 14.42 19.21
C GLU C 188 -18.63 13.55 18.22
N VAL C 189 -17.97 14.12 17.21
CA VAL C 189 -17.29 13.32 16.20
C VAL C 189 -15.80 13.26 16.50
N THR C 190 -15.14 12.20 16.00
CA THR C 190 -13.69 12.10 16.16
C THR C 190 -12.95 13.20 15.41
N HIS C 191 -13.61 13.88 14.47
CA HIS C 191 -12.92 14.91 13.71
C HIS C 191 -12.61 16.15 14.55
N THR C 192 -13.27 16.31 15.69
CA THR C 192 -13.01 17.43 16.60
C THR C 192 -12.10 16.92 17.70
N ALA C 193 -10.85 17.41 17.72
CA ALA C 193 -9.81 16.79 18.56
C ALA C 193 -10.17 16.84 20.04
N LYS C 194 -10.76 17.94 20.51
CA LYS C 194 -11.13 18.09 21.90
C LYS C 194 -12.62 17.87 22.15
N GLY C 195 -13.28 17.09 21.29
CA GLY C 195 -14.73 16.94 21.41
C GLY C 195 -15.14 16.23 22.67
N GLU C 196 -14.44 15.14 23.01
CA GLU C 196 -14.77 14.43 24.26
C GLU C 196 -14.61 15.33 25.46
N GLU C 197 -13.51 16.09 25.50
CA GLU C 197 -13.23 16.95 26.65
C GLU C 197 -14.24 18.07 26.76
N LEU C 198 -14.71 18.59 25.62
CA LEU C 198 -15.74 19.63 25.66
C LEU C 198 -17.03 19.09 26.23
N LEU C 199 -17.47 17.92 25.75
CA LEU C 199 -18.69 17.31 26.27
C LEU C 199 -18.53 16.92 27.73
N SER C 200 -17.31 16.54 28.12
CA SER C 200 -17.07 16.23 29.52
C SER C 200 -17.22 17.47 30.40
N ASN C 201 -16.71 18.61 29.94
CA ASN C 201 -16.90 19.84 30.71
C ASN C 201 -18.38 20.18 30.83
N PHE C 202 -19.15 19.89 29.78
CA PHE C 202 -20.57 20.22 29.85
C PHE C 202 -21.29 19.34 30.87
N VAL C 203 -21.09 18.03 30.81
CA VAL C 203 -21.90 17.16 31.66
C VAL C 203 -21.40 17.18 33.10
N HIS C 204 -20.09 17.37 33.32
CA HIS C 204 -19.53 17.32 34.67
C HIS C 204 -19.47 18.72 35.28
N LYS C 205 -18.62 19.58 34.71
CA LYS C 205 -18.42 20.91 35.29
C LYS C 205 -19.71 21.74 35.23
N ILE C 206 -20.36 21.77 34.07
CA ILE C 206 -21.50 22.67 33.87
C ILE C 206 -22.78 22.09 34.46
N CYS C 207 -23.07 20.81 34.17
CA CYS C 207 -24.31 20.21 34.66
C CYS C 207 -24.18 19.52 36.01
N GLY C 208 -22.97 19.36 36.53
CA GLY C 208 -22.78 18.82 37.86
C GLY C 208 -22.96 17.33 37.98
N CYS C 209 -22.88 16.58 36.88
CA CYS C 209 -23.12 15.15 36.93
C CYS C 209 -21.88 14.40 37.38
N GLY C 210 -22.09 13.27 38.06
CA GLY C 210 -21.01 12.42 38.50
C GLY C 210 -20.54 11.47 37.42
N GLY C 211 -19.95 10.37 37.87
CA GLY C 211 -19.43 9.37 36.96
C GLY C 211 -19.78 7.94 37.32
N LEU C 212 -21.01 7.71 37.77
CA LEU C 212 -21.40 6.39 38.24
C LEU C 212 -21.81 5.45 37.11
N TRP C 213 -22.03 5.93 35.89
CA TRP C 213 -22.47 5.05 34.81
C TRP C 213 -21.25 4.37 34.20
N THR C 214 -20.80 3.31 34.88
CA THR C 214 -19.60 2.57 34.52
C THR C 214 -19.93 1.09 34.42
N PRO C 215 -19.10 0.31 33.70
CA PRO C 215 -19.40 -1.12 33.54
C PRO C 215 -19.60 -1.87 34.84
N GLU C 216 -18.78 -1.62 35.86
CA GLU C 216 -18.95 -2.37 37.11
C GLU C 216 -20.27 -2.05 37.78
N HIS C 217 -20.70 -0.79 37.74
CA HIS C 217 -21.97 -0.42 38.36
C HIS C 217 -23.17 -0.84 37.51
N ILE C 218 -23.03 -0.80 36.18
CA ILE C 218 -24.10 -1.26 35.29
C ILE C 218 -24.34 -2.75 35.51
N ILE C 219 -23.27 -3.53 35.66
CA ILE C 219 -23.45 -4.95 35.95
C ILE C 219 -24.30 -5.14 37.20
N ASP C 220 -23.97 -4.42 38.28
CA ASP C 220 -24.74 -4.54 39.52
C ASP C 220 -26.19 -4.15 39.30
N LEU C 221 -26.42 -3.04 38.61
CA LEU C 221 -27.78 -2.57 38.39
C LEU C 221 -28.58 -3.58 37.58
N ARG C 222 -27.99 -4.07 36.48
CA ARG C 222 -28.78 -4.89 35.56
C ARG C 222 -29.05 -6.27 36.14
N VAL C 223 -28.08 -6.84 36.86
CA VAL C 223 -28.30 -8.13 37.51
C VAL C 223 -29.45 -8.03 38.51
N GLU C 224 -29.46 -6.97 39.32
CA GLU C 224 -30.52 -6.79 40.29
C GLU C 224 -31.86 -6.53 39.61
N GLN C 225 -31.87 -5.76 38.53
CA GLN C 225 -33.11 -5.53 37.82
C GLN C 225 -33.63 -6.82 37.20
N LEU C 226 -32.74 -7.65 36.67
CA LEU C 226 -33.16 -8.92 36.10
C LEU C 226 -33.78 -9.84 37.15
N ARG C 227 -33.16 -9.91 38.32
CA ARG C 227 -33.72 -10.71 39.41
C ARG C 227 -35.09 -10.19 39.81
N GLU C 228 -35.26 -8.87 39.85
CA GLU C 228 -36.54 -8.30 40.24
C GLU C 228 -37.62 -8.62 39.21
N GLN C 229 -37.28 -8.53 37.92
CA GLN C 229 -38.25 -8.85 36.87
C GLN C 229 -38.60 -10.33 36.86
N ILE C 230 -37.59 -11.20 36.96
CA ILE C 230 -37.77 -12.61 36.65
C ILE C 230 -38.10 -13.45 37.89
N GLY C 231 -37.57 -13.08 39.06
CA GLY C 231 -37.84 -13.87 40.25
C GLY C 231 -37.39 -15.31 40.06
N ASN C 232 -38.31 -16.24 40.31
CA ASN C 232 -38.07 -17.68 40.17
C ASN C 232 -38.48 -18.23 38.81
N GLU C 233 -38.89 -17.38 37.88
CA GLU C 233 -39.42 -17.83 36.60
C GLU C 233 -38.31 -18.22 35.63
N LYS C 234 -38.68 -18.99 34.61
CA LYS C 234 -37.75 -19.45 33.59
C LYS C 234 -37.65 -18.46 32.44
N VAL C 235 -36.50 -18.46 31.77
CA VAL C 235 -36.21 -17.57 30.66
C VAL C 235 -35.65 -18.38 29.49
N LEU C 236 -36.24 -18.18 28.31
CA LEU C 236 -35.75 -18.76 27.06
C LEU C 236 -34.96 -17.69 26.29
N LEU C 237 -33.78 -18.07 25.78
CA LEU C 237 -32.95 -17.16 24.99
C LEU C 237 -32.55 -17.82 23.68
N GLY C 238 -32.86 -17.17 22.56
CA GLY C 238 -32.30 -17.52 21.27
C GLY C 238 -30.83 -17.14 21.23
N LEU C 239 -29.97 -18.14 21.16
CA LEU C 239 -28.53 -17.94 21.29
C LEU C 239 -27.88 -18.14 19.92
N SER C 240 -27.32 -17.07 19.37
CA SER C 240 -26.62 -17.17 18.09
C SER C 240 -25.11 -17.24 18.25
N GLY C 241 -24.56 -16.69 19.33
CA GLY C 241 -23.13 -16.55 19.48
C GLY C 241 -22.61 -15.18 19.10
N GLY C 242 -23.42 -14.35 18.47
CA GLY C 242 -23.06 -12.95 18.29
C GLY C 242 -22.84 -12.28 19.64
N VAL C 243 -22.27 -11.08 19.58
CA VAL C 243 -21.83 -10.41 20.80
C VAL C 243 -23.02 -10.10 21.72
N ASP C 244 -24.12 -9.61 21.15
CA ASP C 244 -25.26 -9.21 21.99
C ASP C 244 -25.87 -10.40 22.72
N SER C 245 -26.15 -11.49 22.00
CA SER C 245 -26.75 -12.64 22.66
C SER C 245 -25.77 -13.30 23.62
N SER C 246 -24.47 -13.25 23.31
CA SER C 246 -23.46 -13.78 24.22
C SER C 246 -23.49 -13.02 25.55
N VAL C 247 -23.56 -11.69 25.52
CA VAL C 247 -23.59 -10.93 26.76
C VAL C 247 -24.92 -11.13 27.48
N VAL C 248 -26.04 -11.23 26.75
CA VAL C 248 -27.31 -11.53 27.41
C VAL C 248 -27.23 -12.87 28.11
N ALA C 249 -26.73 -13.89 27.42
CA ALA C 249 -26.56 -15.20 28.04
C ALA C 249 -25.73 -15.10 29.31
N ALA C 250 -24.61 -14.38 29.24
CA ALA C 250 -23.75 -14.27 30.40
C ALA C 250 -24.42 -13.53 31.55
N LEU C 251 -25.17 -12.46 31.24
CA LEU C 251 -25.84 -11.69 32.28
C LEU C 251 -26.94 -12.52 32.94
N LEU C 252 -27.76 -13.20 32.14
CA LEU C 252 -28.85 -13.98 32.69
C LEU C 252 -28.33 -15.16 33.50
N HIS C 253 -27.27 -15.83 33.01
CA HIS C 253 -26.65 -16.89 33.78
C HIS C 253 -26.21 -16.40 35.16
N LYS C 254 -25.57 -15.23 35.19
CA LYS C 254 -25.16 -14.64 36.47
C LYS C 254 -26.38 -14.29 37.32
N ALA C 255 -27.44 -13.79 36.69
CA ALA C 255 -28.59 -13.29 37.44
C ALA C 255 -29.48 -14.42 37.95
N ILE C 256 -29.77 -15.43 37.12
CA ILE C 256 -30.79 -16.43 37.44
C ILE C 256 -30.31 -17.86 37.29
N GLY C 257 -29.04 -18.09 36.98
CA GLY C 257 -28.50 -19.45 37.01
C GLY C 257 -29.24 -20.42 36.10
N ASP C 258 -29.60 -21.57 36.65
CA ASP C 258 -30.21 -22.63 35.85
C ASP C 258 -31.67 -22.35 35.51
N GLN C 259 -32.21 -21.18 35.85
CA GLN C 259 -33.51 -20.78 35.33
C GLN C 259 -33.45 -20.43 33.85
N LEU C 260 -32.26 -20.23 33.31
CA LEU C 260 -32.06 -19.87 31.91
C LEU C 260 -31.94 -21.12 31.05
N THR C 261 -32.66 -21.13 29.93
CA THR C 261 -32.48 -22.14 28.89
C THR C 261 -32.20 -21.42 27.57
N CYS C 262 -31.18 -21.87 26.85
CA CYS C 262 -30.85 -21.34 25.53
C CYS C 262 -31.18 -22.37 24.45
N VAL C 263 -31.60 -21.86 23.29
CA VAL C 263 -31.82 -22.67 22.11
C VAL C 263 -30.94 -22.10 21.01
N PHE C 264 -30.11 -22.95 20.42
CA PHE C 264 -29.25 -22.57 19.31
C PHE C 264 -29.69 -23.37 18.08
N VAL C 265 -29.92 -22.66 16.97
CA VAL C 265 -30.35 -23.28 15.72
C VAL C 265 -29.22 -23.19 14.71
N ASP C 266 -28.75 -24.35 14.24
CA ASP C 266 -27.84 -24.41 13.11
C ASP C 266 -28.70 -24.44 11.85
N ASN C 267 -28.70 -23.34 11.11
CA ASN C 267 -29.52 -23.22 9.91
C ASN C 267 -28.80 -23.72 8.65
N GLY C 268 -27.66 -24.38 8.80
CA GLY C 268 -26.86 -24.76 7.67
C GLY C 268 -26.17 -23.60 6.96
N LEU C 269 -26.30 -22.38 7.47
CA LEU C 269 -25.75 -21.19 6.83
C LEU C 269 -24.72 -20.52 7.72
N LEU C 270 -24.12 -21.29 8.62
CA LEU C 270 -23.14 -20.76 9.57
C LEU C 270 -21.73 -21.08 9.09
N ARG C 271 -20.76 -20.48 9.76
CA ARG C 271 -19.37 -20.70 9.36
CA ARG C 271 -19.35 -20.68 9.42
C ARG C 271 -18.88 -22.06 9.88
N LEU C 272 -17.66 -22.42 9.48
CA LEU C 272 -17.09 -23.72 9.81
C LEU C 272 -17.11 -23.98 11.30
N ASN C 273 -17.73 -25.09 11.71
CA ASN C 273 -17.79 -25.56 13.09
C ASN C 273 -18.47 -24.57 14.03
N GLU C 274 -19.27 -23.64 13.53
CA GLU C 274 -19.82 -22.60 14.39
C GLU C 274 -20.71 -23.19 15.49
N GLY C 275 -21.53 -24.18 15.13
CA GLY C 275 -22.38 -24.80 16.13
C GLY C 275 -21.60 -25.46 17.25
N ASP C 276 -20.60 -26.26 16.89
CA ASP C 276 -19.72 -26.87 17.88
C ASP C 276 -19.12 -25.81 18.81
N GLN C 277 -18.75 -24.65 18.24
CA GLN C 277 -18.12 -23.60 19.03
C GLN C 277 -19.12 -22.95 19.99
N VAL C 278 -20.38 -22.80 19.57
CA VAL C 278 -21.41 -22.28 20.47
C VAL C 278 -21.63 -23.22 21.64
N MET C 279 -21.77 -24.52 21.38
CA MET C 279 -21.91 -25.49 22.46
C MET C 279 -20.67 -25.51 23.35
N GLN C 280 -19.48 -25.48 22.74
CA GLN C 280 -18.25 -25.56 23.51
C GLN C 280 -18.15 -24.41 24.51
N MET C 281 -18.51 -23.20 24.09
CA MET C 281 -18.34 -22.04 24.97
CA MET C 281 -18.34 -22.05 24.98
C MET C 281 -19.48 -21.92 25.98
N PHE C 282 -20.73 -21.96 25.51
CA PHE C 282 -21.84 -21.68 26.42
C PHE C 282 -22.24 -22.89 27.24
N ALA C 283 -22.35 -24.05 26.60
CA ALA C 283 -22.78 -25.25 27.32
C ALA C 283 -21.63 -25.82 28.15
N GLU C 284 -20.46 -26.01 27.53
CA GLU C 284 -19.36 -26.67 28.22
C GLU C 284 -18.58 -25.71 29.11
N ASN C 285 -18.09 -24.60 28.55
CA ASN C 285 -17.25 -23.69 29.32
C ASN C 285 -18.06 -22.98 30.39
N MET C 286 -19.22 -22.41 30.03
CA MET C 286 -19.99 -21.57 30.95
C MET C 286 -21.06 -22.32 31.73
N GLY C 287 -21.38 -23.56 31.36
CA GLY C 287 -22.35 -24.32 32.12
C GLY C 287 -23.79 -23.91 31.91
N ILE C 288 -24.13 -23.35 30.77
CA ILE C 288 -25.49 -22.91 30.46
C ILE C 288 -26.21 -24.05 29.75
N ARG C 289 -27.52 -24.19 30.04
CA ARG C 289 -28.35 -25.16 29.33
C ARG C 289 -28.61 -24.67 27.90
N VAL C 290 -28.09 -25.39 26.91
CA VAL C 290 -28.25 -25.00 25.51
C VAL C 290 -28.82 -26.17 24.74
N ILE C 291 -29.97 -25.96 24.10
CA ILE C 291 -30.58 -26.94 23.21
C ILE C 291 -30.11 -26.64 21.80
N ARG C 292 -29.55 -27.65 21.14
CA ARG C 292 -29.05 -27.50 19.76
C ARG C 292 -30.04 -28.14 18.79
N ALA C 293 -30.50 -27.33 17.83
CA ALA C 293 -31.37 -27.79 16.75
C ALA C 293 -30.57 -27.77 15.45
N ASP C 294 -30.33 -28.93 14.88
CA ASP C 294 -29.59 -29.04 13.62
C ASP C 294 -30.60 -29.07 12.49
N ALA C 295 -30.68 -27.96 11.76
CA ALA C 295 -31.76 -27.72 10.80
C ALA C 295 -31.22 -27.44 9.40
N GLU C 296 -29.99 -27.91 9.11
CA GLU C 296 -29.38 -27.62 7.80
C GLU C 296 -30.24 -28.14 6.66
N ALA C 297 -30.67 -29.40 6.74
CA ALA C 297 -31.43 -29.97 5.62
C ALA C 297 -32.73 -29.22 5.40
N ARG C 298 -33.39 -28.82 6.50
CA ARG C 298 -34.63 -28.06 6.39
C ARG C 298 -34.42 -26.74 5.68
N PHE C 299 -33.35 -26.02 6.02
CA PHE C 299 -33.11 -24.73 5.39
C PHE C 299 -32.69 -24.89 3.93
N LEU C 300 -31.82 -25.85 3.63
CA LEU C 300 -31.40 -26.07 2.25
C LEU C 300 -32.57 -26.47 1.37
N ASN C 301 -33.47 -27.33 1.88
CA ASN C 301 -34.64 -27.71 1.11
CA ASN C 301 -34.63 -27.71 1.10
C ASN C 301 -35.53 -26.51 0.82
N ALA C 302 -35.77 -25.67 1.82
CA ALA C 302 -36.57 -24.47 1.65
C ALA C 302 -35.93 -23.47 0.70
N LEU C 303 -34.62 -23.50 0.52
CA LEU C 303 -33.92 -22.59 -0.37
C LEU C 303 -33.68 -23.18 -1.75
N ALA C 304 -34.02 -24.45 -1.97
CA ALA C 304 -33.72 -25.11 -3.24
C ALA C 304 -34.39 -24.38 -4.38
N GLY C 305 -33.60 -24.00 -5.38
CA GLY C 305 -34.11 -23.34 -6.55
C GLY C 305 -34.37 -21.85 -6.42
N VAL C 306 -34.13 -21.26 -5.25
CA VAL C 306 -34.45 -19.86 -5.02
C VAL C 306 -33.24 -19.01 -5.37
N THR C 307 -33.38 -18.16 -6.39
CA THR C 307 -32.28 -17.29 -6.80
C THR C 307 -32.45 -15.84 -6.37
N ASP C 308 -33.68 -15.38 -6.17
CA ASP C 308 -33.90 -13.99 -5.82
C ASP C 308 -33.40 -13.72 -4.41
N PRO C 309 -32.49 -12.75 -4.20
CA PRO C 309 -31.96 -12.52 -2.84
C PRO C 309 -33.01 -12.12 -1.84
N GLU C 310 -34.02 -11.34 -2.24
CA GLU C 310 -35.06 -10.96 -1.28
C GLU C 310 -35.91 -12.15 -0.90
N ALA C 311 -36.14 -13.07 -1.84
CA ALA C 311 -36.87 -14.29 -1.50
C ALA C 311 -36.05 -15.17 -0.57
N LYS C 312 -34.73 -15.27 -0.79
CA LYS C 312 -33.87 -16.03 0.11
C LYS C 312 -33.94 -15.45 1.53
N ARG C 313 -33.77 -14.14 1.67
CA ARG C 313 -33.84 -13.53 3.00
C ARG C 313 -35.18 -13.80 3.67
N LYS C 314 -36.27 -13.68 2.92
CA LYS C 314 -37.59 -13.91 3.51
C LYS C 314 -37.72 -15.35 3.95
N ILE C 315 -37.28 -16.30 3.12
CA ILE C 315 -37.39 -17.71 3.45
C ILE C 315 -36.59 -18.05 4.71
N ILE C 316 -35.36 -17.55 4.79
CA ILE C 316 -34.49 -17.89 5.91
C ILE C 316 -35.05 -17.34 7.22
N GLY C 317 -35.52 -16.08 7.21
CA GLY C 317 -36.11 -15.52 8.41
C GLY C 317 -37.34 -16.29 8.85
N ARG C 318 -38.21 -16.62 7.89
CA ARG C 318 -39.43 -17.36 8.21
C ARG C 318 -39.10 -18.74 8.80
N GLU C 319 -38.24 -19.51 8.14
CA GLU C 319 -37.94 -20.86 8.60
C GLU C 319 -37.28 -20.85 9.97
N PHE C 320 -36.40 -19.87 10.22
CA PHE C 320 -35.74 -19.77 11.52
C PHE C 320 -36.75 -19.60 12.64
N ILE C 321 -37.72 -18.72 12.45
CA ILE C 321 -38.77 -18.51 13.46
C ILE C 321 -39.56 -19.79 13.69
N GLU C 322 -39.86 -20.53 12.61
CA GLU C 322 -40.59 -21.78 12.78
C GLU C 322 -39.78 -22.80 13.58
N VAL C 323 -38.50 -22.94 13.26
CA VAL C 323 -37.65 -23.89 13.97
C VAL C 323 -37.57 -23.51 15.45
N PHE C 324 -37.36 -22.21 15.71
CA PHE C 324 -37.27 -21.75 17.09
C PHE C 324 -38.58 -21.98 17.84
N ALA C 325 -39.71 -21.75 17.16
CA ALA C 325 -41.00 -21.94 17.83
C ALA C 325 -41.22 -23.40 18.18
N GLU C 326 -40.75 -24.32 17.35
CA GLU C 326 -40.87 -25.74 17.66
C GLU C 326 -40.06 -26.10 18.90
N GLU C 327 -38.83 -25.59 18.99
CA GLU C 327 -38.03 -25.83 20.20
C GLU C 327 -38.68 -25.19 21.41
N ALA C 328 -39.26 -23.99 21.24
CA ALA C 328 -39.84 -23.29 22.38
C ALA C 328 -41.05 -24.04 22.91
N ARG C 329 -41.82 -24.68 22.02
CA ARG C 329 -43.00 -25.43 22.45
C ARG C 329 -42.65 -26.69 23.22
N LYS C 330 -41.40 -27.15 23.13
CA LYS C 330 -41.03 -28.32 23.91
C LYS C 330 -40.75 -27.98 25.37
N LEU C 331 -40.58 -26.71 25.69
CA LEU C 331 -40.31 -26.27 27.05
C LEU C 331 -41.64 -26.01 27.76
N ASP C 332 -41.70 -26.38 29.04
CA ASP C 332 -42.90 -26.24 29.83
C ASP C 332 -42.75 -25.12 30.83
N GLY C 333 -43.76 -24.25 30.90
CA GLY C 333 -43.81 -23.25 31.95
C GLY C 333 -42.73 -22.18 31.88
N VAL C 334 -42.36 -21.75 30.68
CA VAL C 334 -41.38 -20.69 30.50
C VAL C 334 -42.15 -19.40 30.28
N LYS C 335 -41.99 -18.46 31.20
CA LYS C 335 -42.73 -17.20 31.14
C LYS C 335 -42.04 -16.16 30.24
N PHE C 336 -40.71 -16.20 30.14
CA PHE C 336 -39.95 -15.09 29.57
C PHE C 336 -39.17 -15.49 28.33
N LEU C 337 -39.18 -14.61 27.34
CA LEU C 337 -38.29 -14.69 26.19
C LEU C 337 -37.28 -13.55 26.29
N ALA C 338 -35.99 -13.88 26.31
CA ALA C 338 -34.94 -12.88 26.30
C ALA C 338 -34.48 -12.63 24.88
N GLN C 339 -34.13 -11.38 24.60
CA GLN C 339 -33.60 -10.98 23.29
C GLN C 339 -32.45 -10.01 23.50
N GLY C 340 -31.63 -9.87 22.46
CA GLY C 340 -30.44 -9.04 22.55
C GLY C 340 -30.62 -7.63 22.04
N THR C 341 -31.87 -7.14 22.10
CA THR C 341 -32.15 -5.75 21.76
C THR C 341 -31.17 -4.80 22.44
N ILE C 342 -30.60 -3.89 21.67
CA ILE C 342 -29.73 -2.86 22.19
C ILE C 342 -30.39 -1.50 21.96
N TYR C 343 -29.83 -0.46 22.59
CA TYR C 343 -30.46 0.85 22.51
C TYR C 343 -30.59 1.38 21.07
N PRO C 344 -29.59 1.24 20.18
CA PRO C 344 -29.83 1.66 18.79
C PRO C 344 -31.07 1.04 18.15
N ASP C 345 -31.44 -0.20 18.51
CA ASP C 345 -32.66 -0.80 17.98
C ASP C 345 -33.90 -0.04 18.45
N VAL C 346 -33.90 0.41 19.71
CA VAL C 346 -35.08 1.05 20.29
C VAL C 346 -35.13 2.53 19.93
N ILE C 347 -33.98 3.15 19.70
CA ILE C 347 -33.83 4.58 19.92
C ILE C 347 -34.76 5.39 19.04
N GLU C 348 -35.28 6.48 19.59
CA GLU C 348 -36.20 7.37 18.91
C GLU C 348 -35.39 8.42 18.14
N SER C 349 -35.36 8.28 16.82
CA SER C 349 -34.74 9.27 15.95
C SER C 349 -35.81 10.18 15.35
N ALA C 350 -35.35 11.24 14.70
CA ALA C 350 -36.26 12.17 14.04
C ALA C 350 -36.68 11.63 12.68
N HIS C 364 -48.14 -7.36 16.33
CA HIS C 364 -46.78 -7.89 16.48
C HIS C 364 -46.66 -8.76 17.72
N ASN C 365 -46.41 -10.05 17.53
CA ASN C 365 -46.25 -10.96 18.65
C ASN C 365 -44.82 -10.91 19.17
N VAL C 366 -44.67 -11.23 20.46
CA VAL C 366 -43.36 -11.14 21.10
C VAL C 366 -42.37 -12.08 20.41
N GLY C 367 -41.21 -11.52 20.03
CA GLY C 367 -40.22 -12.28 19.30
C GLY C 367 -40.60 -12.62 17.88
N GLY C 368 -41.70 -12.05 17.37
CA GLY C 368 -42.21 -12.43 16.06
C GLY C 368 -42.62 -13.88 15.97
N LEU C 369 -43.00 -14.48 17.08
CA LEU C 369 -43.30 -15.90 17.14
C LEU C 369 -44.76 -16.16 16.81
N PRO C 370 -45.11 -17.40 16.45
CA PRO C 370 -46.54 -17.75 16.26
C PRO C 370 -47.38 -17.42 17.47
N ASP C 371 -48.70 -17.23 17.27
CA ASP C 371 -49.54 -16.67 18.33
C ASP C 371 -49.69 -17.61 19.51
N ASP C 372 -49.52 -18.92 19.31
CA ASP C 372 -49.68 -19.86 20.41
C ASP C 372 -48.62 -19.69 21.49
N LEU C 373 -47.51 -19.01 21.18
CA LEU C 373 -46.48 -18.70 22.16
C LEU C 373 -46.67 -17.27 22.65
N ALA C 374 -46.83 -17.10 23.96
CA ALA C 374 -47.10 -15.79 24.57
C ALA C 374 -46.06 -15.55 25.66
N PHE C 375 -44.90 -15.05 25.25
CA PHE C 375 -43.82 -14.75 26.18
C PHE C 375 -43.86 -13.29 26.60
N GLU C 376 -43.38 -13.02 27.81
CA GLU C 376 -43.03 -11.67 28.23
C GLU C 376 -41.56 -11.43 27.91
N LEU C 377 -41.24 -10.20 27.54
CA LEU C 377 -39.93 -9.86 26.97
C LEU C 377 -38.94 -9.48 28.07
N VAL C 378 -37.73 -10.06 28.01
CA VAL C 378 -36.59 -9.66 28.83
C VAL C 378 -35.54 -9.11 27.88
N GLU C 379 -35.10 -7.87 28.11
CA GLU C 379 -34.18 -7.19 27.20
C GLU C 379 -33.09 -6.48 28.00
N PRO C 380 -32.07 -7.23 28.42
CA PRO C 380 -31.09 -6.67 29.37
C PRO C 380 -30.15 -5.64 28.77
N LEU C 381 -30.10 -5.52 27.44
CA LEU C 381 -29.19 -4.57 26.81
C LEU C 381 -29.94 -3.40 26.18
N ARG C 382 -31.25 -3.28 26.40
CA ARG C 382 -32.02 -2.37 25.55
C ARG C 382 -31.74 -0.89 25.82
N ASP C 383 -31.07 -0.56 26.93
CA ASP C 383 -30.64 0.81 27.17
C ASP C 383 -29.15 1.01 26.95
N LEU C 384 -28.49 0.06 26.27
CA LEU C 384 -27.05 0.09 26.09
C LEU C 384 -26.67 0.28 24.63
N PHE C 385 -25.63 1.07 24.41
CA PHE C 385 -25.02 1.14 23.09
C PHE C 385 -24.05 -0.03 22.90
N LYS C 386 -23.62 -0.21 21.65
CA LYS C 386 -22.82 -1.39 21.30
C LYS C 386 -21.52 -1.44 22.09
N ASP C 387 -20.83 -0.29 22.23
CA ASP C 387 -19.57 -0.28 22.97
CA ASP C 387 -19.57 -0.29 22.96
C ASP C 387 -19.78 -0.60 24.44
N GLU C 388 -20.93 -0.21 25.00
CA GLU C 388 -21.21 -0.52 26.39
C GLU C 388 -21.49 -2.01 26.56
N VAL C 389 -22.14 -2.63 25.58
CA VAL C 389 -22.35 -4.07 25.62
C VAL C 389 -20.99 -4.79 25.67
N ARG C 390 -20.05 -4.35 24.84
CA ARG C 390 -18.72 -4.97 24.86
CA ARG C 390 -18.72 -4.97 24.86
C ARG C 390 -18.03 -4.78 26.20
N LYS C 391 -18.10 -3.56 26.76
CA LYS C 391 -17.47 -3.33 28.06
C LYS C 391 -18.07 -4.24 29.12
N LEU C 392 -19.38 -4.45 29.09
CA LEU C 392 -20.00 -5.35 30.06
CA LEU C 392 -20.02 -5.35 30.04
C LEU C 392 -19.49 -6.77 29.89
N GLY C 393 -19.39 -7.24 28.64
CA GLY C 393 -18.87 -8.58 28.40
C GLY C 393 -17.45 -8.74 28.89
N THR C 394 -16.60 -7.75 28.60
CA THR C 394 -15.23 -7.78 29.11
C THR C 394 -15.23 -7.81 30.64
N THR C 395 -16.07 -7.00 31.28
CA THR C 395 -16.15 -6.98 32.75
C THR C 395 -16.48 -8.35 33.31
N LEU C 396 -17.38 -9.09 32.65
CA LEU C 396 -17.80 -10.41 33.10
C LEU C 396 -16.75 -11.49 32.81
N GLY C 397 -15.67 -11.15 32.11
CA GLY C 397 -14.64 -12.11 31.81
CA GLY C 397 -14.64 -12.11 31.81
C GLY C 397 -14.78 -12.80 30.47
N LEU C 398 -15.71 -12.37 29.62
CA LEU C 398 -15.88 -13.01 28.33
C LEU C 398 -14.66 -12.76 27.44
N PRO C 399 -14.26 -13.74 26.63
CA PRO C 399 -12.99 -13.61 25.90
C PRO C 399 -13.04 -12.54 24.81
N HIS C 400 -11.86 -11.98 24.51
CA HIS C 400 -11.73 -10.97 23.47
C HIS C 400 -12.36 -11.43 22.16
N SER C 401 -12.08 -12.66 21.75
CA SER C 401 -12.59 -13.14 20.47
C SER C 401 -14.12 -13.13 20.41
N MET C 402 -14.77 -13.37 21.55
CA MET C 402 -16.24 -13.35 21.55
C MET C 402 -16.77 -11.93 21.50
N ILE C 403 -16.12 -11.02 22.23
CA ILE C 403 -16.66 -9.68 22.43
C ILE C 403 -16.41 -8.81 21.20
N TYR C 404 -15.27 -8.99 20.54
CA TYR C 404 -14.88 -8.15 19.43
C TYR C 404 -15.14 -8.81 18.08
N ARG C 405 -16.00 -9.80 18.03
CA ARG C 405 -16.31 -10.44 16.77
C ARG C 405 -17.08 -9.49 15.87
N HIS C 406 -16.74 -9.51 14.58
CA HIS C 406 -17.49 -8.74 13.59
C HIS C 406 -18.94 -9.22 13.58
N PRO C 407 -19.87 -8.36 13.20
CA PRO C 407 -21.27 -8.79 13.09
C PRO C 407 -21.43 -9.85 11.98
N PHE C 408 -22.47 -10.66 12.14
CA PHE C 408 -22.77 -11.73 11.18
C PHE C 408 -24.25 -11.59 10.84
N PRO C 409 -24.60 -11.54 9.57
CA PRO C 409 -26.00 -11.25 9.20
C PRO C 409 -26.94 -12.35 9.65
N GLY C 410 -28.19 -11.97 9.89
CA GLY C 410 -29.25 -12.91 10.17
C GLY C 410 -29.31 -14.08 9.20
N PRO C 411 -29.36 -13.79 7.90
CA PRO C 411 -29.39 -14.88 6.90
C PRO C 411 -28.06 -15.62 6.71
N GLY C 412 -26.99 -15.24 7.42
CA GLY C 412 -25.75 -15.97 7.39
C GLY C 412 -25.13 -16.04 5.99
N LEU C 413 -24.52 -17.19 5.69
CA LEU C 413 -23.97 -17.42 4.36
C LEU C 413 -25.04 -17.40 3.27
N GLY C 414 -26.33 -17.45 3.64
CA GLY C 414 -27.40 -17.36 2.66
C GLY C 414 -27.34 -16.12 1.78
N VAL C 415 -26.78 -15.02 2.29
CA VAL C 415 -26.59 -13.82 1.48
C VAL C 415 -25.13 -13.64 1.07
N ARG C 416 -24.30 -14.67 1.22
CA ARG C 416 -22.92 -14.62 0.78
C ARG C 416 -22.64 -15.68 -0.28
N ILE C 417 -23.68 -16.39 -0.71
CA ILE C 417 -23.65 -17.30 -1.84
C ILE C 417 -24.58 -16.70 -2.88
N LEU C 418 -24.03 -16.22 -3.98
CA LEU C 418 -24.82 -15.43 -4.92
C LEU C 418 -25.80 -16.31 -5.66
N GLY C 419 -27.07 -15.93 -5.64
CA GLY C 419 -28.08 -16.78 -6.27
C GLY C 419 -28.42 -17.99 -5.43
N GLU C 420 -28.60 -19.12 -6.12
CA GLU C 420 -29.09 -20.33 -5.46
C GLU C 420 -28.09 -20.87 -4.43
N VAL C 421 -28.59 -21.15 -3.22
CA VAL C 421 -27.77 -21.74 -2.17
C VAL C 421 -27.83 -23.25 -2.29
N LYS C 422 -26.66 -23.87 -2.35
CA LYS C 422 -26.55 -25.33 -2.37
C LYS C 422 -25.52 -25.75 -1.35
N LYS C 423 -25.76 -26.92 -0.73
CA LYS C 423 -24.82 -27.43 0.27
C LYS C 423 -23.39 -27.46 -0.26
N GLU C 424 -23.21 -27.83 -1.53
CA GLU C 424 -21.86 -27.87 -2.10
C GLU C 424 -21.18 -26.51 -2.01
N TYR C 425 -21.93 -25.44 -2.26
CA TYR C 425 -21.35 -24.10 -2.27
C TYR C 425 -21.06 -23.63 -0.85
N ALA C 426 -21.97 -23.91 0.08
CA ALA C 426 -21.77 -23.50 1.47
C ALA C 426 -20.55 -24.20 2.07
N ASP C 427 -20.38 -25.48 1.78
CA ASP C 427 -19.22 -26.20 2.32
C ASP C 427 -17.92 -25.61 1.80
N ILE C 428 -17.86 -25.28 0.51
CA ILE C 428 -16.68 -24.64 -0.06
C ILE C 428 -16.45 -23.29 0.59
N LEU C 429 -17.51 -22.49 0.68
CA LEU C 429 -17.38 -21.15 1.25
C LEU C 429 -16.93 -21.20 2.69
N ARG C 430 -17.40 -22.20 3.46
CA ARG C 430 -16.97 -22.29 4.85
C ARG C 430 -15.47 -22.49 4.95
N LEU C 431 -14.90 -23.30 4.05
CA LEU C 431 -13.46 -23.52 4.07
C LEU C 431 -12.70 -22.27 3.67
N ALA C 432 -13.18 -21.56 2.64
CA ALA C 432 -12.53 -20.35 2.18
C ALA C 432 -12.61 -19.25 3.23
N ASP C 433 -13.80 -19.06 3.80
CA ASP C 433 -13.98 -18.06 4.84
C ASP C 433 -13.08 -18.35 6.04
N ASP C 434 -12.95 -19.63 6.41
CA ASP C 434 -12.14 -19.98 7.56
C ASP C 434 -10.67 -19.64 7.33
N ILE C 435 -10.16 -19.91 6.14
CA ILE C 435 -8.79 -19.49 5.81
C ILE C 435 -8.64 -17.99 5.96
N PHE C 436 -9.59 -17.23 5.40
CA PHE C 436 -9.56 -15.77 5.53
C PHE C 436 -9.53 -15.36 7.00
N MET C 437 -10.40 -15.95 7.83
CA MET C 437 -10.42 -15.58 9.25
C MET C 437 -9.13 -15.96 9.94
N GLN C 438 -8.61 -17.16 9.68
CA GLN C 438 -7.36 -17.58 10.31
C GLN C 438 -6.25 -16.57 10.05
N GLU C 439 -6.09 -16.15 8.80
CA GLU C 439 -5.01 -15.24 8.46
C GLU C 439 -5.24 -13.85 9.04
N LEU C 440 -6.49 -13.40 9.07
CA LEU C 440 -6.78 -12.11 9.68
C LEU C 440 -6.42 -12.11 11.16
N ARG C 441 -6.82 -13.16 11.88
CA ARG C 441 -6.56 -13.20 13.31
C ARG C 441 -5.08 -13.43 13.57
N ASP C 442 -4.45 -14.31 12.79
CA ASP C 442 -3.02 -14.57 12.92
CA ASP C 442 -3.03 -14.56 12.94
C ASP C 442 -2.20 -13.29 12.77
N SER C 443 -2.50 -12.51 11.72
CA SER C 443 -1.71 -11.32 11.42
C SER C 443 -2.07 -10.12 12.28
N GLY C 444 -3.13 -10.20 13.07
CA GLY C 444 -3.59 -9.05 13.82
C GLY C 444 -4.45 -8.09 13.04
N TRP C 445 -4.84 -8.44 11.82
CA TRP C 445 -5.64 -7.55 11.01
C TRP C 445 -7.14 -7.75 11.19
N TYR C 446 -7.56 -8.82 11.88
CA TYR C 446 -8.98 -9.00 12.18
C TYR C 446 -9.54 -7.80 12.93
N ASP C 447 -8.90 -7.43 14.04
CA ASP C 447 -9.37 -6.28 14.81
C ASP C 447 -9.11 -4.95 14.12
N LYS C 448 -8.34 -4.93 13.04
CA LYS C 448 -8.10 -3.72 12.26
C LYS C 448 -9.07 -3.57 11.10
N THR C 449 -10.13 -4.37 11.07
CA THR C 449 -11.27 -4.21 10.17
C THR C 449 -12.54 -4.25 11.00
N ALA C 450 -13.60 -3.66 10.46
CA ALA C 450 -14.90 -3.72 11.12
C ALA C 450 -15.73 -4.89 10.64
N GLN C 451 -15.38 -5.46 9.49
CA GLN C 451 -16.15 -6.57 8.93
C GLN C 451 -15.31 -7.22 7.85
N ALA C 452 -15.37 -8.56 7.78
CA ALA C 452 -14.60 -9.31 6.79
C ALA C 452 -15.25 -10.67 6.59
N PHE C 453 -15.34 -11.10 5.33
CA PHE C 453 -15.97 -12.38 5.01
C PHE C 453 -15.66 -12.73 3.56
N ALA C 454 -15.77 -14.02 3.27
CA ALA C 454 -15.67 -14.51 1.91
C ALA C 454 -17.06 -14.60 1.28
N VAL C 455 -17.09 -14.51 -0.05
CA VAL C 455 -18.31 -14.63 -0.84
C VAL C 455 -18.11 -15.69 -1.91
N PHE C 456 -19.10 -16.56 -2.08
CA PHE C 456 -19.06 -17.57 -3.14
C PHE C 456 -19.74 -17.01 -4.38
N GLN C 457 -18.96 -16.82 -5.45
CA GLN C 457 -19.54 -16.48 -6.75
C GLN C 457 -19.66 -17.74 -7.59
N PRO C 458 -20.83 -18.05 -8.12
CA PRO C 458 -20.99 -19.27 -8.93
C PRO C 458 -20.53 -19.07 -10.36
N VAL C 459 -19.29 -18.61 -10.53
CA VAL C 459 -18.62 -18.54 -11.82
C VAL C 459 -17.25 -19.20 -11.66
N LYS C 460 -16.67 -19.59 -12.80
CA LYS C 460 -15.44 -20.37 -12.79
C LYS C 460 -14.37 -19.68 -13.64
N SER C 461 -13.12 -20.02 -13.35
CA SER C 461 -12.00 -19.52 -14.13
C SER C 461 -10.90 -20.57 -14.12
N VAL C 462 -9.92 -20.36 -14.98
CA VAL C 462 -8.84 -21.31 -15.19
C VAL C 462 -7.75 -21.10 -14.15
N GLY C 463 -7.14 -22.20 -13.71
CA GLY C 463 -5.92 -22.14 -12.95
C GLY C 463 -4.92 -23.14 -13.50
N VAL C 464 -3.66 -22.96 -13.11
CA VAL C 464 -2.59 -23.89 -13.43
C VAL C 464 -2.16 -24.58 -12.15
N VAL C 465 -2.29 -25.90 -12.13
CA VAL C 465 -1.87 -26.72 -11.00
C VAL C 465 -0.73 -27.59 -11.47
N GLY C 466 0.46 -27.02 -11.58
CA GLY C 466 1.58 -27.75 -12.16
C GLY C 466 1.36 -27.93 -13.65
N ASP C 467 1.45 -29.18 -14.11
CA ASP C 467 1.17 -29.52 -15.49
C ASP C 467 -0.32 -29.61 -15.79
N GLY C 468 -1.18 -29.57 -14.76
CA GLY C 468 -2.60 -29.74 -14.93
C GLY C 468 -3.36 -28.43 -14.99
N ARG C 469 -4.57 -28.50 -15.52
CA ARG C 469 -5.45 -27.35 -15.66
C ARG C 469 -6.59 -27.47 -14.65
N ARG C 470 -6.86 -26.39 -13.94
CA ARG C 470 -8.02 -26.30 -13.05
C ARG C 470 -9.06 -25.41 -13.69
N TYR C 471 -10.33 -25.74 -13.49
CA TYR C 471 -11.45 -24.89 -13.87
C TYR C 471 -12.45 -24.95 -12.72
N ALA C 472 -12.47 -23.92 -11.88
CA ALA C 472 -13.15 -24.01 -10.61
C ALA C 472 -13.65 -22.63 -10.18
N TRP C 473 -14.35 -22.61 -9.05
CA TRP C 473 -15.07 -21.42 -8.61
C TRP C 473 -14.11 -20.28 -8.26
N VAL C 474 -14.67 -19.07 -8.30
CA VAL C 474 -13.95 -17.84 -7.98
C VAL C 474 -14.51 -17.28 -6.68
N ILE C 475 -13.66 -17.20 -5.64
CA ILE C 475 -14.05 -16.68 -4.34
C ILE C 475 -13.74 -15.19 -4.29
N ALA C 476 -14.67 -14.42 -3.71
CA ALA C 476 -14.44 -13.00 -3.43
C ALA C 476 -14.23 -12.79 -1.94
N LEU C 477 -13.28 -11.93 -1.59
CA LEU C 477 -13.04 -11.50 -0.22
C LEU C 477 -13.61 -10.10 -0.01
N ARG C 478 -14.28 -9.89 1.13
CA ARG C 478 -14.85 -8.60 1.46
C ARG C 478 -14.35 -8.19 2.84
N ALA C 479 -13.83 -6.98 2.94
CA ALA C 479 -13.33 -6.43 4.19
C ALA C 479 -13.46 -4.92 4.13
N VAL C 480 -13.99 -4.31 5.18
CA VAL C 480 -14.25 -2.88 5.20
C VAL C 480 -13.79 -2.28 6.52
N GLU C 481 -13.50 -0.99 6.46
CA GLU C 481 -13.18 -0.15 7.61
C GLU C 481 -14.32 0.85 7.80
N THR C 482 -14.85 0.94 9.01
CA THR C 482 -15.96 1.83 9.29
C THR C 482 -16.15 1.93 10.79
N VAL C 483 -16.80 3.00 11.23
CA VAL C 483 -17.22 3.17 12.61
C VAL C 483 -18.74 3.01 12.76
N ASP C 484 -19.51 3.53 11.79
CA ASP C 484 -20.97 3.56 11.91
C ASP C 484 -21.68 2.62 10.96
N PHE C 485 -20.97 2.02 10.01
CA PHE C 485 -21.54 1.21 8.92
C PHE C 485 -22.47 2.02 8.02
N MET C 486 -22.52 3.34 8.18
CA MET C 486 -23.25 4.20 7.26
C MET C 486 -22.41 4.56 6.02
N THR C 487 -21.10 4.74 6.21
CA THR C 487 -20.14 4.81 5.12
C THR C 487 -18.99 3.86 5.45
N ALA C 488 -18.50 3.14 4.45
CA ALA C 488 -17.45 2.17 4.70
C ALA C 488 -16.51 2.12 3.50
N ARG C 489 -15.22 2.02 3.79
CA ARG C 489 -14.20 1.92 2.76
C ARG C 489 -13.68 0.49 2.72
N PHE C 490 -13.34 0.01 1.54
CA PHE C 490 -12.72 -1.30 1.47
C PHE C 490 -11.37 -1.24 2.17
N ALA C 491 -11.03 -2.33 2.87
CA ALA C 491 -9.97 -2.27 3.86
C ALA C 491 -8.59 -2.18 3.23
N HIS C 492 -7.71 -1.40 3.88
CA HIS C 492 -6.31 -1.25 3.50
C HIS C 492 -5.46 -2.43 3.99
N LEU C 493 -5.85 -3.64 3.59
CA LEU C 493 -5.06 -4.81 3.97
C LEU C 493 -3.73 -4.79 3.25
N PRO C 494 -2.64 -5.19 3.92
CA PRO C 494 -1.33 -5.21 3.26
C PRO C 494 -1.32 -6.13 2.06
N TYR C 495 -0.63 -5.69 0.99
CA TYR C 495 -0.47 -6.49 -0.22
C TYR C 495 -0.08 -7.92 0.12
N GLU C 496 0.97 -8.09 0.93
CA GLU C 496 1.50 -9.43 1.14
C GLU C 496 0.56 -10.30 1.96
N LEU C 497 -0.26 -9.68 2.82
CA LEU C 497 -1.25 -10.45 3.56
C LEU C 497 -2.34 -10.98 2.62
N VAL C 498 -2.85 -10.11 1.75
CA VAL C 498 -3.86 -10.55 0.78
C VAL C 498 -3.28 -11.63 -0.13
N ASP C 499 -2.03 -11.48 -0.55
CA ASP C 499 -1.42 -12.51 -1.39
C ASP C 499 -1.28 -13.83 -0.63
N LYS C 500 -0.96 -13.77 0.65
CA LYS C 500 -0.89 -15.00 1.44
C LYS C 500 -2.25 -15.67 1.51
N ILE C 501 -3.32 -14.87 1.66
CA ILE C 501 -4.66 -15.43 1.80
C ILE C 501 -5.12 -16.10 0.51
N SER C 502 -4.92 -15.41 -0.62
CA SER C 502 -5.38 -15.99 -1.88
C SER C 502 -4.57 -17.22 -2.25
N THR C 503 -3.25 -17.19 -2.03
CA THR C 503 -2.43 -18.36 -2.26
C THR C 503 -2.90 -19.54 -1.42
N ARG C 504 -3.20 -19.30 -0.14
CA ARG C 504 -3.65 -20.37 0.73
C ARG C 504 -4.99 -20.94 0.25
N ILE C 505 -5.92 -20.06 -0.13
CA ILE C 505 -7.23 -20.55 -0.57
C ILE C 505 -7.10 -21.39 -1.84
N MET C 506 -6.30 -20.93 -2.81
CA MET C 506 -6.18 -21.70 -4.04
C MET C 506 -5.43 -23.01 -3.81
N ASN C 507 -4.45 -22.99 -2.90
CA ASN C 507 -3.64 -24.18 -2.68
C ASN C 507 -4.31 -25.21 -1.77
N GLU C 508 -5.26 -24.80 -0.92
CA GLU C 508 -5.88 -25.72 0.02
C GLU C 508 -7.28 -26.16 -0.36
N ILE C 509 -7.93 -25.49 -1.30
CA ILE C 509 -9.31 -25.82 -1.69
C ILE C 509 -9.31 -26.08 -3.18
N LYS C 510 -9.43 -27.36 -3.54
CA LYS C 510 -9.36 -27.77 -4.95
C LYS C 510 -10.47 -27.12 -5.78
N ASP C 511 -11.58 -26.82 -5.16
CA ASP C 511 -12.75 -26.27 -5.83
C ASP C 511 -12.68 -24.76 -6.06
N VAL C 512 -11.55 -24.12 -5.77
CA VAL C 512 -11.40 -22.69 -5.97
C VAL C 512 -10.24 -22.44 -6.93
N SER C 513 -10.52 -21.75 -8.02
CA SER C 513 -9.48 -21.43 -9.00
C SER C 513 -8.79 -20.11 -8.72
N ARG C 514 -9.47 -19.18 -8.07
CA ARG C 514 -9.05 -17.79 -8.10
C ARG C 514 -9.73 -17.04 -6.97
N VAL C 515 -9.05 -16.03 -6.46
CA VAL C 515 -9.56 -15.16 -5.39
C VAL C 515 -9.51 -13.72 -5.88
N VAL C 516 -10.61 -13.00 -5.67
CA VAL C 516 -10.70 -11.56 -5.95
C VAL C 516 -11.02 -10.84 -4.65
N TYR C 517 -10.78 -9.53 -4.66
CA TYR C 517 -10.99 -8.67 -3.49
C TYR C 517 -11.98 -7.57 -3.84
N ASP C 518 -13.06 -7.47 -3.08
CA ASP C 518 -14.03 -6.39 -3.25
C ASP C 518 -13.35 -5.04 -3.02
N VAL C 519 -13.30 -4.20 -4.06
CA VAL C 519 -12.64 -2.90 -3.95
C VAL C 519 -13.67 -1.80 -4.13
N SER C 520 -14.91 -2.06 -3.70
CA SER C 520 -15.99 -1.10 -3.80
C SER C 520 -16.32 -0.60 -2.40
N SER C 521 -16.30 0.71 -2.22
CA SER C 521 -16.62 1.32 -0.93
C SER C 521 -18.11 1.68 -0.86
N LYS C 522 -18.56 1.89 0.37
CA LYS C 522 -19.94 2.28 0.63
C LYS C 522 -19.99 3.76 1.00
N PRO C 523 -20.69 4.60 0.23
CA PRO C 523 -21.38 4.28 -1.03
C PRO C 523 -20.41 4.27 -2.20
N PRO C 524 -20.85 3.85 -3.40
CA PRO C 524 -22.19 3.44 -3.84
C PRO C 524 -22.51 1.96 -3.71
N ALA C 525 -21.60 1.17 -3.13
CA ALA C 525 -21.81 -0.26 -2.93
C ALA C 525 -22.28 -0.54 -1.51
N THR C 526 -22.95 -1.67 -1.32
CA THR C 526 -23.31 -2.13 0.02
C THR C 526 -22.20 -3.01 0.59
N ILE C 527 -22.28 -3.26 1.90
CA ILE C 527 -21.28 -4.09 2.56
C ILE C 527 -21.48 -5.56 2.21
N GLU C 528 -22.66 -6.09 2.52
CA GLU C 528 -23.02 -7.41 2.05
C GLU C 528 -23.41 -7.36 0.57
N TRP C 529 -23.22 -8.47 -0.12
CA TRP C 529 -23.48 -8.51 -1.56
C TRP C 529 -24.95 -8.74 -1.89
N GLU C 530 -25.72 -9.31 -0.97
CA GLU C 530 -27.15 -9.54 -1.16
C GLU C 530 -27.92 -9.13 0.07
N HIS D 8 28.07 25.27 -52.52
CA HIS D 8 28.41 23.90 -52.15
C HIS D 8 27.14 23.09 -51.84
N MET D 9 27.28 21.77 -51.74
CA MET D 9 26.16 20.95 -51.36
C MET D 9 25.85 21.17 -49.88
N THR D 10 24.57 21.36 -49.58
CA THR D 10 24.11 21.61 -48.22
C THR D 10 23.10 20.56 -47.80
N THR D 11 22.88 20.47 -46.48
CA THR D 11 22.04 19.42 -45.94
C THR D 11 20.62 19.52 -46.45
N ASN D 12 20.07 18.38 -46.86
CA ASN D 12 18.67 18.26 -47.24
C ASN D 12 17.80 18.32 -45.98
N THR D 13 16.98 19.37 -45.87
CA THR D 13 16.16 19.63 -44.70
C THR D 13 14.68 19.36 -44.95
N GLN D 14 14.38 18.40 -45.84
CA GLN D 14 13.00 18.16 -46.24
C GLN D 14 12.09 17.81 -45.06
N ILE D 15 12.63 17.20 -44.00
CA ILE D 15 11.75 16.70 -42.94
C ILE D 15 11.26 17.78 -42.00
N THR D 16 11.68 19.04 -42.17
CA THR D 16 11.12 20.15 -41.42
C THR D 16 10.28 21.07 -42.30
N GLU D 17 10.04 20.69 -43.55
CA GLU D 17 9.22 21.53 -44.44
C GLU D 17 7.79 21.61 -43.93
N ASP D 18 7.16 20.47 -43.65
CA ASP D 18 5.88 20.47 -42.97
C ASP D 18 6.08 20.86 -41.52
N ARG D 19 5.37 21.89 -41.06
CA ARG D 19 5.64 22.43 -39.74
C ARG D 19 4.39 23.10 -39.16
N ILE D 20 4.28 23.04 -37.83
CA ILE D 20 3.19 23.68 -37.11
C ILE D 20 3.79 24.73 -36.19
N LEU D 21 3.14 25.89 -36.12
CA LEU D 21 3.53 26.97 -35.23
C LEU D 21 2.59 27.01 -34.03
N ILE D 22 3.16 26.96 -32.83
CA ILE D 22 2.39 27.06 -31.59
C ILE D 22 2.67 28.44 -31.00
N LEU D 23 1.62 29.25 -30.85
CA LEU D 23 1.73 30.55 -30.19
C LEU D 23 1.28 30.38 -28.74
N ASP D 24 2.18 30.69 -27.81
CA ASP D 24 1.97 30.44 -26.40
C ASP D 24 1.33 31.66 -25.74
N PHE D 25 0.17 31.46 -25.14
CA PHE D 25 -0.56 32.50 -24.43
C PHE D 25 -0.38 32.43 -22.92
N GLY D 26 0.45 31.52 -22.42
CA GLY D 26 0.77 31.45 -21.00
C GLY D 26 0.43 30.15 -20.33
N SER D 27 -0.26 29.22 -20.99
CA SER D 27 -0.66 27.98 -20.35
C SER D 27 0.56 27.13 -20.00
N GLN D 28 0.49 26.46 -18.86
CA GLN D 28 1.53 25.51 -18.47
C GLN D 28 1.58 24.29 -19.38
N TYR D 29 0.59 24.11 -20.26
CA TYR D 29 0.51 22.97 -21.15
C TYR D 29 0.99 23.28 -22.57
N SER D 30 1.49 24.50 -22.81
CA SER D 30 1.78 24.92 -24.18
C SER D 30 2.86 24.08 -24.84
N GLN D 31 3.88 23.69 -24.07
CA GLN D 31 4.92 22.85 -24.67
C GLN D 31 4.39 21.45 -25.00
N LEU D 32 3.41 20.97 -24.23
CA LEU D 32 2.79 19.69 -24.56
C LEU D 32 2.17 19.70 -25.95
N ILE D 33 1.57 20.83 -26.34
CA ILE D 33 1.05 20.96 -27.69
C ILE D 33 2.16 20.71 -28.71
N ALA D 34 3.27 21.46 -28.57
CA ALA D 34 4.39 21.28 -29.50
C ALA D 34 4.92 19.85 -29.48
N ARG D 35 4.99 19.23 -28.30
CA ARG D 35 5.50 17.87 -28.19
C ARG D 35 4.56 16.88 -28.86
N ARG D 36 3.24 17.10 -28.72
CA ARG D 36 2.28 16.19 -29.34
C ARG D 36 2.33 16.29 -30.86
N VAL D 37 2.59 17.48 -31.41
CA VAL D 37 2.74 17.60 -32.85
C VAL D 37 3.92 16.78 -33.33
N ARG D 38 5.04 16.83 -32.59
CA ARG D 38 6.23 16.07 -32.96
C ARG D 38 6.00 14.57 -32.84
N GLU D 39 5.33 14.13 -31.77
CA GLU D 39 4.97 12.71 -31.65
C GLU D 39 4.13 12.26 -32.84
N ALA D 40 3.33 13.16 -33.40
CA ALA D 40 2.52 12.83 -34.57
C ALA D 40 3.34 12.86 -35.87
N GLY D 41 4.64 13.11 -35.79
CA GLY D 41 5.49 13.07 -36.97
C GLY D 41 5.70 14.38 -37.70
N VAL D 42 5.43 15.52 -37.05
CA VAL D 42 5.48 16.82 -37.71
C VAL D 42 6.35 17.76 -36.90
N TYR D 43 7.25 18.48 -37.58
CA TYR D 43 8.10 19.46 -36.92
C TYR D 43 7.26 20.59 -36.35
N SER D 44 7.71 21.14 -35.22
CA SER D 44 6.97 22.23 -34.58
C SER D 44 7.92 23.11 -33.80
N GLU D 45 7.53 24.39 -33.66
CA GLU D 45 8.22 25.34 -32.81
C GLU D 45 7.17 26.15 -32.05
N MET D 46 7.57 26.66 -30.88
CA MET D 46 6.69 27.43 -30.02
C MET D 46 7.27 28.82 -29.79
N TYR D 47 6.41 29.83 -29.83
CA TYR D 47 6.81 31.20 -29.58
C TYR D 47 5.72 31.91 -28.79
N ALA D 48 6.11 32.98 -28.10
CA ALA D 48 5.14 33.78 -27.38
C ALA D 48 4.08 34.32 -28.34
N PHE D 49 2.91 34.65 -27.77
CA PHE D 49 1.77 35.04 -28.60
C PHE D 49 2.06 36.27 -29.44
N ASP D 50 2.88 37.20 -28.94
CA ASP D 50 3.15 38.44 -29.67
C ASP D 50 4.29 38.30 -30.68
N MET D 51 4.44 37.12 -31.27
CA MET D 51 5.40 36.91 -32.35
C MET D 51 5.13 37.88 -33.50
N SER D 52 6.20 38.49 -34.02
CA SER D 52 6.04 39.49 -35.07
C SER D 52 5.44 38.86 -36.33
N GLU D 53 4.73 39.69 -37.11
CA GLU D 53 4.19 39.21 -38.38
C GLU D 53 5.30 38.79 -39.33
N GLU D 54 6.45 39.48 -39.28
CA GLU D 54 7.57 39.11 -40.14
C GLU D 54 8.05 37.69 -39.84
N ASP D 55 8.24 37.38 -38.56
CA ASP D 55 8.70 36.03 -38.19
C ASP D 55 7.64 34.98 -38.51
N ILE D 56 6.37 35.32 -38.30
CA ILE D 56 5.30 34.34 -38.54
C ILE D 56 5.26 33.95 -40.01
N ARG D 57 5.31 34.94 -40.89
CA ARG D 57 5.35 34.66 -42.33
C ARG D 57 6.63 33.92 -42.70
N ALA D 58 7.77 34.35 -42.16
CA ALA D 58 9.04 33.68 -42.46
C ALA D 58 9.04 32.23 -41.98
N PHE D 59 8.32 31.94 -40.90
CA PHE D 59 8.24 30.56 -40.41
C PHE D 59 7.58 29.65 -41.44
N LYS D 60 6.65 30.18 -42.24
CA LYS D 60 5.90 29.43 -43.25
C LYS D 60 5.15 28.26 -42.64
N PRO D 61 4.26 28.50 -41.67
CA PRO D 61 3.60 27.37 -41.01
C PRO D 61 2.56 26.74 -41.92
N ASN D 62 2.44 25.41 -41.82
CA ASN D 62 1.32 24.70 -42.43
C ASN D 62 0.05 24.83 -41.59
N GLY D 63 0.20 25.16 -40.32
CA GLY D 63 -0.92 25.38 -39.43
C GLY D 63 -0.45 26.06 -38.18
N ILE D 64 -1.40 26.66 -37.46
CA ILE D 64 -1.10 27.43 -36.27
C ILE D 64 -2.03 26.99 -35.15
N ILE D 65 -1.48 26.83 -33.95
CA ILE D 65 -2.24 26.46 -32.77
C ILE D 65 -2.07 27.54 -31.72
N LEU D 66 -3.20 28.09 -31.25
CA LEU D 66 -3.21 29.10 -30.22
C LEU D 66 -3.47 28.41 -28.88
N SER D 67 -2.49 28.45 -27.99
CA SER D 67 -2.59 27.74 -26.72
C SER D 67 -3.59 28.42 -25.78
N GLY D 68 -3.79 27.82 -24.63
CA GLY D 68 -4.52 28.46 -23.55
C GLY D 68 -3.65 29.44 -22.79
N GLY D 69 -4.24 30.06 -21.78
CA GLY D 69 -3.56 31.03 -20.96
C GLY D 69 -4.36 31.43 -19.73
N PRO D 70 -3.69 32.00 -18.73
CA PRO D 70 -4.38 32.36 -17.48
C PRO D 70 -5.09 33.70 -17.56
N GLU D 71 -5.32 34.20 -18.76
CA GLU D 71 -5.83 35.54 -18.98
C GLU D 71 -7.31 35.50 -19.35
N SER D 72 -7.90 36.69 -19.50
CA SER D 72 -9.33 36.82 -19.80
C SER D 72 -9.49 38.00 -20.76
N VAL D 73 -10.12 37.74 -21.92
CA VAL D 73 -10.12 38.72 -23.00
C VAL D 73 -10.80 40.02 -22.58
N HIS D 74 -11.83 39.95 -21.74
CA HIS D 74 -12.59 41.14 -21.38
C HIS D 74 -11.84 42.08 -20.45
N GLU D 75 -10.69 41.67 -19.92
CA GLU D 75 -9.85 42.59 -19.16
C GLU D 75 -9.02 43.42 -20.13
N GLU D 76 -8.83 44.70 -19.79
CA GLU D 76 -8.00 45.57 -20.61
C GLU D 76 -6.55 45.12 -20.52
N GLY D 77 -5.87 45.14 -21.68
CA GLY D 77 -4.50 44.65 -21.73
C GLY D 77 -4.36 43.14 -21.81
N SER D 78 -5.44 42.44 -22.13
CA SER D 78 -5.37 40.99 -22.25
C SER D 78 -4.71 40.60 -23.56
N PRO D 79 -4.03 39.44 -23.60
CA PRO D 79 -3.30 39.06 -24.82
C PRO D 79 -4.23 38.85 -26.00
N ARG D 80 -3.73 39.15 -27.18
CA ARG D 80 -4.43 38.93 -28.44
C ARG D 80 -3.51 38.21 -29.41
N ALA D 81 -4.11 37.45 -30.31
CA ALA D 81 -3.33 36.84 -31.37
C ALA D 81 -2.99 37.89 -32.44
N PRO D 82 -1.81 37.82 -33.05
CA PRO D 82 -1.53 38.70 -34.18
C PRO D 82 -2.54 38.46 -35.29
N GLN D 83 -2.98 39.54 -35.92
CA GLN D 83 -4.09 39.43 -36.86
C GLN D 83 -3.71 38.61 -38.08
N VAL D 84 -2.43 38.57 -38.44
CA VAL D 84 -1.97 37.81 -39.59
C VAL D 84 -2.26 36.32 -39.44
N VAL D 85 -2.47 35.84 -38.21
CA VAL D 85 -2.74 34.42 -37.99
C VAL D 85 -3.97 33.99 -38.77
N PHE D 86 -4.99 34.84 -38.83
CA PHE D 86 -6.24 34.52 -39.50
C PHE D 86 -6.26 34.92 -40.96
N GLU D 87 -5.15 35.40 -41.50
CA GLU D 87 -5.08 35.91 -42.87
C GLU D 87 -4.09 35.17 -43.75
N LEU D 88 -3.39 34.17 -43.22
CA LEU D 88 -2.36 33.46 -43.98
C LEU D 88 -2.92 32.37 -44.88
N GLY D 89 -4.18 31.98 -44.70
CA GLY D 89 -4.73 30.90 -45.50
C GLY D 89 -4.36 29.53 -45.05
N VAL D 90 -3.90 29.38 -43.82
CA VAL D 90 -3.60 28.07 -43.24
C VAL D 90 -4.54 27.84 -42.07
N PRO D 91 -4.79 26.58 -41.70
CA PRO D 91 -5.70 26.31 -40.59
C PRO D 91 -5.19 26.85 -39.27
N VAL D 92 -6.12 27.11 -38.35
CA VAL D 92 -5.81 27.61 -37.02
C VAL D 92 -6.65 26.84 -36.01
N LEU D 93 -6.02 26.39 -34.93
CA LEU D 93 -6.68 25.71 -33.83
C LEU D 93 -6.50 26.54 -32.55
N GLY D 94 -7.60 26.96 -31.96
CA GLY D 94 -7.53 27.66 -30.70
C GLY D 94 -7.94 26.81 -29.53
N ILE D 95 -7.06 26.67 -28.53
CA ILE D 95 -7.29 25.82 -27.38
C ILE D 95 -7.65 26.71 -26.18
N CYS D 96 -8.88 26.58 -25.70
N CYS D 96 -8.87 26.57 -25.69
CA CYS D 96 -9.38 27.34 -24.55
CA CYS D 96 -9.36 27.33 -24.54
C CYS D 96 -9.25 28.84 -24.80
C CYS D 96 -9.26 28.82 -24.78
N TYR D 97 -8.25 29.48 -24.20
CA TYR D 97 -8.08 30.91 -24.40
C TYR D 97 -7.81 31.21 -25.88
N GLY D 98 -7.10 30.32 -26.57
CA GLY D 98 -6.91 30.50 -27.99
C GLY D 98 -8.22 30.51 -28.75
N LEU D 99 -9.15 29.66 -28.33
CA LEU D 99 -10.50 29.69 -28.91
C LEU D 99 -11.21 31.00 -28.54
N GLN D 100 -11.03 31.45 -27.30
CA GLN D 100 -11.73 32.65 -26.84
C GLN D 100 -11.22 33.91 -27.53
N THR D 101 -9.89 34.03 -27.72
CA THR D 101 -9.37 35.19 -28.42
C THR D 101 -9.63 35.10 -29.92
N MET D 102 -9.66 33.88 -30.47
CA MET D 102 -10.07 33.71 -31.86
C MET D 102 -11.49 34.21 -32.07
N SER D 103 -12.40 33.89 -31.13
CA SER D 103 -13.79 34.32 -31.26
C SER D 103 -13.91 35.83 -31.17
N GLU D 104 -13.25 36.43 -30.16
CA GLU D 104 -13.30 37.88 -30.00
C GLU D 104 -12.82 38.60 -31.25
N GLN D 105 -11.69 38.17 -31.79
CA GLN D 105 -11.06 38.85 -32.92
C GLN D 105 -11.75 38.59 -34.25
N LEU D 106 -12.78 37.74 -34.30
CA LEU D 106 -13.47 37.42 -35.55
C LEU D 106 -14.96 37.75 -35.51
N GLY D 107 -15.42 38.54 -34.55
CA GLY D 107 -16.80 38.96 -34.49
C GLY D 107 -17.66 38.28 -33.44
N GLY D 108 -17.12 37.32 -32.69
CA GLY D 108 -17.84 36.69 -31.61
C GLY D 108 -17.74 37.48 -30.32
N LYS D 109 -18.29 36.89 -29.26
CA LYS D 109 -18.25 37.51 -27.94
C LYS D 109 -17.89 36.45 -26.91
N VAL D 110 -17.18 36.88 -25.87
CA VAL D 110 -16.74 36.01 -24.78
C VAL D 110 -17.32 36.56 -23.48
N GLU D 111 -18.01 35.69 -22.74
CA GLU D 111 -18.60 36.08 -21.46
C GLU D 111 -17.78 35.54 -20.30
N PRO D 112 -17.57 36.32 -19.25
CA PRO D 112 -16.80 35.84 -18.10
C PRO D 112 -17.55 34.78 -17.31
N GLY D 113 -16.78 34.00 -16.57
CA GLY D 113 -17.34 32.95 -15.73
C GLY D 113 -16.96 33.08 -14.26
N PHE D 118 -10.70 23.59 -13.82
CA PHE D 118 -10.12 22.42 -14.46
C PHE D 118 -10.72 21.11 -13.93
N GLY D 119 -11.34 20.35 -14.83
CA GLY D 119 -11.94 19.08 -14.47
C GLY D 119 -12.35 18.29 -15.69
N TYR D 120 -12.76 17.05 -15.44
CA TYR D 120 -13.22 16.17 -16.50
C TYR D 120 -14.65 16.51 -16.89
N ALA D 121 -14.95 16.33 -18.18
CA ALA D 121 -16.31 16.49 -18.67
C ALA D 121 -16.50 15.59 -19.89
N GLU D 122 -17.73 15.15 -20.08
CA GLU D 122 -18.10 14.35 -21.24
C GLU D 122 -18.83 15.27 -22.21
N VAL D 123 -18.12 15.74 -23.25
CA VAL D 123 -18.74 16.63 -24.21
C VAL D 123 -19.52 15.80 -25.23
N ASP D 124 -20.64 16.37 -25.69
CA ASP D 124 -21.48 15.73 -26.70
C ASP D 124 -21.07 16.21 -28.08
N ILE D 125 -20.82 15.27 -28.98
CA ILE D 125 -20.48 15.60 -30.36
C ILE D 125 -21.78 15.95 -31.09
N VAL D 126 -21.95 17.21 -31.46
CA VAL D 126 -23.14 17.64 -32.18
C VAL D 126 -22.91 17.76 -33.68
N LYS D 127 -21.66 17.91 -34.12
CA LYS D 127 -21.32 17.93 -35.54
C LYS D 127 -19.90 17.43 -35.72
N ARG D 128 -19.72 16.47 -36.61
CA ARG D 128 -18.40 15.86 -36.83
C ARG D 128 -17.71 16.61 -37.97
N ASP D 129 -16.87 17.58 -37.62
CA ASP D 129 -16.04 18.26 -38.59
C ASP D 129 -14.78 17.43 -38.83
N GLN D 130 -13.78 17.99 -39.50
CA GLN D 130 -12.57 17.23 -39.76
C GLN D 130 -11.65 17.14 -38.54
N LEU D 131 -11.87 17.98 -37.53
CA LEU D 131 -11.09 17.89 -36.30
C LEU D 131 -11.57 16.71 -35.45
N ILE D 132 -12.88 16.65 -35.20
CA ILE D 132 -13.45 15.53 -34.45
C ILE D 132 -13.42 14.25 -35.30
N GLY D 133 -13.77 14.36 -36.58
CA GLY D 133 -13.77 13.19 -37.44
C GLY D 133 -14.66 12.08 -36.90
N ASN D 134 -14.15 10.86 -36.95
CA ASN D 134 -14.87 9.69 -36.45
C ASN D 134 -14.59 9.40 -34.98
N LEU D 135 -13.93 10.31 -34.28
CA LEU D 135 -13.46 10.03 -32.93
C LEU D 135 -14.60 10.05 -31.93
N GLN D 136 -14.47 9.20 -30.90
CA GLN D 136 -15.42 9.20 -29.79
C GLN D 136 -14.86 8.32 -28.69
N ASP D 137 -15.36 8.55 -27.48
CA ASP D 137 -15.12 7.62 -26.38
C ASP D 137 -16.37 6.77 -26.23
N ARG D 138 -17.25 7.11 -25.28
CA ARG D 138 -18.61 6.62 -25.40
C ARG D 138 -19.23 7.23 -26.65
N GLU D 139 -20.30 6.61 -27.13
CA GLU D 139 -20.83 6.93 -28.45
C GLU D 139 -21.18 8.41 -28.56
N ASN D 140 -20.65 9.06 -29.59
CA ASN D 140 -20.90 10.47 -29.87
C ASN D 140 -20.56 11.36 -28.69
N GLN D 141 -19.57 10.95 -27.89
CA GLN D 141 -19.09 11.70 -26.75
C GLN D 141 -17.57 11.70 -26.73
N LEU D 142 -17.01 12.66 -25.99
CA LEU D 142 -15.57 12.75 -25.81
C LEU D 142 -15.26 13.07 -24.36
N HIS D 143 -14.41 12.24 -23.74
CA HIS D 143 -13.97 12.41 -22.36
C HIS D 143 -12.79 13.38 -22.36
N VAL D 144 -13.02 14.61 -21.91
CA VAL D 144 -12.03 15.68 -22.06
C VAL D 144 -11.69 16.28 -20.71
N TRP D 145 -10.54 16.96 -20.68
CA TRP D 145 -10.10 17.76 -19.54
C TRP D 145 -10.47 19.21 -19.83
N MET D 146 -11.48 19.72 -19.11
CA MET D 146 -12.09 21.00 -19.40
C MET D 146 -11.50 22.10 -18.50
N SER D 147 -11.42 23.31 -19.05
CA SER D 147 -11.03 24.49 -18.29
C SER D 147 -12.30 25.28 -18.00
N HIS D 148 -12.80 25.17 -16.77
CA HIS D 148 -14.03 25.86 -16.37
C HIS D 148 -13.70 27.29 -15.99
N GLY D 149 -14.12 28.25 -16.81
CA GLY D 149 -13.86 29.65 -16.57
C GLY D 149 -14.62 30.55 -17.52
N ASP D 150 -13.92 31.13 -18.50
CA ASP D 150 -14.56 31.92 -19.55
C ASP D 150 -15.19 31.03 -20.61
N LYS D 151 -16.24 31.53 -21.24
CA LYS D 151 -16.96 30.78 -22.26
C LYS D 151 -17.23 31.67 -23.45
N VAL D 152 -17.44 31.04 -24.60
CA VAL D 152 -17.84 31.76 -25.81
C VAL D 152 -19.34 31.96 -25.78
N SER D 153 -19.77 33.22 -25.71
CA SER D 153 -21.20 33.53 -25.63
C SER D 153 -21.84 33.55 -27.01
N GLN D 154 -21.13 34.04 -28.02
CA GLN D 154 -21.64 34.09 -29.39
C GLN D 154 -20.51 33.67 -30.33
N ILE D 155 -20.76 32.64 -31.14
CA ILE D 155 -19.75 32.13 -32.06
C ILE D 155 -19.62 33.09 -33.23
N PRO D 156 -18.43 33.23 -33.83
CA PRO D 156 -18.27 34.19 -34.93
C PRO D 156 -18.99 33.74 -36.18
N GLU D 157 -19.16 34.70 -37.09
CA GLU D 157 -19.82 34.44 -38.37
C GLU D 157 -19.11 33.33 -39.13
N GLY D 158 -19.88 32.42 -39.70
CA GLY D 158 -19.35 31.31 -40.46
C GLY D 158 -18.94 30.10 -39.65
N PHE D 159 -19.05 30.16 -38.33
CA PHE D 159 -18.70 29.04 -37.46
C PHE D 159 -19.94 28.20 -37.15
N THR D 160 -19.70 26.95 -36.78
CA THR D 160 -20.74 26.04 -36.33
C THR D 160 -20.25 25.34 -35.07
N ILE D 161 -21.12 25.27 -34.06
CA ILE D 161 -20.80 24.54 -32.84
C ILE D 161 -20.72 23.06 -33.18
N THR D 162 -19.58 22.45 -32.84
CA THR D 162 -19.36 21.03 -33.13
C THR D 162 -19.49 20.13 -31.91
N ALA D 163 -19.41 20.70 -30.71
CA ALA D 163 -19.56 19.92 -29.48
C ALA D 163 -20.04 20.85 -28.38
N SER D 164 -20.65 20.24 -27.35
CA SER D 164 -21.23 21.01 -26.26
C SER D 164 -21.39 20.12 -25.04
N THR D 165 -21.51 20.77 -23.89
CA THR D 165 -21.99 20.15 -22.67
C THR D 165 -23.20 20.95 -22.18
N PRO D 166 -23.99 20.41 -21.25
CA PRO D 166 -25.05 21.23 -20.65
C PRO D 166 -24.54 22.54 -20.06
N SER D 167 -23.41 22.51 -19.37
CA SER D 167 -22.88 23.70 -18.71
C SER D 167 -22.02 24.56 -19.63
N CYS D 168 -21.56 24.01 -20.75
CA CYS D 168 -20.71 24.74 -21.69
C CYS D 168 -21.28 24.51 -23.09
N PRO D 169 -22.24 25.34 -23.51
CA PRO D 169 -22.89 25.11 -24.82
C PRO D 169 -21.94 25.26 -26.00
N VAL D 170 -20.83 25.96 -25.82
CA VAL D 170 -19.84 26.10 -26.88
C VAL D 170 -18.57 25.37 -26.46
N ALA D 171 -18.57 24.04 -26.59
CA ALA D 171 -17.40 23.25 -26.22
C ALA D 171 -16.40 23.12 -27.36
N ALA D 172 -16.88 23.10 -28.61
CA ALA D 172 -16.01 23.04 -29.77
C ALA D 172 -16.72 23.68 -30.94
N VAL D 173 -15.96 24.38 -31.79
CA VAL D 173 -16.51 25.07 -32.96
C VAL D 173 -15.53 24.90 -34.11
N SER D 174 -16.00 25.27 -35.30
CA SER D 174 -15.14 25.33 -36.47
C SER D 174 -15.84 26.09 -37.59
N ASP D 175 -15.07 26.94 -38.26
CA ASP D 175 -15.43 27.50 -39.56
C ASP D 175 -14.58 26.74 -40.58
N GLU D 176 -15.17 25.74 -41.22
CA GLU D 176 -14.40 24.89 -42.11
C GLU D 176 -14.19 25.50 -43.50
N THR D 177 -14.76 26.67 -43.76
CA THR D 177 -14.40 27.41 -44.97
C THR D 177 -13.05 28.10 -44.80
N ARG D 178 -12.88 28.85 -43.71
CA ARG D 178 -11.59 29.44 -43.38
C ARG D 178 -10.66 28.47 -42.65
N ARG D 179 -11.18 27.30 -42.26
CA ARG D 179 -10.41 26.27 -41.58
C ARG D 179 -9.89 26.75 -40.23
N PHE D 180 -10.75 27.44 -39.48
CA PHE D 180 -10.47 27.83 -38.10
C PHE D 180 -11.20 26.85 -37.17
N TYR D 181 -10.49 26.38 -36.15
CA TYR D 181 -11.03 25.38 -35.23
C TYR D 181 -10.77 25.81 -33.79
N GLY D 182 -11.65 25.37 -32.89
CA GLY D 182 -11.50 25.75 -31.50
C GLY D 182 -12.10 24.75 -30.54
N VAL D 183 -11.42 24.52 -29.43
CA VAL D 183 -11.90 23.63 -28.38
C VAL D 183 -11.76 24.34 -27.05
N GLN D 184 -12.75 24.14 -26.17
CA GLN D 184 -12.72 24.70 -24.83
C GLN D 184 -12.02 23.76 -23.84
N PHE D 185 -11.54 22.62 -24.31
CA PHE D 185 -10.79 21.67 -23.51
C PHE D 185 -9.38 21.54 -24.06
N HIS D 186 -8.54 20.81 -23.33
CA HIS D 186 -7.13 20.69 -23.65
C HIS D 186 -6.82 19.34 -24.29
N PRO D 187 -6.68 19.27 -25.62
CA PRO D 187 -6.31 17.99 -26.25
C PRO D 187 -4.85 17.60 -26.05
N GLU D 188 -4.02 18.50 -25.51
CA GLU D 188 -2.60 18.20 -25.37
C GLU D 188 -2.27 17.41 -24.11
N VAL D 189 -3.23 17.19 -23.22
CA VAL D 189 -2.97 16.52 -21.95
C VAL D 189 -3.51 15.11 -21.99
N THR D 190 -2.92 14.24 -21.16
CA THR D 190 -3.37 12.85 -21.11
C THR D 190 -4.81 12.76 -20.63
N HIS D 191 -5.24 13.68 -19.76
CA HIS D 191 -6.61 13.63 -19.22
C HIS D 191 -7.67 13.63 -20.31
N THR D 192 -7.35 14.09 -21.53
CA THR D 192 -8.28 14.05 -22.65
C THR D 192 -8.01 12.77 -23.44
N ALA D 193 -8.96 11.83 -23.38
CA ALA D 193 -8.67 10.47 -23.85
C ALA D 193 -8.30 10.43 -25.32
N LYS D 194 -9.00 11.22 -26.16
CA LYS D 194 -8.71 11.26 -27.58
C LYS D 194 -7.90 12.51 -27.97
N GLY D 195 -7.09 13.03 -27.05
CA GLY D 195 -6.39 14.28 -27.31
C GLY D 195 -5.35 14.15 -28.41
N GLU D 196 -4.54 13.09 -28.36
CA GLU D 196 -3.57 12.83 -29.42
C GLU D 196 -4.26 12.68 -30.78
N GLU D 197 -5.37 11.94 -30.80
CA GLU D 197 -6.08 11.68 -32.05
C GLU D 197 -6.67 12.98 -32.63
N LEU D 198 -7.16 13.85 -31.75
CA LEU D 198 -7.68 15.14 -32.21
C LEU D 198 -6.57 15.99 -32.82
N LEU D 199 -5.44 16.08 -32.13
CA LEU D 199 -4.31 16.83 -32.66
C LEU D 199 -3.76 16.19 -33.92
N SER D 200 -3.81 14.85 -34.01
CA SER D 200 -3.38 14.20 -35.24
C SER D 200 -4.27 14.58 -36.42
N ASN D 201 -5.58 14.65 -36.18
CA ASN D 201 -6.49 15.09 -37.24
C ASN D 201 -6.19 16.52 -37.66
N PHE D 202 -5.74 17.37 -36.74
CA PHE D 202 -5.48 18.76 -37.11
C PHE D 202 -4.24 18.87 -37.98
N VAL D 203 -3.13 18.24 -37.57
CA VAL D 203 -1.88 18.43 -38.30
C VAL D 203 -1.87 17.64 -39.61
N HIS D 204 -2.52 16.48 -39.65
CA HIS D 204 -2.46 15.63 -40.84
C HIS D 204 -3.62 15.90 -41.80
N LYS D 205 -4.85 15.65 -41.36
CA LYS D 205 -5.99 15.83 -42.23
C LYS D 205 -6.24 17.30 -42.54
N ILE D 206 -6.30 18.14 -41.49
CA ILE D 206 -6.67 19.54 -41.69
C ILE D 206 -5.50 20.34 -42.26
N CYS D 207 -4.29 20.15 -41.73
CA CYS D 207 -3.16 20.95 -42.19
C CYS D 207 -2.34 20.29 -43.30
N GLY D 208 -2.57 19.02 -43.60
CA GLY D 208 -1.91 18.39 -44.74
C GLY D 208 -0.47 17.99 -44.51
N CYS D 209 -0.02 17.90 -43.25
CA CYS D 209 1.37 17.57 -42.98
C CYS D 209 1.59 16.06 -43.03
N GLY D 210 2.80 15.69 -43.45
CA GLY D 210 3.20 14.29 -43.48
C GLY D 210 3.73 13.82 -42.15
N GLY D 211 4.56 12.77 -42.19
CA GLY D 211 5.11 12.21 -40.98
C GLY D 211 6.60 11.92 -41.03
N LEU D 212 7.39 12.83 -41.58
CA LEU D 212 8.83 12.58 -41.73
C LEU D 212 9.63 12.87 -40.46
N TRP D 213 9.07 13.59 -39.49
CA TRP D 213 9.84 13.95 -38.29
C TRP D 213 9.85 12.75 -37.35
N THR D 214 10.75 11.81 -37.64
CA THR D 214 10.88 10.55 -36.92
C THR D 214 12.34 10.34 -36.54
N PRO D 215 12.61 9.52 -35.51
CA PRO D 215 13.99 9.32 -35.08
C PRO D 215 14.95 8.91 -36.20
N GLU D 216 14.54 8.01 -37.08
CA GLU D 216 15.46 7.56 -38.12
C GLU D 216 15.83 8.71 -39.06
N HIS D 217 14.88 9.59 -39.37
CA HIS D 217 15.15 10.71 -40.27
C HIS D 217 15.89 11.85 -39.56
N ILE D 218 15.57 12.07 -38.29
CA ILE D 218 16.24 13.11 -37.51
C ILE D 218 17.73 12.81 -37.39
N ILE D 219 18.07 11.54 -37.20
CA ILE D 219 19.49 11.17 -37.11
C ILE D 219 20.20 11.51 -38.41
N ASP D 220 19.60 11.14 -39.55
CA ASP D 220 20.19 11.49 -40.86
C ASP D 220 20.39 12.99 -40.97
N LEU D 221 19.35 13.76 -40.67
CA LEU D 221 19.43 15.21 -40.78
C LEU D 221 20.55 15.75 -39.90
N ARG D 222 20.56 15.33 -38.64
CA ARG D 222 21.45 15.96 -37.67
C ARG D 222 22.91 15.56 -37.90
N VAL D 223 23.15 14.31 -38.30
CA VAL D 223 24.51 13.92 -38.65
C VAL D 223 25.02 14.76 -39.82
N GLU D 224 24.18 14.96 -40.83
CA GLU D 224 24.59 15.76 -41.98
C GLU D 224 24.80 17.22 -41.59
N GLN D 225 23.92 17.78 -40.77
CA GLN D 225 24.10 19.16 -40.35
C GLN D 225 25.35 19.32 -39.51
N LEU D 226 25.64 18.35 -38.64
CA LEU D 226 26.88 18.40 -37.87
C LEU D 226 28.10 18.36 -38.78
N ARG D 227 28.10 17.46 -39.77
CA ARG D 227 29.22 17.39 -40.70
C ARG D 227 29.38 18.70 -41.45
N GLU D 228 28.27 19.33 -41.82
CA GLU D 228 28.34 20.61 -42.53
C GLU D 228 28.92 21.70 -41.65
N GLN D 229 28.55 21.73 -40.36
CA GLN D 229 29.01 22.79 -39.47
C GLN D 229 30.49 22.60 -39.11
N ILE D 230 30.88 21.37 -38.81
CA ILE D 230 32.18 21.09 -38.21
C ILE D 230 33.25 20.84 -39.28
N GLY D 231 32.89 20.20 -40.38
CA GLY D 231 33.88 19.90 -41.39
C GLY D 231 34.98 19.02 -40.83
N ASN D 232 36.22 19.47 -41.01
CA ASN D 232 37.39 18.78 -40.50
C ASN D 232 37.84 19.28 -39.13
N GLU D 233 37.05 20.12 -38.47
CA GLU D 233 37.49 20.75 -37.24
C GLU D 233 37.24 19.86 -36.02
N LYS D 234 37.90 20.19 -34.92
CA LYS D 234 37.81 19.40 -33.70
C LYS D 234 36.73 19.97 -32.78
N VAL D 235 36.11 19.07 -32.01
CA VAL D 235 35.01 19.41 -31.11
C VAL D 235 35.32 18.85 -29.72
N LEU D 236 35.16 19.69 -28.70
CA LEU D 236 35.31 19.30 -27.31
C LEU D 236 33.94 19.17 -26.66
N LEU D 237 33.75 18.10 -25.88
CA LEU D 237 32.48 17.86 -25.19
C LEU D 237 32.72 17.55 -23.72
N GLY D 238 32.05 18.29 -22.85
CA GLY D 238 31.99 17.95 -21.44
C GLY D 238 31.06 16.77 -21.28
N LEU D 239 31.62 15.63 -20.86
CA LEU D 239 30.87 14.38 -20.79
C LEU D 239 30.59 14.07 -19.34
N SER D 240 29.31 14.02 -18.98
CA SER D 240 28.91 13.65 -17.62
C SER D 240 28.37 12.23 -17.53
N GLY D 241 27.80 11.70 -18.60
CA GLY D 241 27.12 10.42 -18.54
C GLY D 241 25.62 10.53 -18.38
N GLY D 242 25.08 11.73 -18.15
CA GLY D 242 23.65 11.94 -18.27
C GLY D 242 23.18 11.70 -19.70
N VAL D 243 21.84 11.68 -19.85
CA VAL D 243 21.25 11.27 -21.13
C VAL D 243 21.65 12.22 -22.24
N ASP D 244 21.52 13.53 -22.02
CA ASP D 244 21.75 14.49 -23.09
C ASP D 244 23.19 14.45 -23.57
N SER D 245 24.15 14.46 -22.64
CA SER D 245 25.55 14.44 -23.06
C SER D 245 25.93 13.11 -23.69
N SER D 246 25.31 12.03 -23.24
CA SER D 246 25.55 10.71 -23.84
C SER D 246 25.10 10.69 -25.30
N VAL D 247 23.89 11.20 -25.58
CA VAL D 247 23.41 11.21 -26.96
C VAL D 247 24.22 12.18 -27.81
N VAL D 248 24.66 13.31 -27.23
CA VAL D 248 25.50 14.22 -27.98
C VAL D 248 26.82 13.52 -28.36
N ALA D 249 27.43 12.84 -27.39
CA ALA D 249 28.66 12.11 -27.66
C ALA D 249 28.47 11.07 -28.74
N ALA D 250 27.36 10.34 -28.70
CA ALA D 250 27.12 9.32 -29.71
C ALA D 250 26.87 9.94 -31.08
N LEU D 251 26.13 11.05 -31.10
CA LEU D 251 25.87 11.74 -32.37
C LEU D 251 27.16 12.26 -32.98
N LEU D 252 27.98 12.92 -32.17
CA LEU D 252 29.24 13.48 -32.68
C LEU D 252 30.21 12.38 -33.09
N HIS D 253 30.26 11.29 -32.32
CA HIS D 253 31.12 10.16 -32.70
C HIS D 253 30.71 9.62 -34.07
N LYS D 254 29.41 9.47 -34.30
CA LYS D 254 28.92 9.02 -35.60
C LYS D 254 29.25 10.04 -36.69
N ALA D 255 29.12 11.33 -36.37
CA ALA D 255 29.27 12.37 -37.40
C ALA D 255 30.73 12.60 -37.74
N ILE D 256 31.59 12.79 -36.74
CA ILE D 256 32.94 13.27 -37.01
C ILE D 256 34.02 12.36 -36.45
N GLY D 257 33.64 11.21 -35.91
CA GLY D 257 34.66 10.24 -35.49
C GLY D 257 35.66 10.82 -34.51
N ASP D 258 36.95 10.61 -34.78
CA ASP D 258 37.98 10.97 -33.82
C ASP D 258 38.32 12.46 -33.82
N GLN D 259 37.55 13.29 -34.53
CA GLN D 259 37.63 14.72 -34.32
C GLN D 259 37.01 15.15 -33.00
N LEU D 260 36.29 14.25 -32.34
CA LEU D 260 35.67 14.52 -31.05
C LEU D 260 36.64 14.20 -29.92
N THR D 261 36.71 15.09 -28.94
CA THR D 261 37.39 14.82 -27.68
C THR D 261 36.44 15.14 -26.53
N CYS D 262 36.32 14.22 -25.59
CA CYS D 262 35.49 14.39 -24.40
C CYS D 262 36.38 14.60 -23.18
N VAL D 263 35.90 15.44 -22.26
CA VAL D 263 36.53 15.63 -20.96
C VAL D 263 35.50 15.27 -19.91
N PHE D 264 35.85 14.32 -19.04
CA PHE D 264 35.01 13.93 -17.93
C PHE D 264 35.71 14.33 -16.62
N VAL D 265 34.98 15.02 -15.76
CA VAL D 265 35.50 15.51 -14.48
C VAL D 265 34.85 14.72 -13.36
N ASP D 266 35.66 14.03 -12.56
CA ASP D 266 35.16 13.43 -11.32
C ASP D 266 35.33 14.47 -10.22
N ASN D 267 34.22 15.03 -9.76
CA ASN D 267 34.25 16.09 -8.77
C ASN D 267 34.20 15.57 -7.34
N GLY D 268 34.39 14.26 -7.14
CA GLY D 268 34.24 13.67 -5.83
C GLY D 268 32.81 13.55 -5.34
N LEU D 269 31.84 14.05 -6.11
CA LEU D 269 30.45 14.08 -5.71
C LEU D 269 29.57 13.18 -6.56
N LEU D 270 30.17 12.15 -7.17
CA LEU D 270 29.43 11.23 -8.02
C LEU D 270 29.09 9.96 -7.24
N ARG D 271 28.29 9.11 -7.87
CA ARG D 271 27.87 7.87 -7.22
C ARG D 271 28.99 6.83 -7.30
N LEU D 272 28.77 5.69 -6.66
CA LEU D 272 29.79 4.64 -6.57
C LEU D 272 30.27 4.22 -7.96
N ASN D 273 31.58 4.31 -8.18
CA ASN D 273 32.23 3.90 -9.44
C ASN D 273 31.70 4.63 -10.67
N GLU D 274 31.08 5.81 -10.51
CA GLU D 274 30.48 6.47 -11.66
C GLU D 274 31.53 6.84 -12.70
N GLY D 275 32.69 7.33 -12.24
CA GLY D 275 33.75 7.67 -13.18
C GLY D 275 34.24 6.47 -13.97
N ASP D 276 34.48 5.36 -13.27
CA ASP D 276 34.88 4.14 -13.97
C ASP D 276 33.83 3.73 -14.99
N GLN D 277 32.55 3.95 -14.68
CA GLN D 277 31.48 3.55 -15.58
C GLN D 277 31.44 4.44 -16.82
N VAL D 278 31.69 5.74 -16.66
CA VAL D 278 31.76 6.64 -17.82
C VAL D 278 32.88 6.21 -18.75
N MET D 279 34.06 5.93 -18.19
CA MET D 279 35.18 5.50 -19.02
C MET D 279 34.89 4.18 -19.70
N GLN D 280 34.34 3.22 -18.96
CA GLN D 280 34.01 1.92 -19.53
C GLN D 280 33.12 2.05 -20.75
N MET D 281 32.03 2.80 -20.63
CA MET D 281 31.08 2.88 -21.73
C MET D 281 31.62 3.72 -22.88
N PHE D 282 32.08 4.94 -22.60
CA PHE D 282 32.39 5.83 -23.71
C PHE D 282 33.79 5.61 -24.28
N ALA D 283 34.79 5.43 -23.43
CA ALA D 283 36.15 5.23 -23.92
C ALA D 283 36.35 3.80 -24.40
N GLU D 284 35.99 2.82 -23.59
CA GLU D 284 36.27 1.43 -23.93
C GLU D 284 35.25 0.87 -24.91
N ASN D 285 33.96 0.87 -24.53
CA ASN D 285 32.95 0.26 -25.38
C ASN D 285 32.78 1.02 -26.69
N MET D 286 32.63 2.33 -26.63
CA MET D 286 32.31 3.13 -27.81
C MET D 286 33.54 3.68 -28.53
N GLY D 287 34.73 3.56 -27.94
CA GLY D 287 35.93 4.01 -28.62
C GLY D 287 36.09 5.50 -28.76
N ILE D 288 35.51 6.29 -27.84
CA ILE D 288 35.62 7.75 -27.89
C ILE D 288 36.80 8.19 -27.04
N ARG D 289 37.53 9.21 -27.51
CA ARG D 289 38.60 9.80 -26.73
C ARG D 289 38.03 10.55 -25.53
N VAL D 290 38.33 10.09 -24.31
CA VAL D 290 37.78 10.69 -23.10
C VAL D 290 38.94 10.99 -22.14
N ILE D 291 39.11 12.27 -21.81
CA ILE D 291 40.09 12.68 -20.81
C ILE D 291 39.40 12.71 -19.46
N ARG D 292 39.99 12.02 -18.48
CA ARG D 292 39.41 11.91 -17.15
C ARG D 292 40.20 12.78 -16.18
N ALA D 293 39.53 13.76 -15.58
CA ALA D 293 40.13 14.62 -14.57
C ALA D 293 39.59 14.20 -13.20
N ASP D 294 40.45 13.68 -12.34
CA ASP D 294 40.06 13.25 -11.01
C ASP D 294 40.29 14.40 -10.04
N ALA D 295 39.21 15.05 -9.62
CA ALA D 295 39.29 16.30 -8.88
C ALA D 295 38.61 16.23 -7.52
N GLU D 296 38.45 15.01 -6.98
CA GLU D 296 37.78 14.85 -5.68
C GLU D 296 38.39 15.77 -4.62
N ALA D 297 39.71 15.69 -4.44
CA ALA D 297 40.34 16.43 -3.34
C ALA D 297 40.17 17.94 -3.50
N ARG D 298 40.22 18.43 -4.74
CA ARG D 298 40.05 19.85 -5.00
C ARG D 298 38.65 20.31 -4.60
N PHE D 299 37.63 19.53 -4.94
CA PHE D 299 36.26 19.91 -4.60
C PHE D 299 36.01 19.81 -3.09
N LEU D 300 36.51 18.75 -2.45
CA LEU D 300 36.31 18.60 -1.02
C LEU D 300 37.02 19.72 -0.25
N ASN D 301 38.17 20.18 -0.75
CA ASN D 301 38.86 21.30 -0.13
CA ASN D 301 38.86 21.30 -0.13
C ASN D 301 38.06 22.59 -0.29
N ALA D 302 37.58 22.85 -1.51
CA ALA D 302 36.76 24.04 -1.74
C ALA D 302 35.49 24.03 -0.90
N LEU D 303 34.98 22.84 -0.55
CA LEU D 303 33.76 22.73 0.24
C LEU D 303 33.99 22.62 1.73
N ALA D 304 35.24 22.49 2.18
CA ALA D 304 35.51 22.27 3.59
C ALA D 304 34.91 23.40 4.43
N GLY D 305 34.11 23.01 5.43
CA GLY D 305 33.52 23.98 6.33
C GLY D 305 32.34 24.73 5.78
N VAL D 306 31.90 24.46 4.56
CA VAL D 306 30.78 25.20 3.97
C VAL D 306 29.48 24.47 4.30
N THR D 307 28.60 25.14 5.05
CA THR D 307 27.34 24.52 5.44
C THR D 307 26.13 25.07 4.69
N ASP D 308 26.21 26.29 4.18
CA ASP D 308 25.06 26.88 3.50
C ASP D 308 24.86 26.21 2.13
N PRO D 309 23.65 25.74 1.83
CA PRO D 309 23.45 25.02 0.55
C PRO D 309 23.66 25.88 -0.67
N GLU D 310 23.18 27.13 -0.67
CA GLU D 310 23.42 28.00 -1.82
C GLU D 310 24.91 28.22 -2.04
N ALA D 311 25.66 28.42 -0.96
CA ALA D 311 27.11 28.57 -1.09
C ALA D 311 27.75 27.29 -1.61
N LYS D 312 27.26 26.13 -1.17
CA LYS D 312 27.77 24.87 -1.69
C LYS D 312 27.54 24.77 -3.20
N ARG D 313 26.35 25.12 -3.67
CA ARG D 313 26.04 25.04 -5.10
C ARG D 313 26.92 25.99 -5.90
N LYS D 314 27.14 27.20 -5.38
CA LYS D 314 27.99 28.18 -6.07
C LYS D 314 29.42 27.67 -6.19
N ILE D 315 29.96 27.14 -5.10
CA ILE D 315 31.35 26.67 -5.09
C ILE D 315 31.53 25.51 -6.07
N ILE D 316 30.60 24.56 -6.08
CA ILE D 316 30.73 23.39 -6.93
C ILE D 316 30.66 23.78 -8.41
N GLY D 317 29.71 24.63 -8.77
CA GLY D 317 29.63 25.09 -10.14
C GLY D 317 30.88 25.82 -10.57
N ARG D 318 31.45 26.61 -9.66
CA ARG D 318 32.63 27.40 -9.99
C ARG D 318 33.86 26.51 -10.18
N GLU D 319 34.09 25.58 -9.25
CA GLU D 319 35.27 24.71 -9.36
C GLU D 319 35.18 23.84 -10.61
N PHE D 320 33.98 23.37 -10.94
CA PHE D 320 33.80 22.52 -12.11
C PHE D 320 34.19 23.26 -13.39
N ILE D 321 33.76 24.53 -13.51
CA ILE D 321 34.12 25.32 -14.68
C ILE D 321 35.62 25.53 -14.75
N GLU D 322 36.26 25.76 -13.59
CA GLU D 322 37.71 25.96 -13.58
C GLU D 322 38.44 24.71 -14.00
N VAL D 323 38.02 23.55 -13.48
CA VAL D 323 38.67 22.30 -13.85
C VAL D 323 38.49 22.01 -15.32
N PHE D 324 37.28 22.23 -15.84
CA PHE D 324 37.02 22.00 -17.26
C PHE D 324 37.88 22.93 -18.11
N ALA D 325 37.95 24.21 -17.74
CA ALA D 325 38.77 25.15 -18.50
C ALA D 325 40.24 24.75 -18.49
N GLU D 326 40.73 24.26 -17.35
CA GLU D 326 42.11 23.77 -17.29
C GLU D 326 42.33 22.66 -18.29
N GLU D 327 41.40 21.70 -18.37
CA GLU D 327 41.56 20.60 -19.32
C GLU D 327 41.42 21.08 -20.75
N ALA D 328 40.52 22.03 -21.00
CA ALA D 328 40.33 22.55 -22.35
C ALA D 328 41.58 23.26 -22.86
N ARG D 329 42.30 23.95 -21.96
CA ARG D 329 43.52 24.64 -22.35
C ARG D 329 44.63 23.70 -22.79
N LYS D 330 44.61 22.44 -22.37
CA LYS D 330 45.66 21.52 -22.81
C LYS D 330 45.46 21.06 -24.24
N LEU D 331 44.28 21.31 -24.82
CA LEU D 331 43.98 20.89 -26.18
C LEU D 331 44.41 21.96 -27.16
N ASP D 332 44.83 21.53 -28.36
CA ASP D 332 45.37 22.43 -29.38
CA ASP D 332 45.37 22.44 -29.37
C ASP D 332 44.43 22.51 -30.56
N GLY D 333 44.09 23.73 -30.96
CA GLY D 333 43.30 23.93 -32.17
C GLY D 333 41.92 23.31 -32.18
N VAL D 334 41.21 23.45 -31.07
CA VAL D 334 39.82 22.97 -30.97
C VAL D 334 38.91 24.17 -31.20
N LYS D 335 38.19 24.15 -32.32
CA LYS D 335 37.34 25.27 -32.68
C LYS D 335 35.99 25.24 -31.97
N PHE D 336 35.46 24.07 -31.65
CA PHE D 336 34.05 23.94 -31.25
C PHE D 336 33.92 23.37 -29.84
N LEU D 337 32.94 23.88 -29.10
CA LEU D 337 32.50 23.31 -27.83
C LEU D 337 31.08 22.79 -28.02
N ALA D 338 30.90 21.49 -27.82
CA ALA D 338 29.57 20.89 -27.88
C ALA D 338 28.93 20.92 -26.50
N GLN D 339 27.60 21.09 -26.48
CA GLN D 339 26.81 21.10 -25.25
C GLN D 339 25.49 20.37 -25.49
N GLY D 340 24.88 19.93 -24.40
CA GLY D 340 23.67 19.14 -24.50
C GLY D 340 22.38 19.92 -24.38
N THR D 341 22.41 21.20 -24.78
CA THR D 341 21.22 22.04 -24.78
C THR D 341 20.06 21.38 -25.51
N ILE D 342 18.90 21.33 -24.87
CA ILE D 342 17.69 20.79 -25.48
C ILE D 342 16.70 21.93 -25.72
N TYR D 343 15.64 21.64 -26.47
CA TYR D 343 14.70 22.69 -26.84
C TYR D 343 14.03 23.35 -25.64
N PRO D 344 13.64 22.65 -24.57
CA PRO D 344 13.16 23.36 -23.37
C PRO D 344 14.12 24.41 -22.83
N ASP D 345 15.44 24.15 -22.87
CA ASP D 345 16.40 25.17 -22.45
C ASP D 345 16.28 26.42 -23.32
N VAL D 346 16.08 26.24 -24.62
CA VAL D 346 15.99 27.38 -25.55
C VAL D 346 14.65 28.09 -25.42
N ILE D 347 13.58 27.35 -25.15
CA ILE D 347 12.28 27.97 -24.93
C ILE D 347 12.31 28.82 -23.66
N GLU D 348 12.94 28.32 -22.60
CA GLU D 348 12.98 29.03 -21.32
C GLU D 348 13.87 30.26 -21.36
N SER D 349 14.87 30.30 -22.24
CA SER D 349 15.76 31.46 -22.29
C SER D 349 15.08 32.67 -22.93
N ALA D 350 14.22 32.45 -23.92
CA ALA D 350 13.53 33.54 -24.60
C ALA D 350 12.22 33.93 -23.93
N ALA D 351 11.95 33.41 -22.73
CA ALA D 351 10.70 33.71 -22.04
C ALA D 351 10.78 35.04 -21.30
N ASN D 365 30.23 34.36 -21.73
CA ASN D 365 31.11 33.65 -22.65
C ASN D 365 30.54 32.26 -22.98
N VAL D 366 30.95 31.73 -24.13
CA VAL D 366 30.46 30.42 -24.57
C VAL D 366 30.85 29.36 -23.56
N GLY D 367 29.86 28.59 -23.10
CA GLY D 367 30.10 27.57 -22.08
C GLY D 367 30.34 28.10 -20.69
N GLY D 368 30.16 29.41 -20.47
CA GLY D 368 30.49 30.00 -19.18
C GLY D 368 31.95 29.90 -18.81
N LEU D 369 32.82 29.67 -19.79
CA LEU D 369 34.24 29.48 -19.57
C LEU D 369 34.96 30.82 -19.46
N PRO D 370 36.16 30.82 -18.88
CA PRO D 370 36.96 32.05 -18.86
C PRO D 370 37.22 32.57 -20.27
N ASP D 371 37.60 33.86 -20.34
CA ASP D 371 37.68 34.54 -21.63
C ASP D 371 38.86 34.10 -22.47
N ASP D 372 39.89 33.49 -21.87
CA ASP D 372 41.00 32.99 -22.66
C ASP D 372 40.59 31.85 -23.58
N LEU D 373 39.42 31.26 -23.35
CA LEU D 373 38.88 30.20 -24.20
C LEU D 373 37.77 30.78 -25.06
N ALA D 374 37.82 30.48 -26.36
CA ALA D 374 36.92 31.09 -27.34
C ALA D 374 36.44 29.98 -28.28
N PHE D 375 35.35 29.32 -27.90
CA PHE D 375 34.77 28.25 -28.70
C PHE D 375 33.53 28.74 -29.44
N GLU D 376 33.27 28.13 -30.58
CA GLU D 376 31.96 28.21 -31.22
C GLU D 376 31.09 27.06 -30.74
N LEU D 377 29.79 27.30 -30.65
CA LEU D 377 28.88 26.36 -30.00
C LEU D 377 28.35 25.32 -30.98
N VAL D 378 28.35 24.05 -30.57
CA VAL D 378 27.70 22.95 -31.28
C VAL D 378 26.65 22.36 -30.35
N GLU D 379 25.38 22.42 -30.76
CA GLU D 379 24.27 22.02 -29.91
C GLU D 379 23.33 21.13 -30.70
N PRO D 380 23.65 19.84 -30.83
CA PRO D 380 22.87 18.97 -31.72
C PRO D 380 21.48 18.63 -31.20
N LEU D 381 21.17 18.91 -29.94
CA LEU D 381 19.86 18.60 -29.40
C LEU D 381 18.98 19.82 -29.21
N ARG D 382 19.44 21.01 -29.62
CA ARG D 382 18.80 22.24 -29.19
C ARG D 382 17.39 22.40 -29.72
N ASP D 383 17.00 21.64 -30.75
CA ASP D 383 15.64 21.68 -31.28
C ASP D 383 14.83 20.43 -30.90
N LEU D 384 15.26 19.67 -29.91
CA LEU D 384 14.62 18.41 -29.53
C LEU D 384 14.07 18.48 -28.11
N PHE D 385 12.91 17.88 -27.91
CA PHE D 385 12.40 17.69 -26.57
C PHE D 385 13.04 16.46 -25.94
N LYS D 386 12.84 16.30 -24.62
CA LYS D 386 13.51 15.25 -23.86
C LYS D 386 13.20 13.85 -24.40
N ASP D 387 11.93 13.58 -24.72
CA ASP D 387 11.59 12.25 -25.21
CA ASP D 387 11.58 12.26 -25.21
C ASP D 387 12.21 12.00 -26.58
N GLU D 388 12.34 13.03 -27.40
CA GLU D 388 13.00 12.86 -28.69
C GLU D 388 14.48 12.55 -28.53
N VAL D 389 15.13 13.17 -27.54
CA VAL D 389 16.53 12.85 -27.26
C VAL D 389 16.67 11.36 -26.94
N ARG D 390 15.80 10.86 -26.05
CA ARG D 390 15.82 9.45 -25.69
CA ARG D 390 15.84 9.45 -25.70
C ARG D 390 15.59 8.56 -26.91
N LYS D 391 14.59 8.89 -27.73
CA LYS D 391 14.33 8.08 -28.91
C LYS D 391 15.52 8.07 -29.85
N LEU D 392 16.19 9.23 -29.99
CA LEU D 392 17.40 9.31 -30.80
C LEU D 392 18.47 8.38 -30.26
N GLY D 393 18.69 8.40 -28.95
CA GLY D 393 19.73 7.56 -28.36
C GLY D 393 19.43 6.08 -28.53
N THR D 394 18.16 5.70 -28.36
CA THR D 394 17.75 4.32 -28.58
C THR D 394 18.00 3.91 -30.04
N THR D 395 17.64 4.78 -30.98
CA THR D 395 17.88 4.50 -32.40
C THR D 395 19.36 4.27 -32.67
N LEU D 396 20.23 5.05 -32.04
CA LEU D 396 21.67 4.90 -32.22
C LEU D 396 22.20 3.64 -31.56
N GLY D 397 21.42 2.98 -30.72
CA GLY D 397 21.84 1.77 -30.04
C GLY D 397 22.30 1.96 -28.61
N LEU D 398 22.11 3.13 -28.04
CA LEU D 398 22.51 3.34 -26.66
C LEU D 398 21.63 2.49 -25.75
N PRO D 399 22.20 1.90 -24.69
CA PRO D 399 21.44 0.91 -23.92
C PRO D 399 20.37 1.57 -23.06
N HIS D 400 19.37 0.75 -22.72
CA HIS D 400 18.25 1.20 -21.89
C HIS D 400 18.73 1.88 -20.62
N SER D 401 19.70 1.30 -19.92
CA SER D 401 20.13 1.84 -18.64
C SER D 401 20.68 3.25 -18.76
N MET D 402 21.32 3.56 -19.90
CA MET D 402 21.84 4.89 -20.11
C MET D 402 20.75 5.87 -20.50
N ILE D 403 19.84 5.45 -21.37
CA ILE D 403 18.85 6.36 -21.94
C ILE D 403 17.75 6.70 -20.93
N TYR D 404 17.38 5.74 -20.07
CA TYR D 404 16.27 5.96 -19.17
C TYR D 404 16.71 6.24 -17.74
N ARG D 405 17.97 6.64 -17.56
CA ARG D 405 18.46 6.98 -16.23
C ARG D 405 17.76 8.24 -15.71
N HIS D 406 17.48 8.26 -14.41
CA HIS D 406 16.96 9.46 -13.79
C HIS D 406 17.98 10.59 -13.90
N PRO D 407 17.52 11.84 -13.93
CA PRO D 407 18.46 12.96 -13.90
C PRO D 407 19.26 13.00 -12.61
N PHE D 408 20.45 13.58 -12.69
CA PHE D 408 21.38 13.71 -11.58
C PHE D 408 21.78 15.18 -11.53
N PRO D 409 21.66 15.83 -10.38
CA PRO D 409 21.91 17.28 -10.35
C PRO D 409 23.35 17.62 -10.67
N GLY D 410 23.55 18.83 -11.20
CA GLY D 410 24.87 19.38 -11.40
C GLY D 410 25.77 19.22 -10.18
N PRO D 411 25.33 19.69 -9.01
CA PRO D 411 26.15 19.55 -7.80
C PRO D 411 26.25 18.12 -7.26
N GLY D 412 25.58 17.15 -7.87
CA GLY D 412 25.78 15.75 -7.48
C GLY D 412 25.39 15.51 -6.04
N LEU D 413 26.17 14.64 -5.37
CA LEU D 413 25.94 14.38 -3.97
C LEU D 413 26.17 15.61 -3.09
N GLY D 414 26.78 16.66 -3.63
CA GLY D 414 26.95 17.90 -2.90
C GLY D 414 25.66 18.48 -2.36
N VAL D 415 24.52 18.18 -2.98
CA VAL D 415 23.22 18.66 -2.49
C VAL D 415 22.42 17.53 -1.87
N ARG D 416 23.04 16.37 -1.64
CA ARG D 416 22.40 15.24 -0.98
C ARG D 416 23.12 14.86 0.31
N ILE D 417 24.08 15.67 0.73
CA ILE D 417 24.73 15.55 2.02
C ILE D 417 24.42 16.86 2.73
N LEU D 418 23.55 16.80 3.74
CA LEU D 418 23.02 18.01 4.35
C LEU D 418 24.10 18.73 5.15
N GLY D 419 24.24 20.02 4.91
CA GLY D 419 25.30 20.78 5.56
C GLY D 419 26.66 20.49 4.97
N GLU D 420 27.67 20.38 5.84
CA GLU D 420 29.04 20.26 5.40
C GLU D 420 29.28 18.94 4.67
N VAL D 421 29.89 19.00 3.49
CA VAL D 421 30.28 17.81 2.74
C VAL D 421 31.65 17.36 3.24
N LYS D 422 31.73 16.11 3.69
CA LYS D 422 32.99 15.48 4.09
C LYS D 422 33.16 14.20 3.28
N LYS D 423 34.41 13.85 2.98
CA LYS D 423 34.68 12.61 2.25
C LYS D 423 34.05 11.41 2.95
N GLU D 424 34.13 11.38 4.28
CA GLU D 424 33.56 10.27 5.04
C GLU D 424 32.07 10.13 4.76
N TYR D 425 31.37 11.26 4.65
CA TYR D 425 29.92 11.23 4.42
C TYR D 425 29.61 10.80 3.00
N ALA D 426 30.35 11.33 2.03
CA ALA D 426 30.10 10.96 0.64
C ALA D 426 30.34 9.47 0.42
N ASP D 427 31.40 8.92 1.02
CA ASP D 427 31.69 7.50 0.86
C ASP D 427 30.54 6.64 1.40
N ILE D 428 30.02 6.97 2.58
CA ILE D 428 28.90 6.22 3.14
C ILE D 428 27.67 6.36 2.25
N LEU D 429 27.38 7.59 1.82
CA LEU D 429 26.21 7.81 0.98
C LEU D 429 26.31 7.01 -0.32
N ARG D 430 27.51 6.92 -0.91
CA ARG D 430 27.65 6.16 -2.15
C ARG D 430 27.25 4.69 -1.94
N LEU D 431 27.65 4.11 -0.81
CA LEU D 431 27.26 2.73 -0.52
C LEU D 431 25.74 2.61 -0.36
N ALA D 432 25.14 3.52 0.41
CA ALA D 432 23.72 3.43 0.67
C ALA D 432 22.91 3.69 -0.60
N ASP D 433 23.37 4.65 -1.42
CA ASP D 433 22.66 4.95 -2.65
C ASP D 433 22.75 3.77 -3.63
N ASP D 434 23.90 3.09 -3.66
CA ASP D 434 24.05 1.96 -4.57
C ASP D 434 23.14 0.80 -4.19
N ILE D 435 22.97 0.56 -2.89
CA ILE D 435 22.03 -0.47 -2.44
C ILE D 435 20.63 -0.13 -2.93
N PHE D 436 20.22 1.13 -2.73
CA PHE D 436 18.92 1.60 -3.18
C PHE D 436 18.75 1.37 -4.69
N MET D 437 19.75 1.76 -5.48
CA MET D 437 19.65 1.61 -6.92
C MET D 437 19.56 0.13 -7.31
N GLN D 438 20.37 -0.71 -6.68
CA GLN D 438 20.38 -2.14 -7.00
C GLN D 438 19.00 -2.74 -6.81
N GLU D 439 18.38 -2.46 -5.66
CA GLU D 439 17.08 -3.01 -5.35
C GLU D 439 15.99 -2.46 -6.26
N LEU D 440 16.04 -1.16 -6.57
CA LEU D 440 15.08 -0.62 -7.52
C LEU D 440 15.18 -1.29 -8.89
N ARG D 441 16.40 -1.51 -9.37
CA ARG D 441 16.56 -2.14 -10.68
C ARG D 441 16.19 -3.62 -10.63
N ASP D 442 16.64 -4.34 -9.61
CA ASP D 442 16.32 -5.77 -9.52
C ASP D 442 14.82 -6.01 -9.45
N SER D 443 14.09 -5.12 -8.78
CA SER D 443 12.66 -5.28 -8.58
C SER D 443 11.81 -4.70 -9.69
N GLY D 444 12.43 -4.01 -10.65
CA GLY D 444 11.67 -3.36 -11.69
C GLY D 444 11.05 -2.03 -11.30
N TRP D 445 11.32 -1.53 -10.10
CA TRP D 445 10.73 -0.26 -9.71
C TRP D 445 11.58 0.96 -10.07
N TYR D 446 12.82 0.77 -10.54
CA TYR D 446 13.59 1.92 -11.01
C TYR D 446 12.85 2.68 -12.10
N ASP D 447 12.44 1.97 -13.15
CA ASP D 447 11.71 2.62 -14.24
C ASP D 447 10.28 3.01 -13.85
N LYS D 448 9.79 2.59 -12.69
CA LYS D 448 8.47 3.01 -12.20
C LYS D 448 8.55 4.23 -11.29
N THR D 449 9.71 4.89 -11.22
CA THR D 449 9.84 6.18 -10.57
C THR D 449 10.51 7.14 -11.54
N ALA D 450 10.35 8.44 -11.28
CA ALA D 450 10.98 9.45 -12.13
C ALA D 450 12.33 9.91 -11.57
N GLN D 451 12.56 9.67 -10.28
CA GLN D 451 13.75 10.12 -9.59
C GLN D 451 13.85 9.36 -8.27
N ALA D 452 15.04 8.86 -7.95
CA ALA D 452 15.23 8.18 -6.67
C ALA D 452 16.69 8.31 -6.26
N PHE D 453 16.92 8.51 -4.97
CA PHE D 453 18.28 8.70 -4.48
C PHE D 453 18.27 8.67 -2.96
N ALA D 454 19.44 8.38 -2.41
CA ALA D 454 19.64 8.45 -0.97
C ALA D 454 20.19 9.82 -0.57
N VAL D 455 19.95 10.18 0.69
CA VAL D 455 20.38 11.45 1.27
C VAL D 455 21.10 11.16 2.57
N PHE D 456 22.23 11.81 2.79
CA PHE D 456 22.97 11.67 4.04
C PHE D 456 22.53 12.78 5.00
N GLN D 457 21.90 12.39 6.11
CA GLN D 457 21.59 13.32 7.20
C GLN D 457 22.66 13.19 8.28
N PRO D 458 23.35 14.26 8.64
CA PRO D 458 24.37 14.16 9.69
C PRO D 458 23.78 14.15 11.10
N VAL D 459 22.83 13.24 11.34
CA VAL D 459 22.31 12.99 12.67
C VAL D 459 22.39 11.49 12.93
N LYS D 460 22.35 11.12 14.21
CA LYS D 460 22.52 9.72 14.57
C LYS D 460 21.33 9.22 15.38
N SER D 461 21.14 7.91 15.35
CA SER D 461 20.15 7.23 16.18
C SER D 461 20.78 5.93 16.68
N VAL D 462 20.13 5.33 17.66
CA VAL D 462 20.65 4.12 18.27
C VAL D 462 20.19 2.91 17.46
N GLY D 463 21.01 1.87 17.47
CA GLY D 463 20.62 0.56 16.98
C GLY D 463 21.45 -0.49 17.69
N VAL D 464 21.04 -1.75 17.53
CA VAL D 464 21.76 -2.84 18.17
C VAL D 464 22.93 -3.32 17.33
N GLY D 468 26.00 -5.24 20.49
CA GLY D 468 25.84 -4.21 21.50
C GLY D 468 24.79 -3.18 21.15
N ARG D 469 24.98 -1.95 21.61
CA ARG D 469 24.12 -0.81 21.25
C ARG D 469 24.99 0.28 20.67
N ARG D 470 24.90 0.48 19.36
CA ARG D 470 25.70 1.45 18.64
C ARG D 470 24.83 2.60 18.14
N TYR D 471 25.51 3.61 17.60
CA TYR D 471 24.95 4.94 17.44
C TYR D 471 25.53 5.48 16.14
N ALA D 472 24.69 5.71 15.14
CA ALA D 472 25.20 5.89 13.79
C ALA D 472 24.23 6.72 12.96
N TRP D 473 24.66 7.04 11.74
CA TRP D 473 23.97 8.01 10.90
C TRP D 473 22.60 7.48 10.45
N VAL D 474 21.72 8.43 10.14
CA VAL D 474 20.37 8.11 9.67
C VAL D 474 20.30 8.50 8.18
N ILE D 475 20.06 7.51 7.32
CA ILE D 475 19.99 7.72 5.88
C ILE D 475 18.54 7.95 5.48
N ALA D 476 18.32 8.89 4.57
CA ALA D 476 16.99 9.14 4.02
C ALA D 476 16.94 8.70 2.56
N LEU D 477 15.81 8.09 2.18
CA LEU D 477 15.54 7.67 0.82
C LEU D 477 14.54 8.62 0.20
N ARG D 478 14.80 9.04 -1.04
CA ARG D 478 13.91 9.96 -1.76
C ARG D 478 13.54 9.30 -3.08
N ALA D 479 12.23 9.29 -3.39
CA ALA D 479 11.78 8.75 -4.66
C ALA D 479 10.44 9.41 -4.98
N VAL D 480 10.28 9.85 -6.23
CA VAL D 480 9.08 10.57 -6.63
C VAL D 480 8.54 10.03 -7.94
N GLU D 481 7.26 10.31 -8.16
CA GLU D 481 6.56 10.06 -9.41
C GLU D 481 6.14 11.41 -9.97
N THR D 482 6.46 11.64 -11.25
CA THR D 482 6.16 12.91 -11.89
C THR D 482 6.40 12.75 -13.39
N VAL D 483 5.82 13.68 -14.17
CA VAL D 483 6.04 13.73 -15.60
C VAL D 483 6.71 15.04 -15.98
N ASP D 484 6.44 16.10 -15.21
CA ASP D 484 6.95 17.43 -15.52
C ASP D 484 7.97 17.94 -14.49
N PHE D 485 8.08 17.30 -13.34
CA PHE D 485 8.90 17.72 -12.20
C PHE D 485 8.41 19.04 -11.60
N MET D 486 7.28 19.56 -12.06
CA MET D 486 6.67 20.76 -11.48
C MET D 486 5.73 20.41 -10.34
N THR D 487 5.02 19.29 -10.44
CA THR D 487 4.39 18.64 -9.29
C THR D 487 4.92 17.22 -9.23
N ALA D 488 5.12 16.71 -8.01
CA ALA D 488 5.65 15.37 -7.84
C ALA D 488 5.14 14.80 -6.53
N ARG D 489 4.78 13.51 -6.55
CA ARG D 489 4.30 12.82 -5.38
C ARG D 489 5.37 11.84 -4.92
N PHE D 490 5.48 11.65 -3.60
CA PHE D 490 6.42 10.64 -3.15
C PHE D 490 5.94 9.27 -3.63
N ALA D 491 6.90 8.41 -3.97
CA ALA D 491 6.62 7.23 -4.77
C ALA D 491 5.88 6.18 -3.97
N HIS D 492 4.95 5.49 -4.65
CA HIS D 492 4.19 4.37 -4.09
C HIS D 492 5.00 3.06 -4.15
N LEU D 493 6.17 3.07 -3.53
CA LEU D 493 6.96 1.85 -3.52
C LEU D 493 6.29 0.80 -2.65
N PRO D 494 6.32 -0.48 -3.04
CA PRO D 494 5.70 -1.50 -2.20
C PRO D 494 6.37 -1.57 -0.83
N TYR D 495 5.54 -1.86 0.19
CA TYR D 495 6.03 -1.96 1.56
C TYR D 495 7.21 -2.91 1.67
N GLU D 496 7.09 -4.11 1.10
CA GLU D 496 8.14 -5.10 1.30
C GLU D 496 9.42 -4.72 0.56
N LEU D 497 9.32 -3.99 -0.56
CA LEU D 497 10.52 -3.48 -1.21
C LEU D 497 11.25 -2.49 -0.32
N VAL D 498 10.53 -1.50 0.20
CA VAL D 498 11.15 -0.53 1.09
C VAL D 498 11.79 -1.23 2.29
N ASP D 499 11.07 -2.19 2.88
CA ASP D 499 11.62 -2.89 4.04
C ASP D 499 12.87 -3.65 3.66
N LYS D 500 12.89 -4.28 2.49
CA LYS D 500 14.10 -4.98 2.06
C LYS D 500 15.25 -4.00 1.88
N ILE D 501 14.98 -2.81 1.35
CA ILE D 501 16.05 -1.83 1.13
C ILE D 501 16.62 -1.35 2.45
N SER D 502 15.74 -0.97 3.40
CA SER D 502 16.23 -0.45 4.67
C SER D 502 16.99 -1.53 5.44
N THR D 503 16.47 -2.76 5.45
CA THR D 503 17.20 -3.85 6.11
C THR D 503 18.58 -4.05 5.51
N ARG D 504 18.67 -3.99 4.17
CA ARG D 504 19.96 -4.17 3.52
C ARG D 504 20.92 -3.04 3.86
N ILE D 505 20.43 -1.80 3.84
CA ILE D 505 21.31 -0.68 4.14
C ILE D 505 21.87 -0.80 5.55
N MET D 506 20.99 -1.09 6.52
CA MET D 506 21.43 -1.18 7.91
C MET D 506 22.36 -2.37 8.11
N ASN D 507 22.07 -3.48 7.44
CA ASN D 507 22.87 -4.69 7.67
C ASN D 507 24.23 -4.63 6.98
N GLU D 508 24.35 -3.88 5.89
CA GLU D 508 25.59 -3.89 5.12
C GLU D 508 26.48 -2.70 5.37
N ILE D 509 26.01 -1.67 6.07
CA ILE D 509 26.80 -0.46 6.32
C ILE D 509 26.83 -0.22 7.82
N LYS D 510 28.00 -0.45 8.45
CA LYS D 510 28.12 -0.33 9.90
C LYS D 510 27.81 1.08 10.38
N ASP D 511 28.08 2.08 9.54
CA ASP D 511 27.92 3.48 9.92
C ASP D 511 26.50 4.01 9.75
N VAL D 512 25.53 3.16 9.44
CA VAL D 512 24.15 3.59 9.25
C VAL D 512 23.28 2.87 10.28
N SER D 513 22.59 3.65 11.10
CA SER D 513 21.77 3.05 12.16
C SER D 513 20.33 2.80 11.71
N ARG D 514 19.85 3.57 10.74
CA ARG D 514 18.41 3.67 10.52
C ARG D 514 18.19 4.30 9.15
N VAL D 515 17.08 3.94 8.53
CA VAL D 515 16.69 4.45 7.22
C VAL D 515 15.29 5.02 7.32
N VAL D 516 15.10 6.22 6.76
CA VAL D 516 13.80 6.89 6.69
C VAL D 516 13.49 7.12 5.21
N TYR D 517 12.20 7.34 4.94
CA TYR D 517 11.71 7.56 3.59
C TYR D 517 11.04 8.92 3.51
N ASP D 518 11.44 9.72 2.53
CA ASP D 518 10.84 11.04 2.32
C ASP D 518 9.38 10.86 1.91
N VAL D 519 8.46 11.38 2.73
CA VAL D 519 7.03 11.22 2.42
C VAL D 519 6.44 12.58 2.16
N SER D 520 7.23 13.46 1.55
CA SER D 520 6.79 14.81 1.27
C SER D 520 6.66 14.99 -0.24
N SER D 521 5.50 15.45 -0.68
CA SER D 521 5.23 15.66 -2.09
C SER D 521 5.54 17.10 -2.48
N LYS D 522 5.72 17.31 -3.78
CA LYS D 522 5.95 18.64 -4.34
C LYS D 522 4.68 19.12 -5.03
N PRO D 523 4.09 20.26 -4.61
CA PRO D 523 4.48 21.07 -3.45
C PRO D 523 3.90 20.47 -2.18
N PRO D 524 4.31 20.96 -0.99
CA PRO D 524 5.17 22.10 -0.68
C PRO D 524 6.65 21.76 -0.54
N ALA D 525 7.02 20.50 -0.75
CA ALA D 525 8.42 20.12 -0.69
C ALA D 525 9.06 20.22 -2.08
N THR D 526 10.38 20.38 -2.09
CA THR D 526 11.15 20.24 -3.32
C THR D 526 11.61 18.79 -3.47
N ILE D 527 12.08 18.45 -4.67
CA ILE D 527 12.53 17.09 -4.91
C ILE D 527 13.87 16.84 -4.25
N GLU D 528 14.90 17.61 -4.63
CA GLU D 528 16.16 17.56 -3.92
C GLU D 528 16.03 18.29 -2.58
N TRP D 529 16.83 17.87 -1.60
CA TRP D 529 16.73 18.45 -0.26
C TRP D 529 17.46 19.78 -0.14
N GLU D 530 18.42 20.05 -1.03
CA GLU D 530 19.18 21.30 -1.01
C GLU D 530 19.30 21.85 -2.43
#